data_8C4V
#
_entry.id   8C4V
#
_cell.length_a   1.00
_cell.length_b   1.00
_cell.length_c   1.00
_cell.angle_alpha   90.00
_cell.angle_beta   90.00
_cell.angle_gamma   90.00
#
_symmetry.space_group_name_H-M   'P 1'
#
loop_
_entity.id
_entity.type
_entity.pdbx_description
1 polymer 'RNA-directed RNA polymerase L'
2 polymer "RNA (5'-R(P*AP*GP*GP*AP*GP*UP*AP*UP*CP*CP*AP*CP*CP*GP*CP*AP*AP*GP*A)-3')"
3 polymer "RNA (5'-R(P*AP*CP*UP*AP*CP*UP*A)-3')"
4 polymer "RNA (5'-R(P*AP*GP*UP*AP*GP*UP*AP*GP*A)-3')"
5 non-polymer 'MAGNESIUM ION'
#
loop_
_entity_poly.entity_id
_entity_poly.type
_entity_poly.pdbx_seq_one_letter_code
_entity_poly.pdbx_strand_id
1 'polypeptide(L)'
;MGHHHHHHDYDIPTTENLYFQGMDKYREIHNKLKEFSPGTLTAVECIDYLDRLYAVRHDIVDQMIKHDWSDNKDSEEAIG
KVLLFAGVPSNIITALEKKIIPNHPTGKSLKAFFKMTPANYKISGTTIEFVEVTVTADVDKGIREKKLKYEAGLTYIEQE
LHKFFLKGEIPQPYKITFNVVAVRTDGSNITTQWPSRRNDGVVQYMRLVQAEISYVREHLIKTEERAALEAMFNLKFNIS
THKSQPYYIPDYKGMEPIGANIEDLVDYSKDWLSRARNFSFFEVKGTAVFECFNSNEANHCQRYPMSRKPRNFLLIQCSL
ITSYKPATTLSDQIDSRRACSYILNLIPDTPASYLIHDMAYRYINLTREDMINYYAPRIQFKQTQNVREPGTFKLTSSML
RAESKAMLDLLNNHKSGEKHGAQIESLNIASHIVQSESVSLITKILSDLELNITEPSTQEYSTTKHTYVDTVLDKFFQNE
TQKYLIDVLKKTTAWHIGHLIRDITESLIAHSGLKRSKYWSLHSYNNGNVILFILPSKSLEVAGSFIRFITVFRIGPGLV
DKDNLDTILIDGDSQWGVSKVMSIDLNRLLALNIAFEKALIATATWFQYYTEDQGQFPLQYAIRSVFANHFLLAICQKMK
LCAIFDNLRYLIPAVTSLYSGFPSLIEKLFERPFKSSLEVYIYYNIKSLLVALAQNNKARFYSKVKLLGLTVDQSTVGAS
GVYPSFMSRIVYKHYRSLISEVTTCFFLFEKGLHGNMNEEAKIHLETVEWALKFREKEEKYGESLVENGYMMWELRANAE
LAEQQLYCQDAIELAAIELNKVLATKSSVVANSILSKNWEEPYFSQTRNISLKGMSGQVQEDGHLSSSVTIIEAIRYLSN
SRHNPSLLKLYEETREQKAMARIVRKYQRTEADRGFFITTLPTRCRLEIIEDYYDAIAKNISEEYISYGGEKKILAIQGA
LEKALRWASGESFIELSNHKFIRMKRKLMYVSADATKWSPGDNSAKFRRFTSMLHNGLPNNKLKNCVIDALKQVYKTDFF
MSRKLRNYIDSMESLDPHIKQFLDFFPDGHHGEVKGNWLQGNLNKCSSLFGVAMSLLFKQVWTNLFPELDCFFEFAHHSD
DALFIYGYLEPVDDGTDWFLFVSQQIQAGHLHWFSVNTEMWKSMFNLHEHILLLGSIKISPKKTTVSPTNAEFLSTFFEG
CAVSIPFVKILLGSLSDLPGLGYFDDLAAAQSRCVKALDLGASPQVAQLAVALCTSKVERLYGTAPGMVNHPAAYLQVKH
TDTPIPLGGNGAMSIMELATAGIGMSDKNLLKRALLGYSHKRQKSMLYILGLFKFLMKLSDETFQHERLGQFSFIGKVQW
KIFTPKSEFEFADMYTSKFLELWSSQHVTYDYIIPKGRDNLLIYLVRKLNDPSIVTAMTMQSPLQLRFRMQAKQHMKVCR
LDGEWVTFREVLAAANSFAENYSATSQDMDLFQTLTSCTFSKEYAWKDFLNGIHCDVIPTKQVQRAKVARTFTVREKDQI
IQNSIPAVIGYKFAVTVEEMSDVLDTAKFPDSLSVDLKTMKDGVYRELGLDISLPDVMKRIAPMLYKSSKSRVVIVQGNV
EGTAEAICRYWLKSMSLVKTIRVKPHKEVLQAVSIFNRKEDIGQQKDLAALKLCIEVWRWCKANSAPYRDWFQALWFEDK
TFSEWLDRFCRVGVPPIDPEIQCAALMIADIKGDYSVLQLQANRRAYSGKQYDAYCVQTYNEVTKLYEGDLRVTFNFGLD
CARLEIFWDKKAYILETSITQKHVLKIMMDEVSKELIKCGMRFNTEQVQGVRHMVLFKTESGFEWGKPNIPCIVYKNCVL
RTSLRTTQAINHKFMITIKDDGLRAIAQHDEDSPRFLLAHAFHTIRDIRYQAVDAVSNVWFIHKGVKLYLNPIISSGLLE
NFMKNLPAAIPPAAYSLIMNRAKISVDLFMFNDLLKLINPRNTLDLSGLETTGDEFSTVSSMSSRLWSEEMSLVDDDEEL
DDEFTIDLQDVDFENIDIEADIEHFLQDESSYTGDLLISTEETESKKMRGIVKILEPVRLIKSWVSRGLSIEKVYSPVNI
ILMSRYISKTFNLSTKQVSLLDPYDLTELESIVRGWGECVIDQFESLDREAQNMVVNKGICPEDVIPDSLFSFRHTMVLL
RRLFPQDSISSFY
;
A
2 'polyribonucleotide' UAGGAGUAUCCACCGCAAGA H
3 'polyribonucleotide' CUUUCUUUUGCGGAGUCUACUACUA V,T,S
4 'polyribonucleotide' UAGUAGUAGACUCCGCAAAAGAAAG P
#
# COMPACT_ATOMS: atom_id res chain seq x y z
N TYR A 248 -40.34 -8.24 1.24
CA TYR A 248 -41.16 -7.52 0.27
C TYR A 248 -40.31 -6.57 -0.57
N ILE A 249 -40.06 -6.95 -1.81
CA ILE A 249 -39.33 -6.09 -2.73
C ILE A 249 -40.31 -5.09 -3.35
N PRO A 250 -40.01 -3.79 -3.30
CA PRO A 250 -40.98 -2.79 -3.77
C PRO A 250 -41.09 -2.79 -5.28
N ASP A 251 -42.10 -2.06 -5.76
CA ASP A 251 -42.36 -1.91 -7.19
C ASP A 251 -41.82 -0.54 -7.60
N TYR A 252 -40.73 -0.53 -8.34
CA TYR A 252 -40.12 0.69 -8.85
C TYR A 252 -40.23 0.74 -10.36
N LYS A 253 -39.92 1.90 -10.92
CA LYS A 253 -40.03 2.04 -12.39
C LYS A 253 -38.99 1.14 -13.02
N GLY A 254 -39.37 0.36 -14.02
CA GLY A 254 -38.38 -0.44 -14.75
C GLY A 254 -38.18 0.08 -16.15
N MET A 255 -36.94 0.37 -16.55
CA MET A 255 -36.67 0.94 -17.89
C MET A 255 -37.15 -0.08 -18.91
N GLU A 256 -37.57 0.36 -20.09
CA GLU A 256 -38.15 -0.58 -21.08
C GLU A 256 -37.24 -0.66 -22.30
N PRO A 257 -37.01 -1.85 -22.88
CA PRO A 257 -36.09 -2.02 -23.99
C PRO A 257 -36.17 -0.97 -25.12
N ILE A 258 -35.07 -0.75 -25.83
CA ILE A 258 -35.08 0.19 -27.00
C ILE A 258 -35.11 -0.63 -28.29
N GLY A 259 -35.09 -1.95 -28.19
CA GLY A 259 -34.99 -2.72 -29.45
C GLY A 259 -33.73 -2.33 -30.17
N ALA A 260 -32.57 -2.55 -29.55
CA ALA A 260 -31.28 -2.22 -30.15
C ALA A 260 -30.87 -3.39 -31.01
N ASN A 261 -30.34 -3.11 -32.20
CA ASN A 261 -29.95 -4.20 -33.13
C ASN A 261 -28.44 -4.15 -33.33
N ILE A 262 -27.76 -5.28 -33.23
CA ILE A 262 -26.31 -5.24 -33.54
C ILE A 262 -26.20 -4.79 -34.98
N GLU A 263 -27.20 -5.02 -35.83
CA GLU A 263 -26.98 -4.64 -37.23
C GLU A 263 -26.68 -3.15 -37.36
N ASP A 264 -27.38 -2.31 -36.60
CA ASP A 264 -27.11 -0.88 -36.66
C ASP A 264 -25.69 -0.56 -36.21
N LEU A 265 -25.24 -1.19 -35.12
CA LEU A 265 -23.88 -0.94 -34.63
C LEU A 265 -22.83 -1.50 -35.58
N VAL A 266 -23.06 -2.66 -36.19
CA VAL A 266 -22.07 -3.16 -37.13
C VAL A 266 -22.02 -2.30 -38.39
N ASP A 267 -23.16 -1.77 -38.83
CA ASP A 267 -23.14 -0.83 -39.96
C ASP A 267 -22.41 0.45 -39.59
N TYR A 268 -22.63 0.96 -38.38
CA TYR A 268 -21.91 2.14 -37.94
C TYR A 268 -20.42 1.88 -37.85
N SER A 269 -20.03 0.70 -37.40
CA SER A 269 -18.61 0.36 -37.32
C SER A 269 -18.01 0.20 -38.70
N LYS A 270 -18.78 -0.31 -39.66
CA LYS A 270 -18.31 -0.34 -41.04
C LYS A 270 -18.05 1.06 -41.56
N ASP A 271 -18.99 1.97 -41.30
CA ASP A 271 -18.80 3.36 -41.73
C ASP A 271 -17.59 3.99 -41.03
N TRP A 272 -17.41 3.68 -39.75
CA TRP A 272 -16.31 4.25 -38.98
C TRP A 272 -14.95 3.76 -39.49
N LEU A 273 -14.81 2.45 -39.66
CA LEU A 273 -13.57 1.86 -40.14
C LEU A 273 -13.32 2.10 -41.62
N SER A 274 -14.34 2.54 -42.36
CA SER A 274 -14.14 2.80 -43.79
C SER A 274 -13.13 3.92 -44.00
N ARG A 275 -13.19 4.98 -43.19
CA ARG A 275 -12.29 6.11 -43.33
C ARG A 275 -10.96 5.81 -42.63
N ALA A 276 -10.10 6.83 -42.56
CA ALA A 276 -8.81 6.73 -41.91
C ALA A 276 -8.87 7.35 -40.53
N ARG A 277 -8.45 6.60 -39.53
CA ARG A 277 -8.56 7.00 -38.13
C ARG A 277 -7.19 7.33 -37.57
N ASN A 278 -7.07 8.50 -36.96
CA ASN A 278 -5.81 8.90 -36.33
C ASN A 278 -5.61 8.08 -35.06
N PHE A 279 -4.54 7.30 -35.03
CA PHE A 279 -4.26 6.47 -33.87
C PHE A 279 -4.03 7.33 -32.64
N SER A 280 -4.60 6.89 -31.51
CA SER A 280 -4.48 7.67 -30.29
C SER A 280 -3.07 7.67 -29.71
N PHE A 281 -2.22 6.75 -30.16
CA PHE A 281 -0.86 6.61 -29.64
C PHE A 281 0.15 6.93 -30.74
N PHE A 282 1.39 7.10 -30.31
CA PHE A 282 2.50 7.43 -31.20
C PHE A 282 3.58 6.38 -31.06
N GLU A 283 4.14 5.96 -32.19
CA GLU A 283 5.16 4.93 -32.17
C GLU A 283 6.39 5.44 -31.42
N VAL A 284 6.96 4.58 -30.58
CA VAL A 284 8.10 4.96 -29.76
C VAL A 284 9.37 4.81 -30.61
N LYS A 285 9.96 5.93 -30.97
CA LYS A 285 11.20 5.97 -31.71
C LYS A 285 12.19 6.85 -30.97
N GLY A 286 13.48 6.52 -31.09
CA GLY A 286 14.50 7.31 -30.43
C GLY A 286 14.46 8.77 -30.85
N THR A 287 14.33 9.01 -32.16
CA THR A 287 14.23 10.37 -32.65
C THR A 287 12.99 11.07 -32.12
N ALA A 288 11.86 10.37 -32.07
CA ALA A 288 10.63 10.98 -31.58
C ALA A 288 10.74 11.38 -30.12
N VAL A 289 11.29 10.48 -29.28
CA VAL A 289 11.43 10.79 -27.87
C VAL A 289 12.45 11.92 -27.67
N PHE A 290 13.55 11.89 -28.41
CA PHE A 290 14.55 12.95 -28.31
C PHE A 290 13.96 14.29 -28.71
N GLU A 291 13.16 14.32 -29.78
CA GLU A 291 12.55 15.58 -30.21
C GLU A 291 11.52 16.06 -29.22
N CYS A 292 10.76 15.15 -28.62
CA CYS A 292 9.84 15.55 -27.56
C CYS A 292 10.58 16.19 -26.40
N PHE A 293 11.70 15.57 -26.00
CA PHE A 293 12.50 16.14 -24.91
C PHE A 293 13.04 17.51 -25.27
N ASN A 294 13.56 17.68 -26.49
CA ASN A 294 14.11 18.97 -26.91
C ASN A 294 13.03 20.04 -26.98
N SER A 295 11.87 19.72 -27.56
CA SER A 295 10.81 20.70 -27.67
C SER A 295 10.28 21.11 -26.29
N ASN A 296 10.14 20.14 -25.39
CA ASN A 296 9.68 20.46 -24.05
C ASN A 296 10.73 21.27 -23.28
N GLU A 297 12.01 20.99 -23.52
CA GLU A 297 13.07 21.81 -22.94
C GLU A 297 12.98 23.25 -23.43
N ALA A 298 12.79 23.43 -24.73
CA ALA A 298 12.69 24.77 -25.29
C ALA A 298 11.49 25.51 -24.73
N ASN A 299 10.35 24.82 -24.58
CA ASN A 299 9.16 25.47 -24.05
C ASN A 299 9.22 25.70 -22.55
N HIS A 300 10.02 24.92 -21.82
CA HIS A 300 10.00 25.01 -20.36
C HIS A 300 10.62 26.30 -19.82
N CYS A 301 11.46 26.97 -20.62
CA CYS A 301 12.09 28.20 -20.13
C CYS A 301 11.05 29.27 -19.83
N GLN A 302 9.90 29.23 -20.50
CA GLN A 302 8.83 30.20 -20.28
C GLN A 302 7.83 29.75 -19.22
N ARG A 303 7.86 28.52 -18.78
CA ARG A 303 6.81 28.04 -17.85
C ARG A 303 7.00 28.67 -16.48
N TYR A 304 8.21 28.65 -15.94
CA TYR A 304 8.44 29.16 -14.61
C TYR A 304 9.55 30.21 -14.63
N PRO A 305 9.52 31.17 -13.72
CA PRO A 305 10.61 32.15 -13.64
C PRO A 305 11.94 31.46 -13.39
N MET A 306 12.98 31.96 -14.05
CA MET A 306 14.28 31.32 -13.99
C MET A 306 14.84 31.38 -12.57
N SER A 307 15.55 30.33 -12.18
CA SER A 307 16.14 30.23 -10.86
C SER A 307 17.65 30.16 -10.99
N ARG A 308 18.35 31.05 -10.31
CA ARG A 308 19.81 31.04 -10.33
C ARG A 308 20.39 30.20 -9.20
N LYS A 309 19.74 30.30 -8.04
CA LYS A 309 20.19 29.53 -6.85
C LYS A 309 19.37 28.27 -6.74
N PRO A 310 19.91 27.05 -6.96
CA PRO A 310 19.09 25.84 -6.76
C PRO A 310 18.62 25.73 -5.31
N ARG A 311 17.41 25.27 -5.08
CA ARG A 311 16.95 25.05 -3.70
C ARG A 311 17.54 23.75 -3.13
N ASN A 312 17.26 23.44 -1.85
CA ASN A 312 17.89 22.29 -1.15
C ASN A 312 17.35 20.97 -1.63
N PHE A 313 18.12 19.91 -1.48
CA PHE A 313 17.54 18.61 -1.81
C PHE A 313 17.79 17.69 -0.65
N LEU A 314 18.70 18.03 0.22
CA LEU A 314 19.07 17.13 1.31
C LEU A 314 18.40 17.61 2.59
N LEU A 315 17.48 16.79 3.12
CA LEU A 315 16.79 17.16 4.34
C LEU A 315 17.75 17.23 5.52
N ILE A 316 18.62 16.24 5.58
CA ILE A 316 19.70 16.25 6.60
C ILE A 316 21.02 16.19 5.84
N GLN A 317 21.88 17.19 6.03
CA GLN A 317 23.23 17.17 5.41
C GLN A 317 24.25 16.74 6.47
N CYS A 318 25.14 15.83 6.12
CA CYS A 318 26.17 15.36 7.06
C CYS A 318 27.31 14.71 6.28
N SER A 319 28.54 14.68 6.77
CA SER A 319 29.71 14.13 6.11
C SER A 319 30.45 13.22 7.07
N LEU A 320 31.09 12.20 6.52
CA LEU A 320 31.81 11.21 7.31
C LEU A 320 33.17 10.95 6.68
N ILE A 321 34.22 11.02 7.50
CA ILE A 321 35.56 10.69 7.05
C ILE A 321 36.07 9.39 7.66
N THR A 322 35.59 9.01 8.84
CA THR A 322 35.99 7.80 9.54
C THR A 322 34.78 6.90 9.73
N SER A 323 35.04 5.67 10.17
CA SER A 323 33.97 4.72 10.42
C SER A 323 33.06 5.24 11.53
N TYR A 324 31.76 5.10 11.33
CA TYR A 324 30.78 5.57 12.29
C TYR A 324 30.44 4.47 13.28
N LYS A 325 30.76 4.68 14.55
CA LYS A 325 30.27 3.83 15.61
C LYS A 325 28.93 4.37 16.10
N PRO A 326 27.85 3.59 16.06
CA PRO A 326 26.53 4.13 16.38
C PRO A 326 26.48 4.65 17.81
N ALA A 327 25.62 5.65 18.01
CA ALA A 327 25.66 6.44 19.23
C ALA A 327 25.37 5.60 20.46
N THR A 328 26.00 5.92 21.60
CA THR A 328 25.74 5.27 22.91
C THR A 328 25.56 6.45 23.84
N THR A 329 24.95 6.34 25.00
CA THR A 329 24.73 7.53 25.83
C THR A 329 26.08 8.08 26.24
N LEU A 330 27.05 7.22 26.53
CA LEU A 330 28.39 7.65 26.94
C LEU A 330 29.03 8.32 25.76
N SER A 331 28.97 7.71 24.60
CA SER A 331 29.56 8.28 23.38
C SER A 331 28.85 9.58 23.06
N ASP A 332 27.55 9.64 23.14
CA ASP A 332 26.94 10.94 22.84
C ASP A 332 27.56 12.00 23.74
N GLN A 333 27.65 11.81 25.06
CA GLN A 333 28.14 12.84 26.01
C GLN A 333 29.62 13.07 25.82
N ILE A 334 30.38 12.06 25.46
CA ILE A 334 31.78 12.34 25.18
C ILE A 334 31.92 13.10 23.88
N ASP A 335 31.22 12.65 22.84
CA ASP A 335 31.29 13.32 21.55
C ASP A 335 30.68 14.71 21.60
N SER A 336 29.65 14.92 22.42
CA SER A 336 29.09 16.26 22.56
C SER A 336 30.08 17.21 23.21
N ARG A 337 30.76 16.77 24.28
CA ARG A 337 31.78 17.61 24.90
C ARG A 337 32.90 17.90 23.91
N ARG A 338 33.37 16.88 23.19
CA ARG A 338 34.43 17.08 22.22
C ARG A 338 34.01 18.05 21.12
N ALA A 339 32.76 17.94 20.67
CA ALA A 339 32.26 18.80 19.60
C ALA A 339 32.13 20.24 20.05
N CYS A 340 31.65 20.46 21.28
CA CYS A 340 31.59 21.81 21.80
C CYS A 340 32.99 22.41 21.93
N SER A 341 33.96 21.62 22.39
CA SER A 341 35.33 22.08 22.41
C SER A 341 35.83 22.40 21.01
N TYR A 342 35.42 21.59 20.02
CA TYR A 342 35.82 21.83 18.65
C TYR A 342 35.29 23.16 18.14
N ILE A 343 34.00 23.42 18.36
CA ILE A 343 33.32 24.51 17.67
C ILE A 343 33.16 25.76 18.51
N LEU A 344 33.72 25.80 19.72
CA LEU A 344 33.90 27.10 20.35
C LEU A 344 35.11 27.83 19.81
N ASN A 345 35.99 27.14 19.08
CA ASN A 345 37.14 27.78 18.45
C ASN A 345 36.76 28.53 17.18
N LEU A 346 35.78 28.04 16.44
CA LEU A 346 35.42 28.63 15.16
C LEU A 346 34.82 30.01 15.35
N ILE A 347 34.96 30.85 14.32
CA ILE A 347 34.45 32.22 14.35
C ILE A 347 33.15 32.25 13.56
N PRO A 348 32.00 32.48 14.20
CA PRO A 348 30.73 32.50 13.46
C PRO A 348 30.58 33.78 12.65
N ASP A 349 29.97 33.65 11.48
CA ASP A 349 29.60 34.79 10.66
C ASP A 349 28.10 34.88 10.41
N THR A 350 27.48 33.81 9.96
CA THR A 350 26.04 33.80 9.73
C THR A 350 25.29 33.69 11.06
N PRO A 351 24.05 34.17 11.11
CA PRO A 351 23.25 33.98 12.33
C PRO A 351 23.06 32.52 12.69
N ALA A 352 22.96 31.63 11.71
CA ALA A 352 22.86 30.20 11.97
C ALA A 352 24.19 29.58 12.36
N SER A 353 25.25 30.38 12.40
CA SER A 353 26.51 29.99 13.03
C SER A 353 26.67 30.58 14.42
N TYR A 354 26.22 31.82 14.61
CA TYR A 354 26.22 32.41 15.94
C TYR A 354 25.29 31.66 16.89
N LEU A 355 24.11 31.27 16.40
CA LEU A 355 23.20 30.48 17.24
C LEU A 355 23.83 29.14 17.62
N ILE A 356 24.50 28.51 16.68
CA ILE A 356 25.17 27.24 16.93
C ILE A 356 26.28 27.42 17.97
N HIS A 357 27.10 28.44 17.80
CA HIS A 357 28.19 28.69 18.74
C HIS A 357 27.65 28.99 20.13
N ASP A 358 26.50 29.66 20.18
CA ASP A 358 25.95 30.15 21.46
C ASP A 358 25.17 29.10 22.15
N MET A 359 24.74 28.10 21.41
CA MET A 359 24.15 26.93 22.03
C MET A 359 25.20 25.94 22.48
N ALA A 360 26.30 25.83 21.72
CA ALA A 360 27.41 24.98 22.15
C ALA A 360 28.03 25.51 23.43
N TYR A 361 28.23 26.82 23.52
CA TYR A 361 28.75 27.41 24.75
C TYR A 361 27.81 27.18 25.92
N ARG A 362 26.51 27.29 25.68
CA ARG A 362 25.57 26.99 26.79
C ARG A 362 25.72 25.52 27.18
N TYR A 363 25.65 24.62 26.24
CA TYR A 363 25.68 23.21 26.59
C TYR A 363 26.94 22.86 27.36
N ILE A 364 28.10 23.34 26.91
CA ILE A 364 29.35 23.03 27.59
C ILE A 364 29.38 23.59 29.00
N ASN A 365 28.58 24.63 29.26
CA ASN A 365 28.43 25.17 30.61
C ASN A 365 27.22 24.58 31.31
N LEU A 366 27.14 23.25 31.31
CA LEU A 366 26.16 22.51 32.10
C LEU A 366 26.88 21.68 33.16
N THR A 367 26.35 21.71 34.38
CA THR A 367 27.02 21.12 35.53
C THR A 367 27.09 19.60 35.38
N ARG A 368 27.80 18.98 36.33
CA ARG A 368 27.86 17.53 36.38
C ARG A 368 26.49 16.92 36.63
N GLU A 369 25.70 17.56 37.49
CA GLU A 369 24.31 17.11 37.70
C GLU A 369 23.51 17.24 36.41
N ASP A 370 23.79 18.26 35.62
CA ASP A 370 23.08 18.43 34.35
C ASP A 370 23.33 17.24 33.43
N MET A 371 24.60 16.83 33.34
CA MET A 371 24.97 15.71 32.48
C MET A 371 24.42 14.38 32.97
N ILE A 372 23.88 14.30 34.17
CA ILE A 372 23.36 12.95 34.57
C ILE A 372 21.92 12.88 34.07
N ASN A 373 21.13 13.90 34.37
CA ASN A 373 19.72 13.96 33.90
C ASN A 373 19.74 14.02 32.38
N TYR A 374 20.75 14.67 31.80
CA TYR A 374 20.87 14.64 30.32
C TYR A 374 21.22 13.20 29.96
N TYR A 375 20.63 12.67 28.87
CA TYR A 375 20.86 11.27 28.46
C TYR A 375 20.46 10.32 29.59
N ALA A 376 19.38 10.64 30.33
CA ALA A 376 18.89 9.75 31.41
C ALA A 376 17.47 9.26 31.07
N PRO A 377 17.06 7.98 31.28
CA PRO A 377 15.69 7.59 30.96
C PRO A 377 14.68 8.36 31.77
N ARG A 378 13.45 8.44 31.24
CA ARG A 378 12.42 9.26 31.86
C ARG A 378 12.12 8.81 33.28
N ILE A 379 12.15 7.50 33.53
CA ILE A 379 11.88 7.00 34.87
C ILE A 379 13.03 7.27 35.82
N GLN A 380 14.24 7.50 35.31
CA GLN A 380 15.42 7.77 36.12
C GLN A 380 15.90 9.21 35.93
N PHE A 381 14.95 10.14 35.81
CA PHE A 381 15.24 11.52 35.47
C PHE A 381 14.70 12.45 36.54
N LYS A 382 15.40 13.56 36.76
CA LYS A 382 14.99 14.58 37.72
C LYS A 382 15.08 15.95 37.08
N GLN A 383 14.25 16.87 37.57
CA GLN A 383 14.31 18.25 37.12
C GLN A 383 15.64 18.89 37.51
N THR A 384 16.10 19.82 36.69
CA THR A 384 17.44 20.36 36.85
C THR A 384 17.52 21.88 36.74
N GLN A 385 16.50 22.52 36.15
CA GLN A 385 16.46 23.97 35.88
C GLN A 385 17.42 24.34 34.75
N ASN A 386 18.09 23.33 34.17
CA ASN A 386 18.94 23.54 32.96
C ASN A 386 18.77 22.31 32.07
N VAL A 387 18.41 21.14 32.61
CA VAL A 387 18.05 19.99 31.80
C VAL A 387 16.69 19.53 32.31
N ARG A 388 15.63 20.05 31.71
CA ARG A 388 14.28 19.77 32.19
C ARG A 388 13.67 18.52 31.55
N GLU A 389 14.33 17.93 30.57
CA GLU A 389 13.84 16.74 29.89
C GLU A 389 15.02 15.82 29.63
N PRO A 390 14.76 14.52 29.41
CA PRO A 390 15.88 13.56 29.32
C PRO A 390 16.90 13.88 28.25
N GLY A 391 16.52 14.50 27.15
CA GLY A 391 17.47 14.75 26.08
C GLY A 391 17.51 16.19 25.61
N THR A 392 17.07 17.12 26.45
CA THR A 392 17.02 18.53 26.08
C THR A 392 17.71 19.36 27.16
N PHE A 393 17.94 20.63 26.84
CA PHE A 393 18.40 21.60 27.82
C PHE A 393 17.80 22.95 27.50
N LYS A 394 17.54 23.75 28.53
CA LYS A 394 17.01 25.12 28.31
C LYS A 394 18.11 25.98 27.69
N LEU A 395 17.74 26.99 26.90
CA LEU A 395 18.73 27.94 26.33
C LEU A 395 18.01 29.28 26.21
N THR A 396 18.01 30.04 27.30
CA THR A 396 17.28 31.34 27.31
C THR A 396 17.89 32.29 26.28
N SER A 397 17.11 33.28 25.81
CA SER A 397 17.62 34.25 24.84
C SER A 397 18.70 35.04 25.54
N SER A 398 18.65 35.05 26.86
CA SER A 398 19.66 35.76 27.67
C SER A 398 20.99 35.10 27.38
N MET A 399 20.97 33.83 26.95
CA MET A 399 22.22 33.08 26.69
C MET A 399 22.53 33.06 25.20
N LEU A 400 22.02 34.03 24.42
CA LEU A 400 22.26 34.12 22.95
C LEU A 400 22.79 35.50 22.53
N ARG A 401 23.77 35.54 21.63
CA ARG A 401 24.33 36.77 21.09
C ARG A 401 23.27 37.53 20.32
N ALA A 402 23.62 38.74 19.89
CA ALA A 402 22.70 39.56 19.11
C ALA A 402 22.35 38.88 17.79
N GLU A 403 23.35 38.32 17.11
CA GLU A 403 23.11 37.64 15.84
C GLU A 403 22.45 36.28 16.03
N SER A 404 22.69 35.63 17.17
CA SER A 404 22.04 34.35 17.44
C SER A 404 20.53 34.51 17.54
N LYS A 405 20.07 35.56 18.22
CA LYS A 405 18.64 35.85 18.27
C LYS A 405 18.08 36.25 16.91
N ALA A 406 18.93 36.79 16.03
CA ALA A 406 18.49 37.10 14.67
C ALA A 406 18.10 35.85 13.91
N MET A 407 18.80 34.74 14.16
CA MET A 407 18.39 33.46 13.58
C MET A 407 17.02 33.04 14.10
N LEU A 408 16.75 33.30 15.38
CA LEU A 408 15.43 32.99 15.92
C LEU A 408 14.35 33.84 15.26
N ASP A 409 14.65 35.10 14.97
CA ASP A 409 13.67 35.99 14.37
C ASP A 409 13.26 35.51 12.97
N LEU A 410 14.22 34.99 12.20
CA LEU A 410 13.89 34.49 10.87
C LEU A 410 12.90 33.34 10.93
N LEU A 411 13.08 32.43 11.90
CA LEU A 411 12.23 31.26 12.01
C LEU A 411 10.85 31.60 12.55
N ASN A 412 10.80 32.41 13.60
CA ASN A 412 9.50 32.66 14.25
C ASN A 412 8.93 34.03 13.90
N ASN A 413 9.32 34.66 12.78
CA ASN A 413 8.69 35.89 12.29
C ASN A 413 8.77 35.99 10.77
N GLN A 423 5.48 32.33 -6.22
CA GLN A 423 6.88 32.63 -6.46
C GLN A 423 7.67 31.37 -6.76
N ILE A 424 6.98 30.36 -7.29
CA ILE A 424 7.63 29.09 -7.63
C ILE A 424 8.59 29.32 -8.79
N GLU A 425 9.80 28.79 -8.67
CA GLU A 425 10.87 29.02 -9.63
C GLU A 425 11.46 27.69 -10.06
N SER A 426 11.93 27.65 -11.31
CA SER A 426 12.49 26.44 -11.89
C SER A 426 13.88 26.73 -12.43
N LEU A 427 14.83 25.85 -12.11
CA LEU A 427 16.16 25.95 -12.69
C LEU A 427 16.06 25.83 -14.21
N ASN A 428 16.87 26.60 -14.92
CA ASN A 428 16.79 26.57 -16.37
C ASN A 428 17.42 25.27 -16.86
N ILE A 429 16.59 24.23 -17.01
CA ILE A 429 17.09 22.93 -17.43
C ILE A 429 17.49 22.91 -18.89
N ALA A 430 17.01 23.88 -19.68
CA ALA A 430 17.41 23.94 -21.08
C ALA A 430 18.89 24.23 -21.23
N SER A 431 19.44 25.10 -20.38
CA SER A 431 20.85 25.45 -20.47
C SER A 431 21.72 24.26 -20.07
N HIS A 432 22.85 24.12 -20.76
CA HIS A 432 23.83 23.11 -20.39
C HIS A 432 24.61 23.48 -19.14
N ILE A 433 24.57 24.74 -18.72
CA ILE A 433 25.27 25.15 -17.51
C ILE A 433 24.62 24.54 -16.28
N VAL A 434 23.29 24.62 -16.19
CA VAL A 434 22.58 24.04 -15.06
C VAL A 434 22.66 22.51 -15.12
N GLN A 435 22.42 21.93 -16.29
CA GLN A 435 22.48 20.48 -16.43
C GLN A 435 23.89 19.95 -16.21
N SER A 436 24.91 20.80 -16.24
CA SER A 436 26.26 20.39 -15.89
C SER A 436 26.56 20.65 -14.42
N GLU A 437 26.24 21.86 -13.93
CA GLU A 437 26.50 22.20 -12.54
C GLU A 437 25.67 21.34 -11.59
N SER A 438 24.40 21.12 -11.92
CA SER A 438 23.55 20.31 -11.05
C SER A 438 23.93 18.84 -11.08
N VAL A 439 24.21 18.30 -12.27
CA VAL A 439 24.67 16.92 -12.37
C VAL A 439 26.02 16.75 -11.69
N SER A 440 26.92 17.73 -11.85
CA SER A 440 28.23 17.65 -11.23
C SER A 440 28.12 17.65 -9.70
N LEU A 441 27.17 18.42 -9.16
CA LEU A 441 26.99 18.44 -7.71
C LEU A 441 26.55 17.07 -7.19
N ILE A 442 25.53 16.49 -7.82
CA ILE A 442 25.02 15.20 -7.36
C ILE A 442 26.02 14.10 -7.64
N THR A 443 26.72 14.16 -8.78
CA THR A 443 27.76 13.18 -9.04
C THR A 443 28.86 13.24 -7.99
N LYS A 444 29.09 14.41 -7.40
CA LYS A 444 30.02 14.51 -6.29
C LYS A 444 29.42 13.95 -5.01
N ILE A 445 28.13 14.19 -4.79
CA ILE A 445 27.46 13.64 -3.61
C ILE A 445 27.39 12.11 -3.70
N LEU A 446 26.96 11.60 -4.85
CA LEU A 446 26.83 10.15 -5.02
C LEU A 446 28.19 9.47 -4.92
N SER A 447 29.22 10.05 -5.55
CA SER A 447 30.54 9.45 -5.46
C SER A 447 31.09 9.50 -4.05
N ASP A 448 30.76 10.55 -3.29
CA ASP A 448 31.13 10.57 -1.88
C ASP A 448 30.41 9.47 -1.10
N LEU A 449 29.13 9.26 -1.39
CA LEU A 449 28.40 8.17 -0.75
C LEU A 449 28.93 6.82 -1.17
N GLU A 450 29.48 6.71 -2.37
CA GLU A 450 30.06 5.47 -2.84
C GLU A 450 31.47 5.24 -2.33
N LEU A 451 32.08 6.25 -1.72
CA LEU A 451 33.44 6.11 -1.21
C LEU A 451 33.48 5.06 -0.10
N ASN A 452 34.61 4.37 0.01
CA ASN A 452 34.81 3.37 1.04
C ASN A 452 35.57 4.01 2.19
N ILE A 453 34.97 3.94 3.39
CA ILE A 453 35.60 4.47 4.58
C ILE A 453 36.68 3.50 5.05
N THR A 454 37.86 4.03 5.36
CA THR A 454 38.98 3.22 5.84
C THR A 454 38.63 2.50 7.13
N THR A 471 20.67 -21.74 10.06
CA THR A 471 19.67 -22.41 9.20
C THR A 471 20.33 -22.72 7.85
N VAL A 472 19.58 -23.28 6.90
CA VAL A 472 20.18 -23.49 5.55
C VAL A 472 20.49 -22.11 4.98
N LEU A 473 19.56 -21.16 5.14
CA LEU A 473 19.73 -19.78 4.60
C LEU A 473 20.83 -19.03 5.37
N ASP A 474 20.85 -19.15 6.69
CA ASP A 474 21.84 -18.36 7.46
C ASP A 474 23.19 -18.54 6.79
N LYS A 475 23.48 -19.74 6.30
CA LYS A 475 24.74 -19.89 5.58
C LYS A 475 24.65 -19.30 4.17
N PHE A 476 23.54 -19.57 3.48
CA PHE A 476 23.40 -19.07 2.11
C PHE A 476 23.36 -17.54 2.08
N PHE A 477 22.63 -16.93 3.02
CA PHE A 477 22.60 -15.48 3.14
C PHE A 477 23.98 -14.94 3.45
N GLN A 478 24.73 -15.64 4.33
CA GLN A 478 26.08 -15.20 4.65
C GLN A 478 26.98 -15.24 3.42
N ASN A 479 26.71 -16.15 2.51
CA ASN A 479 27.68 -16.19 1.40
C ASN A 479 27.14 -15.31 0.30
N GLU A 480 25.83 -15.04 0.30
CA GLU A 480 25.28 -14.29 -0.86
C GLU A 480 24.96 -12.86 -0.49
N THR A 481 23.98 -12.59 0.34
CA THR A 481 23.74 -11.15 0.59
C THR A 481 24.89 -10.58 1.39
N GLN A 482 25.32 -11.17 2.49
CA GLN A 482 26.37 -10.50 3.31
C GLN A 482 27.68 -10.38 2.56
N LYS A 483 28.19 -11.40 1.94
CA LYS A 483 29.45 -11.20 1.23
C LYS A 483 29.26 -10.25 0.05
N TYR A 484 28.12 -10.30 -0.63
CA TYR A 484 28.00 -9.50 -1.86
C TYR A 484 27.11 -8.25 -1.78
N LEU A 485 26.35 -8.00 -0.73
CA LEU A 485 25.64 -6.72 -0.63
C LEU A 485 25.93 -6.10 0.70
N ILE A 486 25.60 -6.72 1.78
CA ILE A 486 25.73 -6.04 3.09
C ILE A 486 27.19 -5.87 3.48
N ASP A 487 28.08 -6.60 2.87
CA ASP A 487 29.49 -6.37 3.21
C ASP A 487 30.00 -5.30 2.28
N VAL A 488 29.89 -5.49 0.98
CA VAL A 488 30.29 -4.44 0.05
C VAL A 488 29.73 -3.10 0.49
N LEU A 489 28.46 -3.07 0.89
CA LEU A 489 27.85 -1.82 1.34
C LEU A 489 28.40 -1.39 2.69
N LYS A 490 28.86 -2.33 3.51
CA LYS A 490 29.23 -2.01 4.88
C LYS A 490 30.38 -1.02 4.95
N LYS A 491 31.32 -1.10 4.00
CA LYS A 491 32.49 -0.23 4.05
C LYS A 491 32.21 1.16 3.49
N THR A 492 31.14 1.34 2.72
CA THR A 492 30.92 2.62 2.06
C THR A 492 30.49 3.68 3.04
N THR A 493 30.75 4.94 2.68
CA THR A 493 30.27 6.05 3.49
C THR A 493 28.76 6.15 3.48
N ALA A 494 28.10 5.55 2.48
CA ALA A 494 26.65 5.53 2.48
C ALA A 494 26.10 4.76 3.67
N TRP A 495 26.70 3.62 3.97
CA TRP A 495 26.27 2.80 5.11
C TRP A 495 26.43 3.54 6.43
N HIS A 496 27.64 4.05 6.68
CA HIS A 496 27.91 4.71 7.95
C HIS A 496 27.16 6.04 8.06
N ILE A 497 26.97 6.73 6.94
CA ILE A 497 26.17 7.94 6.97
C ILE A 497 24.70 7.61 7.17
N GLY A 498 24.24 6.45 6.69
CA GLY A 498 22.89 6.03 7.01
C GLY A 498 22.71 5.74 8.48
N HIS A 499 23.71 5.09 9.10
CA HIS A 499 23.67 4.88 10.55
C HIS A 499 23.70 6.22 11.29
N LEU A 500 24.53 7.15 10.82
CA LEU A 500 24.60 8.46 11.44
C LEU A 500 23.28 9.20 11.31
N ILE A 501 22.53 9.01 10.25
CA ILE A 501 21.27 9.76 10.08
C ILE A 501 20.22 9.00 10.88
N ARG A 502 20.43 7.72 11.18
CA ARG A 502 19.48 6.98 12.06
C ARG A 502 19.57 7.54 13.43
N ASP A 503 20.78 7.84 13.86
CA ASP A 503 21.05 8.34 15.22
C ASP A 503 20.70 9.78 15.28
N ILE A 504 20.87 10.54 14.22
CA ILE A 504 20.39 11.92 14.18
C ILE A 504 18.87 11.95 14.28
N THR A 505 18.21 11.09 13.51
CA THR A 505 16.76 11.05 13.50
C THR A 505 16.20 10.45 14.78
N GLU A 506 16.94 9.56 15.43
CA GLU A 506 16.54 9.09 16.75
C GLU A 506 16.58 10.23 17.75
N SER A 507 17.60 11.08 17.67
CA SER A 507 17.66 12.26 18.54
C SER A 507 16.52 13.22 18.22
N LEU A 508 16.21 13.41 16.94
CA LEU A 508 15.13 14.33 16.56
C LEU A 508 13.77 13.78 16.97
N ILE A 509 13.57 12.48 16.83
CA ILE A 509 12.34 11.84 17.30
C ILE A 509 12.22 11.99 18.80
N ALA A 510 13.31 11.73 19.52
CA ALA A 510 13.32 11.91 20.96
C ALA A 510 13.03 13.35 21.35
N HIS A 511 13.36 14.30 20.48
CA HIS A 511 13.13 15.70 20.77
C HIS A 511 11.77 16.21 20.34
N SER A 512 10.98 15.40 19.63
CA SER A 512 9.74 15.85 19.04
C SER A 512 8.52 15.58 19.91
N GLY A 513 8.71 15.13 21.13
CA GLY A 513 7.60 14.78 22.01
C GLY A 513 6.93 15.99 22.51
N LEU A 514 5.81 15.88 23.17
CA LEU A 514 5.09 17.12 23.53
C LEU A 514 5.93 17.94 24.46
N LYS A 515 6.60 17.35 25.41
CA LYS A 515 7.28 18.18 26.43
C LYS A 515 8.72 18.43 26.13
N ARG A 516 9.33 17.72 25.20
CA ARG A 516 10.79 17.86 24.99
C ARG A 516 11.02 18.85 23.87
N SER A 517 10.02 19.13 23.06
CA SER A 517 10.24 20.01 21.92
C SER A 517 10.27 21.49 22.29
N LYS A 518 9.81 21.86 23.48
CA LYS A 518 9.84 23.26 23.87
C LYS A 518 11.27 23.77 24.04
N TYR A 519 12.19 22.88 24.39
CA TYR A 519 13.55 23.26 24.72
C TYR A 519 14.51 22.87 23.60
N TRP A 520 15.78 23.13 23.83
CA TRP A 520 16.82 22.91 22.81
C TRP A 520 17.52 21.64 23.14
N SER A 521 18.38 21.24 22.27
CA SER A 521 19.13 20.03 22.55
C SER A 521 20.38 20.00 21.70
N LEU A 522 21.46 19.46 22.27
CA LEU A 522 22.72 19.27 21.57
C LEU A 522 23.11 17.80 21.66
N HIS A 523 23.31 17.17 20.51
CA HIS A 523 23.78 15.76 20.46
C HIS A 523 24.91 15.69 19.44
N SER A 524 25.85 14.75 19.61
CA SER A 524 26.99 14.67 18.72
C SER A 524 27.31 13.22 18.40
N TYR A 525 27.89 13.03 17.23
CA TYR A 525 28.14 11.71 16.66
C TYR A 525 29.44 11.75 15.89
N ASN A 526 30.05 10.58 15.76
CA ASN A 526 31.34 10.42 15.08
C ASN A 526 32.44 11.23 15.77
N ASN A 527 32.58 10.99 17.07
CA ASN A 527 33.64 11.59 17.88
C ASN A 527 33.60 13.11 17.82
N GLY A 528 32.38 13.66 17.80
CA GLY A 528 32.20 15.09 17.78
C GLY A 528 32.29 15.72 16.41
N ASN A 529 32.60 14.96 15.35
CA ASN A 529 32.67 15.53 14.02
C ASN A 529 31.30 16.02 13.56
N VAL A 530 30.25 15.26 13.87
CA VAL A 530 28.88 15.64 13.52
C VAL A 530 28.19 16.12 14.78
N ILE A 531 27.52 17.26 14.69
CA ILE A 531 26.83 17.84 15.83
C ILE A 531 25.42 18.19 15.38
N LEU A 532 24.44 17.84 16.20
CA LEU A 532 23.05 18.13 15.92
C LEU A 532 22.54 19.09 16.99
N PHE A 533 22.10 20.26 16.56
CA PHE A 533 21.54 21.30 17.42
C PHE A 533 20.05 21.35 17.12
N ILE A 534 19.25 20.67 17.93
CA ILE A 534 17.81 20.62 17.73
C ILE A 534 17.21 21.83 18.44
N LEU A 535 16.67 22.74 17.65
CA LEU A 535 16.05 23.97 18.12
C LEU A 535 14.69 23.67 18.72
N PRO A 536 14.16 24.56 19.55
CA PRO A 536 12.77 24.40 20.00
C PRO A 536 11.84 24.44 18.80
N SER A 537 10.78 23.65 18.86
CA SER A 537 9.87 23.52 17.73
C SER A 537 8.55 22.97 18.24
N LYS A 538 7.54 23.01 17.37
CA LYS A 538 6.29 22.36 17.69
C LYS A 538 6.49 20.84 17.72
N SER A 539 5.92 20.21 18.74
CA SER A 539 6.04 18.77 18.88
C SER A 539 5.47 18.07 17.66
N LEU A 540 6.20 17.09 17.14
CA LEU A 540 5.71 16.35 15.98
C LEU A 540 4.49 15.50 16.31
N GLU A 541 4.15 15.35 17.59
CA GLU A 541 2.94 14.61 17.95
C GLU A 541 1.70 15.27 17.37
N VAL A 542 1.62 16.59 17.47
CA VAL A 542 0.50 17.31 16.88
C VAL A 542 0.80 17.61 15.41
N ALA A 543 -0.24 17.58 14.59
CA ALA A 543 -0.10 17.72 13.15
C ALA A 543 0.35 19.13 12.78
N GLY A 544 0.89 19.26 11.57
CA GLY A 544 1.41 20.52 11.09
C GLY A 544 2.62 20.99 11.86
N SER A 545 3.51 20.05 12.19
CA SER A 545 4.67 20.32 13.01
C SER A 545 5.94 19.98 12.24
N PHE A 546 7.02 20.70 12.58
CA PHE A 546 8.31 20.48 11.95
C PHE A 546 9.39 20.51 13.02
N ILE A 547 10.38 19.62 12.90
CA ILE A 547 11.45 19.51 13.88
C ILE A 547 12.65 20.31 13.33
N ARG A 548 12.76 21.58 13.71
CA ARG A 548 13.78 22.49 13.24
C ARG A 548 15.06 22.14 13.93
N PHE A 549 16.15 22.00 13.17
CA PHE A 549 17.45 21.65 13.70
C PHE A 549 18.54 22.18 12.77
N ILE A 550 19.76 22.19 13.28
CA ILE A 550 20.95 22.56 12.51
C ILE A 550 22.00 21.48 12.74
N THR A 551 22.54 20.93 11.66
CA THR A 551 23.58 19.91 11.77
C THR A 551 24.89 20.48 11.24
N VAL A 552 25.90 20.49 12.11
CA VAL A 552 27.23 20.99 11.79
C VAL A 552 28.16 19.80 11.63
N PHE A 553 29.12 19.90 10.72
CA PHE A 553 29.94 18.75 10.39
C PHE A 553 31.20 19.21 9.67
N ARG A 554 32.30 18.54 9.95
CA ARG A 554 33.52 18.77 9.18
C ARG A 554 33.29 18.37 7.73
N ILE A 555 33.66 19.26 6.81
CA ILE A 555 33.39 19.01 5.40
C ILE A 555 34.17 17.78 4.94
N GLY A 556 33.45 16.82 4.39
CA GLY A 556 34.05 15.59 3.93
C GLY A 556 33.12 14.83 3.02
N PRO A 557 33.52 13.62 2.64
CA PRO A 557 32.69 12.84 1.72
C PRO A 557 31.36 12.43 2.32
N GLY A 558 30.26 12.94 1.79
CA GLY A 558 28.96 12.54 2.28
C GLY A 558 27.85 13.41 1.70
N LEU A 559 26.71 13.39 2.39
CA LEU A 559 25.56 14.18 1.98
C LEU A 559 25.80 15.65 2.26
N VAL A 560 26.68 16.25 1.46
CA VAL A 560 26.98 17.70 1.63
C VAL A 560 26.86 18.40 0.26
N ASP A 561 26.11 19.50 0.19
CA ASP A 561 26.01 20.36 -1.03
C ASP A 561 26.47 21.76 -0.61
N LYS A 562 27.74 22.14 -0.78
CA LYS A 562 28.22 23.36 -0.15
C LYS A 562 27.46 24.60 -0.62
N ASP A 563 26.75 24.53 -1.74
CA ASP A 563 25.92 25.65 -2.18
C ASP A 563 24.68 25.81 -1.33
N ASN A 564 24.20 24.74 -0.70
CA ASN A 564 23.03 24.78 0.15
C ASN A 564 23.39 24.68 1.64
N LEU A 565 24.64 24.95 1.98
CA LEU A 565 25.06 25.01 3.37
C LEU A 565 24.91 26.43 3.90
N ASP A 566 24.43 26.55 5.13
CA ASP A 566 24.29 27.88 5.73
C ASP A 566 25.65 28.55 5.89
N THR A 567 26.66 27.80 6.33
CA THR A 567 27.99 28.36 6.51
C THR A 567 29.01 27.24 6.35
N ILE A 568 30.23 27.63 6.00
CA ILE A 568 31.39 26.73 6.04
C ILE A 568 32.47 27.48 6.81
N LEU A 569 32.50 27.28 8.13
CA LEU A 569 33.47 27.96 8.97
C LEU A 569 34.86 27.39 8.75
N ILE A 570 35.87 28.24 8.87
CA ILE A 570 37.26 27.85 8.67
C ILE A 570 37.97 27.92 10.01
N ASP A 571 38.82 26.94 10.29
CA ASP A 571 39.71 26.98 11.45
C ASP A 571 40.84 25.98 11.22
N GLY A 572 42.04 26.49 11.04
CA GLY A 572 43.20 25.63 10.86
C GLY A 572 43.07 24.72 9.65
N ASP A 573 42.58 25.27 8.54
CA ASP A 573 42.41 24.57 7.28
C ASP A 573 41.25 23.58 7.37
N SER A 574 40.69 23.41 8.57
CA SER A 574 39.53 22.55 8.73
C SER A 574 38.25 23.31 8.45
N GLN A 575 37.38 22.70 7.65
CA GLN A 575 36.11 23.29 7.26
C GLN A 575 34.99 22.65 8.07
N TRP A 576 34.20 23.47 8.74
CA TRP A 576 33.05 23.03 9.51
C TRP A 576 31.79 23.53 8.80
N GLY A 577 31.15 22.65 8.05
CA GLY A 577 29.95 23.02 7.32
C GLY A 577 28.70 23.05 8.19
N VAL A 578 28.21 24.24 8.48
CA VAL A 578 26.97 24.40 9.24
C VAL A 578 25.80 24.36 8.27
N SER A 579 24.92 23.39 8.44
CA SER A 579 23.77 23.27 7.56
C SER A 579 22.69 24.28 7.95
N LYS A 580 21.76 24.50 7.02
CA LYS A 580 20.68 25.43 7.26
C LYS A 580 19.73 24.87 8.31
N VAL A 581 18.83 25.72 8.80
CA VAL A 581 17.80 25.27 9.73
C VAL A 581 16.80 24.44 8.94
N MET A 582 16.88 23.13 9.08
CA MET A 582 16.06 22.21 8.30
C MET A 582 14.85 21.81 9.13
N SER A 583 13.69 22.36 8.78
CA SER A 583 12.44 21.93 9.39
C SER A 583 11.96 20.67 8.69
N ILE A 584 11.78 19.59 9.46
CA ILE A 584 11.45 18.28 8.91
C ILE A 584 10.11 17.83 9.49
N ASP A 585 9.21 17.41 8.62
CA ASP A 585 7.91 16.90 9.05
C ASP A 585 8.07 15.54 9.74
N LEU A 586 7.05 15.17 10.51
CA LEU A 586 7.08 13.88 11.20
C LEU A 586 7.16 12.73 10.20
N ASN A 587 6.41 12.82 9.10
CA ASN A 587 6.48 11.79 8.08
C ASN A 587 7.88 11.70 7.49
N ARG A 588 8.48 12.85 7.17
CA ARG A 588 9.83 12.86 6.62
C ARG A 588 10.85 12.43 7.67
N LEU A 589 10.64 12.80 8.94
CA LEU A 589 11.57 12.38 9.99
C LEU A 589 11.56 10.87 10.16
N LEU A 590 10.37 10.26 10.16
CA LEU A 590 10.29 8.80 10.24
C LEU A 590 10.84 8.15 8.98
N ALA A 591 10.70 8.80 7.82
CA ALA A 591 11.33 8.31 6.61
C ALA A 591 12.84 8.30 6.74
N LEU A 592 13.41 9.36 7.31
CA LEU A 592 14.86 9.44 7.46
C LEU A 592 15.36 8.50 8.55
N ASN A 593 14.53 8.21 9.55
CA ASN A 593 14.92 7.23 10.56
C ASN A 593 15.10 5.86 9.93
N ILE A 594 14.21 5.48 9.03
CA ILE A 594 14.33 4.23 8.29
C ILE A 594 15.00 4.45 6.93
N ALA A 595 15.64 5.60 6.73
CA ALA A 595 16.29 5.87 5.46
C ALA A 595 17.37 4.85 5.15
N PHE A 596 18.19 4.51 6.15
CA PHE A 596 19.17 3.47 5.95
C PHE A 596 18.51 2.12 5.70
N GLU A 597 17.49 1.79 6.48
CA GLU A 597 16.81 0.51 6.30
C GLU A 597 16.10 0.44 4.97
N LYS A 598 15.42 1.53 4.57
CA LYS A 598 14.76 1.57 3.27
C LYS A 598 15.78 1.47 2.14
N ALA A 599 16.90 2.18 2.25
CA ALA A 599 17.94 2.10 1.24
C ALA A 599 18.53 0.71 1.15
N LEU A 600 18.72 0.05 2.29
CA LEU A 600 19.28 -1.30 2.29
C LEU A 600 18.30 -2.30 1.69
N ILE A 601 17.01 -2.18 2.00
CA ILE A 601 16.01 -3.06 1.41
C ILE A 601 15.94 -2.83 -0.09
N ALA A 602 15.97 -1.57 -0.52
CA ALA A 602 15.94 -1.24 -1.93
C ALA A 602 17.16 -1.80 -2.65
N THR A 603 18.33 -1.70 -2.03
CA THR A 603 19.54 -2.21 -2.64
C THR A 603 19.55 -3.73 -2.68
N ALA A 604 19.03 -4.39 -1.65
CA ALA A 604 18.93 -5.84 -1.67
C ALA A 604 17.95 -6.29 -2.75
N THR A 605 16.85 -5.57 -2.93
CA THR A 605 15.91 -5.87 -3.99
C THR A 605 16.55 -5.68 -5.36
N TRP A 606 17.28 -4.58 -5.55
CA TRP A 606 17.99 -4.36 -6.79
C TRP A 606 19.02 -5.44 -7.02
N PHE A 607 19.66 -5.90 -5.95
CA PHE A 607 20.66 -6.95 -6.02
C PHE A 607 20.04 -8.25 -6.50
N GLN A 608 18.90 -8.62 -5.92
CA GLN A 608 18.19 -9.83 -6.35
C GLN A 608 17.71 -9.70 -7.79
N TYR A 609 17.19 -8.52 -8.16
CA TYR A 609 16.69 -8.33 -9.52
C TYR A 609 17.84 -8.41 -10.52
N TYR A 610 18.98 -7.83 -10.20
CA TYR A 610 20.17 -7.99 -11.04
C TYR A 610 20.56 -9.46 -11.15
N THR A 611 20.51 -10.18 -10.04
CA THR A 611 20.90 -11.59 -10.06
C THR A 611 19.98 -12.41 -10.97
N GLU A 612 18.68 -12.17 -10.89
CA GLU A 612 17.76 -12.87 -11.79
C GLU A 612 17.94 -12.42 -13.23
N ASP A 613 18.18 -11.12 -13.44
CA ASP A 613 18.32 -10.59 -14.79
C ASP A 613 19.55 -11.16 -15.49
N GLN A 614 20.73 -10.85 -14.97
CA GLN A 614 21.97 -11.17 -15.65
C GLN A 614 22.54 -12.53 -15.25
N GLY A 615 21.99 -13.18 -14.24
CA GLY A 615 22.53 -14.43 -13.78
C GLY A 615 23.86 -14.32 -13.07
N GLN A 616 24.33 -13.11 -12.83
CA GLN A 616 25.64 -12.87 -12.24
C GLN A 616 25.49 -11.95 -11.05
N PHE A 617 26.39 -12.10 -10.09
CA PHE A 617 26.37 -11.25 -8.92
C PHE A 617 26.78 -9.84 -9.32
N PRO A 618 26.05 -8.80 -8.89
CA PRO A 618 26.41 -7.44 -9.29
C PRO A 618 27.80 -7.06 -8.80
N LEU A 619 28.50 -6.28 -9.62
CA LEU A 619 29.84 -5.85 -9.29
C LEU A 619 29.83 -4.90 -8.09
N GLN A 620 30.99 -4.75 -7.46
CA GLN A 620 31.09 -3.90 -6.29
C GLN A 620 30.73 -2.46 -6.62
N TYR A 621 31.21 -1.96 -7.76
CA TYR A 621 30.91 -0.58 -8.15
C TYR A 621 29.42 -0.39 -8.38
N ALA A 622 28.77 -1.35 -9.04
CA ALA A 622 27.34 -1.23 -9.31
C ALA A 622 26.54 -1.23 -8.01
N ILE A 623 26.87 -2.13 -7.08
CA ILE A 623 26.15 -2.19 -5.81
C ILE A 623 26.37 -0.92 -5.01
N ARG A 624 27.61 -0.43 -4.95
CA ARG A 624 27.88 0.81 -4.23
C ARG A 624 27.12 1.98 -4.82
N SER A 625 27.12 2.08 -6.16
CA SER A 625 26.42 3.18 -6.82
C SER A 625 24.92 3.11 -6.59
N VAL A 626 24.33 1.91 -6.71
CA VAL A 626 22.89 1.79 -6.52
C VAL A 626 22.51 2.04 -5.07
N PHE A 627 23.34 1.62 -4.12
CA PHE A 627 23.06 1.92 -2.73
C PHE A 627 23.17 3.41 -2.46
N ALA A 628 24.16 4.08 -3.07
CA ALA A 628 24.27 5.52 -2.89
C ALA A 628 23.06 6.24 -3.45
N ASN A 629 22.58 5.82 -4.63
CA ASN A 629 21.39 6.43 -5.21
C ASN A 629 20.15 6.17 -4.36
N HIS A 630 19.98 4.92 -3.90
CA HIS A 630 18.85 4.58 -3.05
C HIS A 630 18.89 5.38 -1.75
N PHE A 631 20.08 5.51 -1.16
CA PHE A 631 20.22 6.24 0.09
C PHE A 631 19.98 7.73 -0.10
N LEU A 632 20.42 8.28 -1.23
CA LEU A 632 20.14 9.69 -1.51
C LEU A 632 18.64 9.91 -1.70
N LEU A 633 17.96 8.99 -2.37
CA LEU A 633 16.51 9.10 -2.52
C LEU A 633 15.80 8.94 -1.17
N ALA A 634 16.33 8.08 -0.30
CA ALA A 634 15.73 7.90 1.02
C ALA A 634 15.99 9.11 1.91
N ILE A 635 17.09 9.83 1.70
CA ILE A 635 17.36 11.02 2.46
C ILE A 635 16.58 12.21 1.91
N CYS A 636 16.58 12.37 0.59
CA CYS A 636 15.92 13.49 -0.07
C CYS A 636 14.44 13.17 -0.26
N GLN A 637 13.73 13.08 0.86
CA GLN A 637 12.30 12.80 0.85
C GLN A 637 11.57 14.07 0.42
N LYS A 638 11.61 14.26 -0.89
CA LYS A 638 11.03 15.49 -1.43
C LYS A 638 9.85 15.12 -2.28
N MET A 639 8.78 15.90 -2.23
CA MET A 639 7.62 15.62 -3.06
C MET A 639 7.90 15.95 -4.53
N LYS A 640 8.83 16.87 -4.79
CA LYS A 640 9.23 17.12 -6.17
C LYS A 640 9.88 15.88 -6.78
N LEU A 641 10.86 15.30 -6.09
CA LEU A 641 11.49 14.09 -6.57
C LEU A 641 10.52 12.92 -6.57
N CYS A 642 9.64 12.86 -5.58
CA CYS A 642 8.65 11.78 -5.53
C CYS A 642 7.72 11.85 -6.74
N ALA A 643 7.31 13.07 -7.09
CA ALA A 643 6.43 13.28 -8.25
C ALA A 643 7.14 12.88 -9.55
N ILE A 644 8.40 13.29 -9.70
CA ILE A 644 9.17 12.97 -10.95
C ILE A 644 9.29 11.45 -11.05
N PHE A 645 9.56 10.78 -9.93
CA PHE A 645 9.63 9.29 -9.92
C PHE A 645 8.26 8.70 -10.26
N ASP A 646 7.18 9.31 -9.76
CA ASP A 646 5.81 8.83 -10.05
C ASP A 646 5.55 8.87 -11.56
N ASN A 647 6.06 9.93 -12.21
CA ASN A 647 5.89 10.04 -13.68
C ASN A 647 6.83 9.06 -14.40
N LEU A 648 7.90 8.58 -13.75
CA LEU A 648 8.86 7.75 -14.49
C LEU A 648 8.40 6.30 -14.53
N ARG A 649 7.36 5.95 -13.79
CA ARG A 649 6.95 4.55 -13.72
C ARG A 649 5.89 4.48 -14.77
N TYR A 650 5.48 5.65 -15.23
CA TYR A 650 4.56 5.73 -16.36
C TYR A 650 5.42 5.98 -17.57
N LEU A 651 6.56 6.68 -17.48
CA LEU A 651 7.32 6.96 -18.70
C LEU A 651 8.03 5.73 -19.21
N ILE A 652 8.62 4.94 -18.32
CA ILE A 652 9.36 3.74 -18.76
C ILE A 652 8.46 2.74 -19.50
N PRO A 653 7.26 2.41 -19.01
CA PRO A 653 6.36 1.60 -19.85
C PRO A 653 6.02 2.28 -21.16
N ALA A 654 5.94 3.62 -21.19
CA ALA A 654 5.59 4.32 -22.40
C ALA A 654 6.70 4.23 -23.44
N VAL A 655 7.94 4.51 -23.04
CA VAL A 655 9.05 4.54 -23.99
C VAL A 655 9.63 3.17 -24.26
N THR A 656 9.14 2.12 -23.60
CA THR A 656 9.52 0.75 -23.92
C THR A 656 8.55 0.09 -24.89
N SER A 657 7.27 0.45 -24.80
CA SER A 657 6.24 -0.20 -25.59
C SER A 657 6.39 0.14 -27.07
N LEU A 658 5.55 -0.49 -27.89
CA LEU A 658 5.55 -0.20 -29.32
C LEU A 658 4.92 1.16 -29.59
N TYR A 659 3.65 1.32 -29.21
CA TYR A 659 2.97 2.61 -29.25
C TYR A 659 2.52 2.97 -27.84
N SER A 660 2.56 4.25 -27.53
CA SER A 660 2.16 4.72 -26.20
C SER A 660 1.94 6.22 -26.27
N GLY A 661 1.45 6.77 -25.17
CA GLY A 661 1.30 8.21 -25.06
C GLY A 661 2.53 8.87 -24.50
N PHE A 662 3.70 8.44 -24.97
CA PHE A 662 4.96 8.99 -24.47
C PHE A 662 5.14 10.48 -24.74
N PRO A 663 4.64 11.06 -25.84
CA PRO A 663 4.73 12.53 -25.94
C PRO A 663 3.95 13.24 -24.85
N SER A 664 2.74 12.78 -24.55
CA SER A 664 1.96 13.41 -23.48
C SER A 664 2.53 13.10 -22.11
N LEU A 665 3.15 11.93 -21.92
CA LEU A 665 3.77 11.63 -20.64
C LEU A 665 5.03 12.45 -20.43
N ILE A 666 5.83 12.64 -21.48
CA ILE A 666 6.98 13.53 -21.39
C ILE A 666 6.52 14.95 -21.16
N GLU A 667 5.41 15.36 -21.78
CA GLU A 667 4.84 16.66 -21.49
C GLU A 667 4.48 16.79 -20.02
N LYS A 668 3.88 15.74 -19.44
CA LYS A 668 3.64 15.72 -18.01
C LYS A 668 4.93 15.79 -17.22
N LEU A 669 6.01 15.21 -17.76
CA LEU A 669 7.30 15.24 -17.06
C LEU A 669 7.88 16.65 -17.02
N PHE A 670 7.47 17.53 -17.92
CA PHE A 670 7.96 18.90 -17.95
C PHE A 670 6.94 19.90 -17.40
N GLU A 671 5.84 19.43 -16.81
CA GLU A 671 4.87 20.34 -16.21
C GLU A 671 5.25 20.59 -14.76
N ARG A 672 6.54 20.42 -14.47
CA ARG A 672 7.01 20.56 -13.06
C ARG A 672 8.21 21.52 -12.99
N PRO A 673 8.32 22.39 -11.94
CA PRO A 673 9.51 23.24 -11.76
C PRO A 673 10.66 22.42 -11.18
N PHE A 674 11.78 22.38 -11.91
CA PHE A 674 12.98 21.76 -11.39
C PHE A 674 13.69 22.80 -10.54
N LYS A 675 13.40 22.71 -9.23
CA LYS A 675 13.91 23.69 -8.26
C LYS A 675 15.21 23.27 -7.54
N SER A 676 15.67 22.03 -7.58
CA SER A 676 16.84 21.56 -6.86
C SER A 676 17.75 20.80 -7.82
N SER A 677 19.05 20.78 -7.50
CA SER A 677 20.03 20.14 -8.36
C SER A 677 19.83 18.64 -8.45
N LEU A 678 19.11 18.03 -7.50
CA LEU A 678 18.79 16.61 -7.64
C LEU A 678 17.69 16.41 -8.68
N GLU A 679 16.67 17.27 -8.68
CA GLU A 679 15.63 17.16 -9.70
C GLU A 679 16.19 17.44 -11.09
N VAL A 680 17.18 18.33 -11.20
CA VAL A 680 17.84 18.51 -12.50
C VAL A 680 18.67 17.28 -12.85
N TYR A 681 19.41 16.74 -11.89
CA TYR A 681 20.18 15.53 -12.14
C TYR A 681 19.27 14.35 -12.45
N ILE A 682 18.19 14.20 -11.66
CA ILE A 682 17.26 13.11 -11.90
C ILE A 682 16.59 13.27 -13.25
N TYR A 683 16.24 14.51 -13.62
CA TYR A 683 15.65 14.77 -14.93
C TYR A 683 16.63 14.44 -16.05
N TYR A 684 17.90 14.82 -15.91
CA TYR A 684 18.89 14.52 -16.93
C TYR A 684 19.07 13.02 -17.10
N ASN A 685 19.15 12.30 -15.98
CA ASN A 685 19.23 10.84 -16.05
C ASN A 685 17.97 10.25 -16.69
N ILE A 686 16.81 10.83 -16.36
CA ILE A 686 15.55 10.37 -16.95
C ILE A 686 15.56 10.57 -18.46
N LYS A 687 16.03 11.72 -18.91
CA LYS A 687 16.07 12.00 -20.35
C LYS A 687 17.00 11.03 -21.05
N SER A 688 18.19 10.83 -20.50
CA SER A 688 19.12 9.88 -21.11
C SER A 688 18.53 8.48 -21.14
N LEU A 689 17.92 8.05 -20.04
CA LEU A 689 17.35 6.71 -19.97
C LEU A 689 16.21 6.54 -20.96
N LEU A 690 15.32 7.53 -21.06
CA LEU A 690 14.19 7.40 -21.97
C LEU A 690 14.63 7.39 -23.42
N VAL A 691 15.58 8.28 -23.78
CA VAL A 691 16.08 8.29 -25.15
C VAL A 691 16.77 6.97 -25.48
N ALA A 692 17.55 6.43 -24.54
CA ALA A 692 18.20 5.15 -24.78
C ALA A 692 17.21 4.00 -24.88
N LEU A 693 16.14 4.05 -24.07
CA LEU A 693 15.12 3.01 -24.12
C LEU A 693 14.38 3.03 -25.45
N ALA A 694 14.10 4.22 -25.98
CA ALA A 694 13.40 4.31 -27.25
C ALA A 694 14.24 3.83 -28.42
N GLN A 695 15.56 3.70 -28.26
CA GLN A 695 16.40 3.24 -29.35
C GLN A 695 16.08 1.81 -29.75
N ASN A 696 15.88 0.93 -28.78
CA ASN A 696 15.53 -0.45 -29.03
C ASN A 696 14.04 -0.67 -28.76
N ASN A 697 13.38 -1.40 -29.64
CA ASN A 697 11.97 -1.71 -29.48
C ASN A 697 11.63 -3.06 -30.10
N GLY A 721 16.48 -8.65 -24.27
CA GLY A 721 16.68 -7.34 -24.85
C GLY A 721 17.73 -6.52 -24.13
N VAL A 722 17.59 -5.20 -24.19
CA VAL A 722 18.50 -4.28 -23.51
C VAL A 722 17.68 -3.19 -22.85
N TYR A 723 18.03 -2.88 -21.60
CA TYR A 723 17.31 -1.87 -20.81
C TYR A 723 18.32 -1.20 -19.90
N PRO A 724 18.76 0.01 -20.25
CA PRO A 724 19.72 0.71 -19.39
C PRO A 724 19.15 0.93 -18.00
N SER A 725 20.01 0.84 -17.00
CA SER A 725 19.59 1.01 -15.61
C SER A 725 19.51 2.49 -15.25
N PHE A 726 18.54 2.82 -14.41
CA PHE A 726 18.39 4.21 -13.97
C PHE A 726 19.40 4.60 -12.90
N MET A 727 19.89 3.63 -12.13
CA MET A 727 20.78 3.91 -11.01
C MET A 727 22.22 3.52 -11.25
N SER A 728 22.52 2.74 -12.28
CA SER A 728 23.86 2.25 -12.51
C SER A 728 24.19 2.32 -13.99
N ARG A 729 25.36 1.81 -14.35
CA ARG A 729 25.81 1.79 -15.74
C ARG A 729 25.40 0.52 -16.46
N ILE A 730 25.27 -0.60 -15.74
CA ILE A 730 24.96 -1.88 -16.36
C ILE A 730 23.58 -1.84 -16.99
N VAL A 731 23.47 -2.39 -18.20
CA VAL A 731 22.19 -2.49 -18.89
C VAL A 731 21.52 -3.79 -18.48
N TYR A 732 20.19 -3.77 -18.45
CA TYR A 732 19.41 -4.94 -18.08
C TYR A 732 19.14 -5.81 -19.30
N LYS A 733 18.34 -6.86 -19.11
CA LYS A 733 17.91 -7.69 -20.21
C LYS A 733 16.39 -7.81 -20.20
N HIS A 734 15.80 -7.71 -19.01
CA HIS A 734 14.36 -7.85 -18.82
C HIS A 734 13.76 -6.51 -18.41
N TYR A 735 12.66 -6.13 -19.05
CA TYR A 735 11.97 -4.91 -18.67
C TYR A 735 11.46 -4.97 -17.25
N ARG A 736 11.22 -6.19 -16.74
CA ARG A 736 10.73 -6.33 -15.38
C ARG A 736 11.74 -5.79 -14.38
N SER A 737 13.03 -5.98 -14.64
CA SER A 737 14.05 -5.47 -13.73
C SER A 737 14.07 -3.96 -13.71
N LEU A 738 13.98 -3.32 -14.89
CA LEU A 738 14.00 -1.86 -14.95
C LEU A 738 12.76 -1.27 -14.30
N ILE A 739 11.59 -1.83 -14.58
CA ILE A 739 10.37 -1.29 -13.98
C ILE A 739 10.35 -1.53 -12.48
N SER A 740 10.90 -2.67 -12.03
CA SER A 740 11.03 -2.92 -10.60
C SER A 740 11.98 -1.93 -9.96
N GLU A 741 13.07 -1.61 -10.65
CA GLU A 741 14.03 -0.63 -10.13
C GLU A 741 13.39 0.73 -9.94
N VAL A 742 12.65 1.20 -10.95
CA VAL A 742 12.08 2.54 -10.82
C VAL A 742 10.91 2.55 -9.86
N THR A 743 10.15 1.45 -9.76
CA THR A 743 9.13 1.38 -8.71
C THR A 743 9.77 1.34 -7.33
N THR A 744 10.95 0.73 -7.21
CA THR A 744 11.69 0.77 -5.96
C THR A 744 12.08 2.20 -5.60
N CYS A 745 12.58 2.94 -6.58
CA CYS A 745 12.90 4.35 -6.35
C CYS A 745 11.66 5.14 -5.97
N PHE A 746 10.54 4.85 -6.62
CA PHE A 746 9.29 5.54 -6.31
C PHE A 746 8.82 5.25 -4.89
N PHE A 747 8.94 4.00 -4.46
CA PHE A 747 8.47 3.59 -3.14
C PHE A 747 9.46 3.92 -2.04
N LEU A 748 10.67 4.36 -2.39
CA LEU A 748 11.58 4.91 -1.39
C LEU A 748 11.08 6.24 -0.84
N PHE A 749 10.08 6.84 -1.47
CA PHE A 749 9.49 8.07 -0.99
C PHE A 749 8.21 7.73 -0.25
N GLU A 750 8.12 8.12 1.01
CA GLU A 750 6.98 7.76 1.83
C GLU A 750 5.72 8.44 1.32
N LYS A 751 4.58 7.78 1.55
CA LYS A 751 3.30 8.36 1.18
C LYS A 751 3.01 9.58 2.04
N GLY A 752 2.37 10.58 1.45
CA GLY A 752 2.03 11.78 2.17
C GLY A 752 3.07 12.87 2.15
N LEU A 753 4.00 12.86 1.18
CA LEU A 753 5.14 13.77 1.17
C LEU A 753 4.65 15.00 0.51
N HIS A 754 3.33 15.10 0.32
CA HIS A 754 2.70 16.26 -0.38
C HIS A 754 2.52 17.45 0.55
N GLY A 755 2.02 18.58 0.02
CA GLY A 755 1.73 19.76 0.86
C GLY A 755 0.48 19.57 1.68
N ASN A 756 0.38 20.26 2.82
CA ASN A 756 -0.79 20.10 3.73
C ASN A 756 -2.09 20.53 3.03
N MET A 757 -2.10 21.72 2.40
CA MET A 757 -3.29 22.23 1.76
C MET A 757 -3.13 22.42 0.26
N ASN A 758 -1.91 22.36 -0.25
CA ASN A 758 -1.70 22.44 -1.70
C ASN A 758 -2.32 21.24 -2.40
N GLU A 759 -2.14 20.04 -1.84
CA GLU A 759 -2.76 18.84 -2.39
C GLU A 759 -4.09 18.49 -1.74
N GLU A 760 -4.46 19.15 -0.64
CA GLU A 760 -5.81 19.00 -0.13
C GLU A 760 -6.81 19.72 -0.99
N ALA A 761 -6.39 20.74 -1.73
CA ALA A 761 -7.27 21.38 -2.69
C ALA A 761 -7.29 20.61 -4.01
N LYS A 762 -6.15 20.09 -4.44
CA LYS A 762 -6.02 19.49 -5.76
C LYS A 762 -6.92 18.27 -5.94
N ILE A 763 -7.33 17.61 -4.86
CA ILE A 763 -8.23 16.47 -4.98
C ILE A 763 -9.60 16.93 -5.47
N HIS A 764 -10.00 18.15 -5.11
CA HIS A 764 -11.34 18.63 -5.48
C HIS A 764 -11.40 19.03 -6.95
N LEU A 765 -10.36 19.69 -7.47
CA LEU A 765 -10.42 20.20 -8.84
C LEU A 765 -10.66 19.09 -9.85
N GLU A 766 -9.97 17.95 -9.67
CA GLU A 766 -10.16 16.82 -10.57
C GLU A 766 -11.62 16.37 -10.58
N THR A 767 -12.31 16.46 -9.44
CA THR A 767 -13.73 16.18 -9.40
C THR A 767 -14.54 17.33 -9.97
N VAL A 768 -14.10 18.56 -9.74
CA VAL A 768 -14.92 19.73 -10.08
C VAL A 768 -15.09 19.86 -11.58
N GLU A 769 -13.99 19.77 -12.32
CA GLU A 769 -14.04 20.03 -13.77
C GLU A 769 -14.98 19.07 -14.47
N TRP A 770 -14.94 17.79 -14.11
CA TRP A 770 -15.84 16.82 -14.71
C TRP A 770 -17.26 16.97 -14.21
N ALA A 771 -17.45 17.55 -13.03
CA ALA A 771 -18.79 17.95 -12.64
C ALA A 771 -19.24 19.20 -13.38
N LEU A 772 -18.30 19.94 -13.98
CA LEU A 772 -18.61 21.07 -14.83
C LEU A 772 -18.66 20.68 -16.30
N LYS A 773 -17.74 19.80 -16.73
CA LYS A 773 -17.81 19.28 -18.08
C LYS A 773 -19.13 18.55 -18.33
N PHE A 774 -19.65 17.88 -17.30
CA PHE A 774 -20.99 17.30 -17.41
C PHE A 774 -22.04 18.39 -17.58
N ARG A 775 -21.90 19.50 -16.85
CA ARG A 775 -22.86 20.58 -16.96
C ARG A 775 -22.84 21.21 -18.35
N GLU A 776 -21.65 21.42 -18.90
CA GLU A 776 -21.55 21.91 -20.27
C GLU A 776 -22.10 20.90 -21.27
N LYS A 777 -21.86 19.61 -21.02
CA LYS A 777 -22.45 18.57 -21.86
C LYS A 777 -23.96 18.55 -21.74
N GLU A 778 -24.49 18.71 -20.53
CA GLU A 778 -25.93 18.72 -20.34
C GLU A 778 -26.58 19.91 -21.01
N GLU A 779 -25.96 21.10 -20.88
CA GLU A 779 -26.50 22.29 -21.53
C GLU A 779 -26.49 22.16 -23.04
N LYS A 780 -25.38 21.65 -23.60
CA LYS A 780 -25.24 21.56 -25.04
C LYS A 780 -26.21 20.54 -25.63
N TYR A 781 -26.40 19.41 -24.95
CA TYR A 781 -27.16 18.30 -25.51
C TYR A 781 -28.54 18.10 -24.88
N GLY A 782 -28.92 18.93 -23.92
CA GLY A 782 -30.31 18.98 -23.46
C GLY A 782 -30.62 18.29 -22.16
N GLU A 783 -29.64 17.69 -21.47
CA GLU A 783 -29.80 17.13 -20.13
C GLU A 783 -30.62 15.85 -20.16
N SER A 784 -31.19 15.51 -21.32
CA SER A 784 -31.85 14.23 -21.54
C SER A 784 -31.05 13.31 -22.42
N LEU A 785 -30.40 13.86 -23.44
CA LEU A 785 -29.42 13.07 -24.20
C LEU A 785 -28.29 12.61 -23.30
N VAL A 786 -27.84 13.47 -22.39
CA VAL A 786 -26.74 13.11 -21.49
C VAL A 786 -27.20 12.07 -20.48
N GLU A 787 -28.40 12.21 -19.91
CA GLU A 787 -28.80 11.29 -18.82
C GLU A 787 -29.47 10.04 -19.31
N ASN A 788 -30.52 10.15 -20.12
CA ASN A 788 -31.15 8.95 -20.64
C ASN A 788 -30.29 8.26 -21.68
N GLY A 789 -29.43 9.01 -22.37
CA GLY A 789 -28.53 8.44 -23.34
C GLY A 789 -28.95 8.72 -24.77
N TYR A 790 -27.98 8.92 -25.66
CA TYR A 790 -28.30 9.16 -27.07
C TYR A 790 -28.40 7.84 -27.82
N MET A 791 -29.13 7.89 -28.93
CA MET A 791 -29.34 6.72 -29.77
C MET A 791 -28.30 6.68 -30.88
N MET A 792 -28.34 5.58 -31.64
CA MET A 792 -27.35 5.39 -32.70
C MET A 792 -27.50 6.41 -33.82
N TRP A 793 -28.75 6.70 -34.21
CA TRP A 793 -28.97 7.67 -35.28
C TRP A 793 -28.50 9.05 -34.85
N GLU A 794 -28.65 9.40 -33.57
CA GLU A 794 -28.12 10.66 -33.08
C GLU A 794 -26.60 10.69 -33.21
N LEU A 795 -25.94 9.58 -32.88
CA LEU A 795 -24.48 9.51 -32.99
C LEU A 795 -24.04 9.66 -34.44
N ARG A 796 -24.72 8.99 -35.36
CA ARG A 796 -24.39 9.12 -36.78
C ARG A 796 -24.59 10.55 -37.26
N ALA A 797 -25.67 11.19 -36.81
CA ALA A 797 -25.93 12.57 -37.21
C ALA A 797 -24.87 13.52 -36.68
N ASN A 798 -24.44 13.33 -35.43
CA ASN A 798 -23.51 14.26 -34.78
C ASN A 798 -22.05 13.84 -34.94
N ALA A 799 -21.72 12.64 -34.47
CA ALA A 799 -20.39 12.02 -34.46
C ALA A 799 -19.47 12.66 -33.41
N GLU A 800 -19.88 13.75 -32.76
CA GLU A 800 -19.20 14.27 -31.58
C GLU A 800 -19.77 13.70 -30.30
N LEU A 801 -20.87 12.95 -30.39
CA LEU A 801 -21.50 12.34 -29.23
C LEU A 801 -20.66 11.21 -28.65
N ALA A 802 -19.79 10.60 -29.46
CA ALA A 802 -18.89 9.55 -28.98
C ALA A 802 -17.77 10.20 -28.17
N GLU A 803 -18.18 10.75 -27.03
CA GLU A 803 -17.27 11.46 -26.13
C GLU A 803 -17.60 11.02 -24.72
N GLN A 804 -16.62 11.20 -23.82
CA GLN A 804 -16.80 10.81 -22.44
C GLN A 804 -17.98 11.57 -21.82
N GLN A 805 -18.60 10.94 -20.81
CA GLN A 805 -19.80 11.39 -20.12
C GLN A 805 -21.05 11.28 -20.98
N LEU A 806 -20.93 10.81 -22.21
CA LEU A 806 -22.07 10.54 -23.07
C LEU A 806 -22.03 9.06 -23.46
N TYR A 807 -23.15 8.38 -23.34
CA TYR A 807 -23.23 6.96 -23.63
C TYR A 807 -24.35 6.70 -24.61
N CYS A 808 -24.09 5.81 -25.57
CA CYS A 808 -25.08 5.45 -26.58
C CYS A 808 -26.06 4.45 -25.99
N GLN A 809 -27.35 4.79 -26.01
CA GLN A 809 -28.36 3.89 -25.48
C GLN A 809 -28.35 2.54 -26.18
N ASP A 810 -28.27 2.56 -27.51
CA ASP A 810 -28.23 1.32 -28.26
C ASP A 810 -26.98 0.52 -27.92
N ALA A 811 -25.83 1.20 -27.78
CA ALA A 811 -24.61 0.50 -27.41
C ALA A 811 -24.71 -0.11 -26.02
N ILE A 812 -25.35 0.59 -25.08
CA ILE A 812 -25.48 0.07 -23.73
C ILE A 812 -26.38 -1.17 -23.74
N GLU A 813 -27.52 -1.09 -24.44
CA GLU A 813 -28.41 -2.24 -24.53
C GLU A 813 -27.73 -3.42 -25.21
N LEU A 814 -26.97 -3.15 -26.26
CA LEU A 814 -26.27 -4.24 -26.95
C LEU A 814 -25.17 -4.85 -26.09
N ALA A 815 -24.47 -4.04 -25.30
CA ALA A 815 -23.49 -4.59 -24.37
C ALA A 815 -24.16 -5.46 -23.33
N ALA A 816 -25.31 -5.01 -22.82
CA ALA A 816 -26.08 -5.86 -21.91
C ALA A 816 -26.51 -7.14 -22.60
N ILE A 817 -26.84 -7.08 -23.89
CA ILE A 817 -27.22 -8.28 -24.63
C ILE A 817 -26.05 -9.24 -24.75
N GLU A 818 -24.85 -8.73 -25.05
CA GLU A 818 -23.69 -9.62 -25.16
C GLU A 818 -23.31 -10.21 -23.81
N LEU A 819 -23.50 -9.45 -22.73
CA LEU A 819 -23.30 -10.04 -21.41
C LEU A 819 -24.37 -11.06 -21.09
N ASN A 820 -25.60 -10.83 -21.54
CA ASN A 820 -26.66 -11.81 -21.37
C ASN A 820 -26.37 -13.09 -22.15
N LYS A 821 -25.66 -12.98 -23.26
CA LYS A 821 -25.28 -14.17 -24.03
C LYS A 821 -24.46 -15.14 -23.19
N VAL A 822 -23.82 -14.66 -22.13
CA VAL A 822 -23.13 -15.51 -21.17
C VAL A 822 -23.99 -15.77 -19.94
N LEU A 823 -24.69 -14.74 -19.46
CA LEU A 823 -25.46 -14.87 -18.23
C LEU A 823 -26.59 -15.88 -18.36
N ALA A 824 -27.36 -15.80 -19.45
CA ALA A 824 -28.51 -16.69 -19.63
C ALA A 824 -28.10 -18.14 -19.69
N THR A 825 -26.82 -18.44 -19.97
CA THR A 825 -26.35 -19.81 -19.87
C THR A 825 -26.43 -20.33 -18.44
N LYS A 826 -26.05 -19.50 -17.47
CA LYS A 826 -26.01 -19.88 -16.06
C LYS A 826 -27.02 -19.11 -15.23
N SER A 827 -28.11 -18.65 -15.84
CA SER A 827 -29.18 -17.92 -15.17
C SER A 827 -29.52 -18.47 -13.78
N SER A 828 -29.54 -19.79 -13.62
CA SER A 828 -29.82 -20.36 -12.30
C SER A 828 -28.75 -19.97 -11.29
N VAL A 829 -27.47 -20.10 -11.68
CA VAL A 829 -26.38 -19.71 -10.79
C VAL A 829 -26.41 -18.21 -10.53
N VAL A 830 -26.75 -17.43 -11.55
CA VAL A 830 -26.82 -15.97 -11.39
C VAL A 830 -27.89 -15.61 -10.37
N ALA A 831 -29.06 -16.26 -10.48
CA ALA A 831 -30.14 -15.99 -9.52
C ALA A 831 -29.76 -16.44 -8.12
N ASN A 832 -29.09 -17.58 -8.00
CA ASN A 832 -28.66 -18.04 -6.68
C ASN A 832 -27.66 -17.06 -6.07
N SER A 833 -26.73 -16.55 -6.87
CA SER A 833 -25.77 -15.57 -6.37
C SER A 833 -26.48 -14.28 -5.97
N ILE A 834 -27.44 -13.79 -6.73
CA ILE A 834 -28.09 -12.49 -6.40
C ILE A 834 -28.90 -12.64 -5.12
N LEU A 835 -29.69 -13.70 -4.97
CA LEU A 835 -30.58 -13.87 -3.78
C LEU A 835 -29.75 -14.28 -2.57
N SER A 836 -28.51 -14.70 -2.78
CA SER A 836 -27.57 -15.00 -1.68
C SER A 836 -27.22 -13.73 -0.93
N LYS A 837 -27.10 -12.61 -1.63
CA LYS A 837 -26.62 -11.35 -1.08
C LYS A 837 -27.60 -10.83 -0.05
N ASN A 838 -27.21 -9.83 0.70
CA ASN A 838 -28.01 -9.41 1.86
C ASN A 838 -29.20 -8.54 1.53
N TRP A 839 -30.21 -9.11 0.88
CA TRP A 839 -31.40 -8.33 0.45
C TRP A 839 -32.45 -8.37 1.56
N GLU A 840 -32.77 -9.54 2.08
CA GLU A 840 -33.67 -9.62 3.21
C GLU A 840 -32.95 -9.77 4.53
N GLU A 841 -31.64 -9.99 4.50
CA GLU A 841 -30.87 -10.00 5.73
C GLU A 841 -30.78 -8.59 6.30
N PRO A 842 -30.81 -8.45 7.62
CA PRO A 842 -30.84 -7.11 8.22
C PRO A 842 -29.61 -6.28 7.87
N TYR A 843 -29.83 -4.99 7.73
CA TYR A 843 -28.76 -4.02 7.61
C TYR A 843 -28.15 -3.79 9.00
N PHE A 844 -26.91 -3.29 9.00
CA PHE A 844 -26.13 -3.10 10.23
C PHE A 844 -25.82 -4.43 10.91
N SER A 845 -26.04 -5.55 10.22
CA SER A 845 -25.65 -6.84 10.75
C SER A 845 -24.45 -7.35 9.96
N GLN A 846 -24.29 -6.83 8.75
CA GLN A 846 -23.07 -7.07 8.00
C GLN A 846 -21.95 -6.20 8.56
N THR A 847 -20.73 -6.72 8.52
CA THR A 847 -19.60 -6.03 9.14
C THR A 847 -19.33 -4.69 8.48
N ARG A 848 -19.64 -4.54 7.20
CA ARG A 848 -19.38 -3.28 6.52
C ARG A 848 -20.23 -2.15 7.10
N ASN A 849 -21.48 -2.43 7.45
CA ASN A 849 -22.39 -1.40 7.91
C ASN A 849 -22.20 -1.04 9.38
N ILE A 850 -21.33 -1.75 10.10
CA ILE A 850 -21.02 -1.43 11.48
C ILE A 850 -19.52 -1.20 11.71
N SER A 851 -18.72 -1.16 10.64
CA SER A 851 -17.28 -1.03 10.77
C SER A 851 -16.91 0.34 11.34
N LEU A 852 -15.61 0.53 11.55
CA LEU A 852 -15.08 1.80 12.01
C LEU A 852 -14.61 2.71 10.89
N LYS A 853 -14.71 2.26 9.64
CA LYS A 853 -14.36 3.11 8.51
C LYS A 853 -15.25 4.35 8.51
N GLY A 854 -14.65 5.51 8.30
CA GLY A 854 -15.39 6.74 8.39
C GLY A 854 -16.46 6.84 7.32
N MET A 855 -17.58 7.47 7.68
CA MET A 855 -18.59 7.87 6.72
C MET A 855 -19.00 9.30 7.05
N SER A 856 -19.97 9.82 6.31
CA SER A 856 -20.43 11.17 6.52
C SER A 856 -21.84 11.15 7.11
N GLY A 857 -22.11 12.12 7.97
CA GLY A 857 -23.40 12.18 8.62
C GLY A 857 -24.36 13.08 7.86
N GLN A 858 -24.68 14.23 8.44
CA GLN A 858 -25.58 15.19 7.82
C GLN A 858 -24.87 16.53 7.68
N VAL A 859 -25.54 17.46 7.00
CA VAL A 859 -25.02 18.81 6.85
C VAL A 859 -25.13 19.51 8.20
N GLN A 860 -23.99 19.92 8.75
CA GLN A 860 -23.97 20.58 10.04
C GLN A 860 -24.40 22.03 9.91
N GLU A 861 -24.61 22.67 11.06
CA GLU A 861 -24.99 24.09 11.07
C GLU A 861 -23.93 24.95 10.41
N ASP A 862 -22.66 24.55 10.51
CA ASP A 862 -21.60 25.27 9.80
C ASP A 862 -21.75 25.16 8.29
N GLY A 863 -22.50 24.15 7.81
CA GLY A 863 -22.73 23.95 6.40
C GLY A 863 -21.91 22.84 5.78
N HIS A 864 -20.84 22.41 6.45
CA HIS A 864 -20.03 21.33 5.92
C HIS A 864 -20.68 19.98 6.22
N LEU A 865 -20.11 18.93 5.64
CA LEU A 865 -20.60 17.59 5.90
C LEU A 865 -19.96 17.04 7.16
N SER A 866 -20.78 16.50 8.06
CA SER A 866 -20.26 15.92 9.29
C SER A 866 -19.45 14.67 8.97
N SER A 867 -18.27 14.57 9.57
CA SER A 867 -17.39 13.42 9.39
C SER A 867 -17.55 12.54 10.62
N SER A 868 -18.23 11.41 10.46
CA SER A 868 -18.50 10.50 11.56
C SER A 868 -17.99 9.11 11.18
N VAL A 869 -18.33 8.14 12.00
CA VAL A 869 -17.90 6.76 11.78
C VAL A 869 -19.09 5.97 11.25
N THR A 870 -18.80 4.88 10.54
CA THR A 870 -19.88 4.03 10.03
C THR A 870 -20.70 3.46 11.19
N ILE A 871 -20.03 3.01 12.24
CA ILE A 871 -20.74 2.46 13.39
C ILE A 871 -21.57 3.52 14.07
N ILE A 872 -21.09 4.76 14.11
CA ILE A 872 -21.84 5.83 14.76
C ILE A 872 -23.16 6.08 14.04
N GLU A 873 -23.13 6.14 12.70
CA GLU A 873 -24.36 6.31 11.95
C GLU A 873 -25.26 5.10 12.08
N ALA A 874 -24.67 3.89 12.12
CA ALA A 874 -25.45 2.69 12.36
C ALA A 874 -26.22 2.78 13.67
N ILE A 875 -25.52 3.15 14.74
CA ILE A 875 -26.15 3.25 16.06
C ILE A 875 -27.20 4.35 16.06
N ARG A 876 -26.93 5.46 15.37
CA ARG A 876 -27.90 6.54 15.32
C ARG A 876 -29.21 6.09 14.66
N TYR A 877 -29.11 5.45 13.50
CA TYR A 877 -30.32 4.99 12.83
C TYR A 877 -31.03 3.91 13.63
N LEU A 878 -30.26 3.01 14.26
CA LEU A 878 -30.86 1.96 15.07
C LEU A 878 -31.60 2.55 16.27
N SER A 879 -31.02 3.57 16.90
CA SER A 879 -31.69 4.22 18.03
C SER A 879 -32.95 4.94 17.57
N ASN A 880 -32.91 5.57 16.40
CA ASN A 880 -34.06 6.30 15.87
C ASN A 880 -34.99 5.40 15.06
N SER A 881 -34.96 4.09 15.29
CA SER A 881 -35.86 3.16 14.62
C SER A 881 -36.30 2.10 15.60
N ARG A 882 -37.51 1.56 15.37
CA ARG A 882 -38.09 0.55 16.24
C ARG A 882 -37.79 -0.86 15.79
N HIS A 883 -37.03 -1.04 14.71
CA HIS A 883 -36.72 -2.36 14.20
C HIS A 883 -35.40 -2.30 13.43
N ASN A 884 -34.78 -3.46 13.23
CA ASN A 884 -33.57 -3.54 12.43
C ASN A 884 -33.98 -3.71 10.97
N PRO A 885 -33.70 -2.76 10.10
CA PRO A 885 -34.18 -2.86 8.72
C PRO A 885 -33.26 -3.72 7.87
N SER A 886 -33.86 -4.38 6.88
CA SER A 886 -33.09 -5.07 5.87
C SER A 886 -32.52 -4.07 4.88
N LEU A 887 -31.70 -4.57 3.96
CA LEU A 887 -31.11 -3.70 2.95
C LEU A 887 -32.19 -3.05 2.09
N LEU A 888 -33.16 -3.84 1.63
CA LEU A 888 -34.23 -3.28 0.81
C LEU A 888 -35.11 -2.33 1.61
N LYS A 889 -35.44 -2.69 2.85
CA LYS A 889 -36.30 -1.81 3.65
C LYS A 889 -35.59 -0.50 4.01
N LEU A 890 -34.30 -0.59 4.36
CA LEU A 890 -33.55 0.63 4.64
C LEU A 890 -33.43 1.48 3.38
N TYR A 891 -33.28 0.85 2.21
CA TYR A 891 -33.29 1.62 0.98
C TYR A 891 -34.64 2.30 0.76
N GLU A 892 -35.73 1.61 1.05
CA GLU A 892 -37.05 2.21 0.94
C GLU A 892 -37.16 3.44 1.83
N GLU A 893 -36.69 3.33 3.06
CA GLU A 893 -36.79 4.44 4.00
C GLU A 893 -35.78 5.55 3.73
N THR A 894 -34.73 5.26 2.98
CA THR A 894 -33.64 6.19 2.73
C THR A 894 -33.32 6.29 1.24
N ARG A 895 -34.35 6.44 0.42
CA ARG A 895 -34.16 6.68 -1.00
C ARG A 895 -34.41 8.12 -1.42
N GLU A 896 -35.07 8.89 -0.60
CA GLU A 896 -35.36 10.24 -1.09
C GLU A 896 -34.32 11.22 -0.57
N GLN A 897 -33.45 10.79 0.35
CA GLN A 897 -32.37 11.66 0.87
C GLN A 897 -31.38 11.80 -0.27
N LYS A 898 -30.53 12.81 -0.34
CA LYS A 898 -29.68 12.87 -1.54
C LYS A 898 -28.39 12.17 -1.21
N ALA A 899 -27.69 11.68 -2.21
CA ALA A 899 -26.39 11.04 -1.98
C ALA A 899 -25.31 12.04 -1.58
N MET A 900 -25.34 12.57 -0.37
CA MET A 900 -24.28 13.48 0.08
C MET A 900 -22.93 12.78 0.05
N ALA A 901 -21.86 13.58 -0.01
CA ALA A 901 -20.52 13.03 -0.09
C ALA A 901 -19.49 14.08 0.32
N ARG A 902 -18.29 13.61 0.58
CA ARG A 902 -17.15 14.44 0.96
C ARG A 902 -15.89 13.71 0.56
N ILE A 903 -14.88 14.45 0.10
CA ILE A 903 -13.65 13.85 -0.39
C ILE A 903 -12.54 14.10 0.63
N VAL A 904 -11.74 13.06 0.87
CA VAL A 904 -10.65 13.09 1.83
C VAL A 904 -9.43 12.44 1.18
N ARG A 905 -8.25 13.02 1.42
CA ARG A 905 -7.04 12.57 0.77
C ARG A 905 -6.67 11.17 1.25
N LYS A 906 -6.53 10.25 0.32
CA LYS A 906 -5.82 9.01 0.58
C LYS A 906 -4.33 9.32 0.44
N TYR A 907 -3.61 9.34 1.55
CA TYR A 907 -2.23 9.84 1.54
C TYR A 907 -1.38 8.85 0.76
N GLN A 908 -1.14 9.17 -0.51
CA GLN A 908 -0.42 8.33 -1.44
C GLN A 908 0.96 8.94 -1.72
N ARG A 909 1.76 8.20 -2.49
CA ARG A 909 3.04 8.70 -2.97
C ARG A 909 2.95 9.20 -4.40
N THR A 910 1.76 9.30 -4.92
CA THR A 910 1.56 9.66 -6.34
C THR A 910 2.02 11.10 -6.48
N GLU A 911 2.23 11.60 -7.68
CA GLU A 911 2.55 13.04 -7.82
C GLU A 911 1.36 13.81 -7.36
N ALA A 912 0.18 13.31 -7.65
CA ALA A 912 -1.04 14.05 -7.34
C ALA A 912 -1.85 13.21 -6.41
N ASP A 913 -2.16 13.71 -5.23
CA ASP A 913 -2.87 12.86 -4.29
C ASP A 913 -4.26 12.54 -4.79
N ARG A 914 -4.62 11.26 -4.75
CA ARG A 914 -5.94 10.80 -5.19
C ARG A 914 -6.82 10.74 -3.95
N GLY A 915 -7.59 11.80 -3.72
CA GLY A 915 -8.56 11.78 -2.64
C GLY A 915 -9.79 10.99 -3.04
N PHE A 916 -10.31 10.24 -2.08
CA PHE A 916 -11.48 9.41 -2.32
C PHE A 916 -12.66 9.92 -1.51
N PHE A 917 -13.85 9.55 -1.95
CA PHE A 917 -15.07 10.14 -1.43
C PHE A 917 -15.59 9.36 -0.23
N ILE A 918 -16.31 10.06 0.62
CA ILE A 918 -16.91 9.50 1.83
C ILE A 918 -18.40 9.75 1.78
N THR A 919 -19.19 8.68 1.71
CA THR A 919 -20.62 8.74 1.45
C THR A 919 -21.41 8.57 2.73
N THR A 920 -22.57 9.24 2.79
CA THR A 920 -23.44 9.13 3.94
C THR A 920 -24.16 7.79 3.94
N LEU A 921 -24.99 7.56 4.96
CA LEU A 921 -25.64 6.26 5.11
C LEU A 921 -26.59 5.93 3.97
N PRO A 922 -27.52 6.80 3.55
CA PRO A 922 -28.38 6.44 2.40
C PRO A 922 -27.59 6.19 1.13
N THR A 923 -26.52 6.97 0.89
CA THR A 923 -25.69 6.71 -0.26
C THR A 923 -25.01 5.35 -0.14
N ARG A 924 -24.59 4.99 1.07
CA ARG A 924 -23.98 3.68 1.27
C ARG A 924 -24.98 2.57 1.00
N CYS A 925 -26.24 2.74 1.42
CA CYS A 925 -27.23 1.69 1.17
C CYS A 925 -27.55 1.56 -0.32
N ARG A 926 -27.72 2.65 -1.06
CA ARG A 926 -27.86 2.63 -2.53
C ARG A 926 -26.68 1.91 -3.09
N LEU A 927 -25.47 2.37 -2.86
CA LEU A 927 -24.29 1.77 -3.47
C LEU A 927 -24.14 0.30 -3.08
N GLU A 928 -24.60 -0.06 -1.89
CA GLU A 928 -24.52 -1.46 -1.47
C GLU A 928 -25.52 -2.32 -2.22
N ILE A 929 -26.72 -1.80 -2.46
CA ILE A 929 -27.67 -2.52 -3.30
C ILE A 929 -27.07 -2.74 -4.68
N ILE A 930 -26.53 -1.68 -5.28
CA ILE A 930 -25.99 -1.78 -6.64
C ILE A 930 -24.80 -2.73 -6.66
N GLU A 931 -23.91 -2.62 -5.67
CA GLU A 931 -22.68 -3.40 -5.66
C GLU A 931 -22.95 -4.86 -5.34
N ASP A 932 -23.93 -5.14 -4.47
CA ASP A 932 -24.33 -6.53 -4.24
C ASP A 932 -24.91 -7.15 -5.50
N TYR A 933 -25.81 -6.42 -6.16
CA TYR A 933 -26.38 -6.92 -7.42
C TYR A 933 -25.29 -7.20 -8.44
N TYR A 934 -24.38 -6.25 -8.64
CA TYR A 934 -23.38 -6.33 -9.67
C TYR A 934 -22.14 -7.10 -9.25
N ASP A 935 -22.07 -7.55 -8.00
CA ASP A 935 -21.08 -8.53 -7.59
C ASP A 935 -21.62 -9.94 -7.75
N ALA A 936 -22.90 -10.13 -7.45
CA ALA A 936 -23.53 -11.41 -7.75
C ALA A 936 -23.51 -11.68 -9.25
N ILE A 937 -23.83 -10.66 -10.05
CA ILE A 937 -23.84 -10.85 -11.50
C ILE A 937 -22.42 -10.99 -12.04
N ALA A 938 -21.49 -10.20 -11.51
CA ALA A 938 -20.14 -10.20 -12.08
C ALA A 938 -19.35 -11.46 -11.73
N LYS A 939 -19.66 -12.10 -10.61
CA LYS A 939 -18.93 -13.30 -10.22
C LYS A 939 -19.12 -14.44 -11.20
N ASN A 940 -20.15 -14.37 -12.04
CA ASN A 940 -20.49 -15.47 -12.94
C ASN A 940 -19.83 -15.37 -14.30
N ILE A 941 -19.13 -14.27 -14.60
CA ILE A 941 -18.46 -14.12 -15.87
C ILE A 941 -16.95 -14.02 -15.64
N SER A 942 -16.18 -14.55 -16.57
CA SER A 942 -14.75 -14.76 -16.36
C SER A 942 -13.89 -13.58 -16.79
N GLU A 943 -14.35 -12.75 -17.71
CA GLU A 943 -13.58 -11.61 -18.19
C GLU A 943 -13.74 -10.39 -17.30
N GLU A 944 -14.34 -10.55 -16.13
CA GLU A 944 -14.52 -9.48 -15.15
C GLU A 944 -13.70 -9.82 -13.91
N TYR A 945 -12.84 -8.90 -13.48
CA TYR A 945 -11.76 -9.25 -12.56
C TYR A 945 -11.87 -8.66 -11.17
N ILE A 946 -12.64 -7.59 -10.97
CA ILE A 946 -12.78 -7.07 -9.61
C ILE A 946 -13.61 -8.02 -8.76
N SER A 947 -14.30 -8.97 -9.38
CA SER A 947 -15.03 -10.01 -8.66
C SER A 947 -14.14 -11.16 -8.21
N TYR A 948 -12.93 -11.27 -8.74
CA TYR A 948 -12.02 -12.32 -8.31
C TYR A 948 -11.49 -12.03 -6.92
N GLY A 949 -10.77 -12.99 -6.36
CA GLY A 949 -10.31 -12.88 -4.99
C GLY A 949 -8.85 -12.54 -4.81
N GLY A 950 -8.58 -11.30 -4.40
CA GLY A 950 -7.23 -10.90 -4.06
C GLY A 950 -6.23 -11.15 -5.17
N GLU A 951 -5.35 -12.13 -4.95
CA GLU A 951 -4.36 -12.47 -5.96
C GLU A 951 -4.84 -13.55 -6.93
N LYS A 952 -6.04 -14.11 -6.74
CA LYS A 952 -6.58 -14.97 -7.78
C LYS A 952 -6.89 -14.21 -9.05
N LYS A 953 -6.93 -12.88 -8.99
CA LYS A 953 -6.97 -12.09 -10.22
C LYS A 953 -5.70 -12.32 -11.04
N ILE A 954 -4.55 -12.45 -10.35
CA ILE A 954 -3.30 -12.74 -11.05
C ILE A 954 -3.36 -14.09 -11.74
N LEU A 955 -3.91 -15.10 -11.06
CA LEU A 955 -4.08 -16.41 -11.70
C LEU A 955 -5.05 -16.32 -12.88
N ALA A 956 -6.12 -15.55 -12.74
CA ALA A 956 -7.09 -15.43 -13.82
C ALA A 956 -6.46 -14.79 -15.04
N ILE A 957 -5.73 -13.68 -14.85
CA ILE A 957 -5.10 -13.01 -15.98
C ILE A 957 -3.96 -13.86 -16.54
N GLN A 958 -3.28 -14.63 -15.68
CA GLN A 958 -2.26 -15.55 -16.17
C GLN A 958 -2.88 -16.60 -17.08
N GLY A 959 -4.02 -17.15 -16.68
CA GLY A 959 -4.71 -18.12 -17.54
C GLY A 959 -5.20 -17.50 -18.83
N ALA A 960 -5.69 -16.26 -18.76
CA ALA A 960 -6.12 -15.55 -19.96
C ALA A 960 -4.96 -15.38 -20.93
N LEU A 961 -3.80 -14.95 -20.42
CA LEU A 961 -2.63 -14.80 -21.27
C LEU A 961 -2.13 -16.14 -21.78
N GLU A 962 -2.22 -17.19 -20.95
CA GLU A 962 -1.81 -18.51 -21.42
C GLU A 962 -2.66 -18.97 -22.59
N LYS A 963 -3.98 -18.78 -22.49
CA LYS A 963 -4.82 -19.09 -23.64
C LYS A 963 -4.54 -18.15 -24.81
N ALA A 964 -4.09 -16.93 -24.52
CA ALA A 964 -3.76 -15.98 -25.58
C ALA A 964 -2.59 -16.47 -26.42
N LEU A 965 -1.47 -16.81 -25.77
CA LEU A 965 -0.35 -17.35 -26.55
C LEU A 965 -0.62 -18.78 -27.01
N ARG A 966 -1.58 -19.47 -26.40
CA ARG A 966 -2.01 -20.76 -26.94
C ARG A 966 -2.67 -20.58 -28.31
N TRP A 967 -3.51 -19.55 -28.45
CA TRP A 967 -4.08 -19.25 -29.75
C TRP A 967 -3.03 -18.75 -30.73
N ALA A 968 -2.12 -17.89 -30.28
CA ALA A 968 -1.08 -17.37 -31.17
C ALA A 968 -0.17 -18.49 -31.66
N SER A 969 -0.11 -19.60 -30.91
CA SER A 969 0.66 -20.77 -31.32
C SER A 969 -0.14 -21.49 -32.40
N GLY A 970 -0.19 -20.90 -33.58
CA GLY A 970 -0.93 -21.46 -34.68
C GLY A 970 -0.93 -20.51 -35.86
N GLU A 971 -1.38 -21.02 -36.99
CA GLU A 971 -1.47 -20.24 -38.23
C GLU A 971 -2.93 -20.20 -38.66
N SER A 972 -3.48 -18.99 -38.77
CA SER A 972 -4.87 -18.84 -39.18
C SER A 972 -5.01 -19.02 -40.68
N PHE A 973 -6.18 -19.46 -41.10
CA PHE A 973 -6.48 -19.70 -42.51
C PHE A 973 -7.70 -18.90 -42.92
N ILE A 974 -7.58 -18.14 -44.02
CA ILE A 974 -8.73 -17.34 -44.53
C ILE A 974 -9.34 -18.12 -45.71
N GLU A 975 -10.66 -18.21 -45.77
CA GLU A 975 -11.29 -19.02 -46.85
C GLU A 975 -11.69 -18.10 -48.01
N LEU A 976 -11.08 -18.30 -49.18
CA LEU A 976 -11.41 -17.50 -50.38
C LEU A 976 -12.65 -18.06 -51.06
N SER A 977 -13.22 -17.34 -52.03
CA SER A 977 -14.37 -17.89 -52.81
C SER A 977 -13.86 -19.13 -53.55
N ASN A 978 -12.61 -19.09 -54.02
CA ASN A 978 -11.99 -20.26 -54.71
C ASN A 978 -11.69 -21.35 -53.68
N HIS A 979 -11.80 -21.04 -52.38
CA HIS A 979 -11.53 -22.01 -51.28
C HIS A 979 -10.03 -22.05 -50.97
N LYS A 980 -9.25 -21.15 -51.57
CA LYS A 980 -7.80 -21.07 -51.25
C LYS A 980 -7.66 -20.66 -49.78
N PHE A 981 -6.73 -21.27 -49.04
CA PHE A 981 -6.59 -20.98 -47.60
C PHE A 981 -5.38 -20.07 -47.35
N ILE A 982 -5.56 -18.75 -47.47
CA ILE A 982 -4.48 -17.82 -47.20
C ILE A 982 -3.99 -18.04 -45.77
N ARG A 983 -2.69 -18.30 -45.65
CA ARG A 983 -2.08 -18.56 -44.35
C ARG A 983 -1.63 -17.25 -43.73
N MET A 984 -2.07 -16.99 -42.50
CA MET A 984 -1.77 -15.76 -41.79
C MET A 984 -1.12 -16.10 -40.46
N LYS A 985 -0.01 -15.43 -40.15
CA LYS A 985 0.68 -15.63 -38.89
C LYS A 985 -0.09 -14.91 -37.78
N ARG A 986 -0.50 -15.66 -36.77
CA ARG A 986 -1.21 -15.09 -35.64
C ARG A 986 -0.23 -14.37 -34.73
N LYS A 987 -0.55 -13.13 -34.37
CA LYS A 987 0.30 -12.34 -33.50
C LYS A 987 -0.59 -11.65 -32.47
N LEU A 988 0.00 -11.31 -31.34
CA LEU A 988 -0.73 -10.77 -30.21
C LEU A 988 -0.28 -9.34 -29.95
N MET A 989 -1.25 -8.47 -29.65
CA MET A 989 -0.98 -7.13 -29.18
C MET A 989 -1.63 -6.97 -27.81
N TYR A 990 -0.80 -6.80 -26.79
CA TYR A 990 -1.29 -6.57 -25.44
C TYR A 990 -1.37 -5.07 -25.20
N VAL A 991 -2.57 -4.57 -25.00
CA VAL A 991 -2.80 -3.17 -24.66
C VAL A 991 -3.03 -3.12 -23.16
N SER A 992 -2.03 -2.60 -22.43
CA SER A 992 -2.17 -2.37 -20.99
C SER A 992 -3.03 -1.13 -20.80
N ALA A 993 -4.32 -1.31 -21.03
CA ALA A 993 -5.23 -0.19 -21.11
C ALA A 993 -5.41 0.48 -19.76
N ASP A 994 -5.40 1.81 -19.77
CA ASP A 994 -5.80 2.63 -18.64
C ASP A 994 -6.92 3.55 -19.10
N ALA A 995 -7.82 3.86 -18.19
CA ALA A 995 -8.98 4.68 -18.51
C ALA A 995 -8.73 6.09 -18.01
N THR A 996 -8.84 7.07 -18.90
CA THR A 996 -8.72 8.47 -18.51
C THR A 996 -9.92 8.83 -17.65
N LYS A 997 -9.69 8.97 -16.34
CA LYS A 997 -10.69 9.49 -15.41
C LYS A 997 -11.96 8.63 -15.45
N TRP A 998 -11.77 7.39 -15.03
CA TRP A 998 -12.82 6.38 -15.04
C TRP A 998 -14.06 6.82 -14.27
N SER A 999 -13.92 7.01 -12.96
CA SER A 999 -15.06 7.50 -12.18
C SER A 999 -15.38 8.97 -12.44
N PRO A 1000 -14.43 9.92 -12.37
CA PRO A 1000 -14.77 11.32 -12.65
C PRO A 1000 -14.85 11.55 -14.15
N GLY A 1001 -16.03 11.79 -14.67
CA GLY A 1001 -16.22 11.87 -16.10
C GLY A 1001 -16.87 10.66 -16.70
N ASP A 1002 -17.76 10.01 -15.98
CA ASP A 1002 -18.47 8.85 -16.52
C ASP A 1002 -19.93 9.16 -16.34
N ASN A 1003 -20.76 8.19 -16.59
CA ASN A 1003 -22.20 8.35 -16.38
C ASN A 1003 -22.70 7.15 -15.59
N SER A 1004 -23.28 7.41 -14.42
CA SER A 1004 -23.97 6.33 -13.72
C SER A 1004 -25.15 5.84 -14.52
N ALA A 1005 -25.73 6.70 -15.36
CA ALA A 1005 -26.95 6.35 -16.07
C ALA A 1005 -26.75 5.21 -17.03
N LYS A 1006 -25.52 5.01 -17.53
CA LYS A 1006 -25.27 3.87 -18.41
C LYS A 1006 -25.65 2.57 -17.74
N PHE A 1007 -25.52 2.51 -16.41
CA PHE A 1007 -25.85 1.29 -15.69
C PHE A 1007 -27.35 1.09 -15.59
N ARG A 1008 -28.14 2.14 -15.46
CA ARG A 1008 -29.60 2.03 -15.46
C ARG A 1008 -30.03 1.25 -16.70
N ARG A 1009 -29.69 1.60 -17.92
CA ARG A 1009 -30.08 0.79 -19.09
C ARG A 1009 -29.33 -0.52 -19.06
N PHE A 1010 -28.22 -0.59 -18.35
CA PHE A 1010 -27.52 -1.86 -18.21
C PHE A 1010 -28.33 -2.83 -17.35
N THR A 1011 -28.67 -2.40 -16.13
CA THR A 1011 -29.40 -3.25 -15.20
C THR A 1011 -30.75 -3.66 -15.77
N SER A 1012 -31.46 -2.72 -16.40
CA SER A 1012 -32.76 -3.05 -16.99
C SER A 1012 -32.65 -4.03 -18.13
N MET A 1013 -31.45 -4.25 -18.67
CA MET A 1013 -31.27 -5.19 -19.76
C MET A 1013 -30.31 -6.32 -19.42
N LEU A 1014 -29.78 -6.36 -18.20
CA LEU A 1014 -28.90 -7.44 -17.76
C LEU A 1014 -29.76 -8.54 -17.16
N HIS A 1015 -29.79 -9.69 -17.83
CA HIS A 1015 -30.68 -10.78 -17.43
C HIS A 1015 -30.13 -11.52 -16.21
N ASN A 1016 -31.03 -11.86 -15.30
CA ASN A 1016 -30.72 -12.71 -14.17
C ASN A 1016 -31.83 -13.75 -14.03
N GLY A 1017 -31.50 -14.88 -13.44
CA GLY A 1017 -32.44 -15.98 -13.36
C GLY A 1017 -33.63 -15.74 -12.45
N LEU A 1018 -33.78 -14.53 -11.94
CA LEU A 1018 -34.90 -14.22 -11.07
C LEU A 1018 -36.20 -14.33 -11.86
N PRO A 1019 -37.30 -14.83 -11.26
CA PRO A 1019 -38.56 -14.81 -11.96
C PRO A 1019 -38.99 -13.37 -12.18
N ASN A 1020 -39.20 -12.62 -11.12
CA ASN A 1020 -39.72 -11.24 -11.22
C ASN A 1020 -38.64 -10.26 -11.61
N ASN A 1021 -39.02 -9.02 -11.92
CA ASN A 1021 -38.01 -7.96 -12.20
C ASN A 1021 -38.02 -7.00 -11.01
N LYS A 1022 -38.38 -7.48 -9.82
CA LYS A 1022 -38.52 -6.60 -8.63
C LYS A 1022 -37.17 -6.12 -8.12
N LEU A 1023 -36.22 -7.01 -7.96
CA LEU A 1023 -34.87 -6.64 -7.51
C LEU A 1023 -34.14 -5.84 -8.57
N LYS A 1024 -34.30 -6.21 -9.84
CA LYS A 1024 -33.69 -5.43 -10.92
C LYS A 1024 -34.22 -4.00 -10.92
N ASN A 1025 -35.53 -3.84 -10.71
CA ASN A 1025 -36.11 -2.50 -10.64
C ASN A 1025 -35.57 -1.73 -9.44
N CYS A 1026 -35.40 -2.40 -8.31
CA CYS A 1026 -34.82 -1.75 -7.14
C CYS A 1026 -33.40 -1.28 -7.41
N VAL A 1027 -32.60 -2.10 -8.09
CA VAL A 1027 -31.24 -1.72 -8.42
C VAL A 1027 -31.21 -0.56 -9.40
N ILE A 1028 -32.12 -0.58 -10.38
CA ILE A 1028 -32.22 0.56 -11.31
C ILE A 1028 -32.58 1.82 -10.54
N ASP A 1029 -33.49 1.72 -9.57
CA ASP A 1029 -33.86 2.88 -8.77
C ASP A 1029 -32.67 3.39 -7.96
N ALA A 1030 -31.89 2.47 -7.38
CA ALA A 1030 -30.72 2.88 -6.63
C ALA A 1030 -29.71 3.59 -7.53
N LEU A 1031 -29.50 3.06 -8.74
CA LEU A 1031 -28.59 3.71 -9.69
C LEU A 1031 -29.12 5.08 -10.08
N LYS A 1032 -30.44 5.22 -10.22
CA LYS A 1032 -31.03 6.52 -10.49
C LYS A 1032 -30.79 7.48 -9.33
N GLN A 1033 -30.75 6.96 -8.11
CA GLN A 1033 -30.56 7.80 -6.93
C GLN A 1033 -29.09 8.16 -6.68
N VAL A 1034 -28.15 7.46 -7.29
CA VAL A 1034 -26.74 7.83 -7.19
C VAL A 1034 -26.29 8.70 -8.37
N TYR A 1035 -27.24 9.11 -9.22
CA TYR A 1035 -26.91 9.98 -10.34
C TYR A 1035 -26.40 11.33 -9.85
N LYS A 1036 -27.08 11.91 -8.87
CA LYS A 1036 -26.74 13.24 -8.36
C LYS A 1036 -26.19 13.12 -6.94
N THR A 1037 -25.11 13.84 -6.69
CA THR A 1037 -24.34 13.76 -5.46
C THR A 1037 -24.12 15.16 -4.91
N ASP A 1038 -24.25 15.32 -3.59
CA ASP A 1038 -23.95 16.58 -2.92
C ASP A 1038 -22.48 16.55 -2.55
N PHE A 1039 -21.64 17.07 -3.45
CA PHE A 1039 -20.19 17.07 -3.23
C PHE A 1039 -19.85 18.20 -2.28
N PHE A 1040 -19.42 17.85 -1.08
CA PHE A 1040 -18.98 18.82 -0.09
C PHE A 1040 -17.47 18.90 -0.11
N MET A 1041 -16.93 20.11 -0.12
CA MET A 1041 -15.50 20.26 0.04
C MET A 1041 -15.14 20.32 1.52
N SER A 1042 -13.95 19.83 1.84
CA SER A 1042 -13.56 19.61 3.22
C SER A 1042 -13.47 20.94 3.97
N ARG A 1043 -13.60 20.86 5.29
CA ARG A 1043 -13.45 22.04 6.13
C ARG A 1043 -12.08 22.66 5.97
N LYS A 1044 -11.04 21.83 5.78
CA LYS A 1044 -9.70 22.36 5.56
C LYS A 1044 -9.67 23.25 4.33
N LEU A 1045 -10.22 22.76 3.21
CA LEU A 1045 -10.22 23.56 1.98
C LEU A 1045 -11.08 24.80 2.12
N ARG A 1046 -12.23 24.63 2.75
CA ARG A 1046 -13.09 25.82 2.84
C ARG A 1046 -12.40 26.89 3.70
N ASN A 1047 -11.83 26.55 4.85
CA ASN A 1047 -11.11 27.52 5.66
C ASN A 1047 -9.89 28.06 4.93
N TYR A 1048 -9.22 27.23 4.12
CA TYR A 1048 -8.08 27.69 3.36
C TYR A 1048 -8.47 28.80 2.40
N ILE A 1049 -9.53 28.58 1.62
CA ILE A 1049 -9.97 29.59 0.68
C ILE A 1049 -10.51 30.81 1.41
N ASP A 1050 -11.10 30.55 2.60
CA ASP A 1050 -11.70 31.64 3.41
C ASP A 1050 -10.64 32.36 4.24
N SER A 1051 -9.38 31.97 4.14
CA SER A 1051 -8.24 32.64 4.75
C SER A 1051 -7.30 33.23 3.72
N MET A 1052 -7.83 33.67 2.59
CA MET A 1052 -7.02 34.26 1.51
C MET A 1052 -7.37 35.73 1.38
N GLU A 1053 -6.34 36.57 1.27
CA GLU A 1053 -6.59 37.99 1.02
C GLU A 1053 -7.25 38.21 -0.33
N SER A 1054 -6.77 37.51 -1.37
CA SER A 1054 -7.31 37.60 -2.70
C SER A 1054 -7.47 36.21 -3.28
N LEU A 1055 -8.40 36.08 -4.24
CA LEU A 1055 -8.70 34.81 -4.87
C LEU A 1055 -8.25 34.86 -6.32
N ASP A 1056 -7.43 33.88 -6.71
CA ASP A 1056 -6.94 33.83 -8.08
C ASP A 1056 -8.07 33.43 -9.03
N PRO A 1057 -7.92 33.75 -10.32
CA PRO A 1057 -9.02 33.43 -11.26
C PRO A 1057 -9.39 31.96 -11.30
N HIS A 1058 -8.40 31.05 -11.24
CA HIS A 1058 -8.74 29.63 -11.26
C HIS A 1058 -9.37 29.19 -9.94
N ILE A 1059 -8.94 29.77 -8.82
CA ILE A 1059 -9.62 29.51 -7.56
C ILE A 1059 -11.04 30.04 -7.60
N LYS A 1060 -11.24 31.20 -8.22
CA LYS A 1060 -12.60 31.73 -8.38
C LYS A 1060 -13.47 30.78 -9.19
N GLN A 1061 -12.93 30.27 -10.30
CA GLN A 1061 -13.69 29.31 -11.11
C GLN A 1061 -13.99 28.04 -10.34
N PHE A 1062 -13.02 27.56 -9.55
CA PHE A 1062 -13.23 26.37 -8.75
C PHE A 1062 -14.32 26.58 -7.70
N LEU A 1063 -14.31 27.73 -7.04
CA LEU A 1063 -15.30 28.00 -6.00
C LEU A 1063 -16.69 28.24 -6.60
N ASP A 1064 -16.74 28.78 -7.82
CA ASP A 1064 -18.03 29.01 -8.46
C ASP A 1064 -18.77 27.71 -8.75
N PHE A 1065 -18.08 26.57 -8.73
CA PHE A 1065 -18.74 25.29 -8.92
C PHE A 1065 -19.74 25.00 -7.81
N PHE A 1066 -19.35 25.29 -6.57
CA PHE A 1066 -20.27 25.13 -5.44
C PHE A 1066 -21.16 26.37 -5.35
N PRO A 1067 -22.47 26.26 -5.56
CA PRO A 1067 -23.34 27.43 -5.43
C PRO A 1067 -23.49 27.88 -3.99
N ASP A 1068 -23.79 26.95 -3.09
CA ASP A 1068 -23.61 27.23 -1.68
C ASP A 1068 -22.12 27.20 -1.36
N GLY A 1069 -21.75 27.88 -0.27
CA GLY A 1069 -20.34 28.03 0.06
C GLY A 1069 -19.59 26.72 0.22
N HIS A 1070 -20.29 25.64 0.57
CA HIS A 1070 -19.68 24.36 0.83
C HIS A 1070 -20.17 23.27 -0.10
N HIS A 1071 -21.47 23.17 -0.31
CA HIS A 1071 -22.06 22.12 -1.11
C HIS A 1071 -22.01 22.45 -2.59
N GLY A 1072 -21.86 21.41 -3.42
CA GLY A 1072 -21.98 21.55 -4.85
C GLY A 1072 -22.69 20.32 -5.42
N GLU A 1073 -23.07 20.40 -6.69
CA GLU A 1073 -23.83 19.34 -7.33
C GLU A 1073 -22.95 18.58 -8.31
N VAL A 1074 -22.90 17.27 -8.16
CA VAL A 1074 -22.18 16.38 -9.08
C VAL A 1074 -23.22 15.51 -9.77
N LYS A 1075 -23.13 15.40 -11.09
CA LYS A 1075 -24.09 14.62 -11.87
C LYS A 1075 -23.36 13.61 -12.72
N GLY A 1076 -23.81 12.36 -12.68
CA GLY A 1076 -23.27 11.30 -13.50
C GLY A 1076 -21.91 10.79 -13.07
N ASN A 1077 -21.15 11.59 -12.33
CA ASN A 1077 -19.84 11.21 -11.83
C ASN A 1077 -20.06 10.41 -10.55
N TRP A 1078 -20.31 9.11 -10.70
CA TRP A 1078 -20.33 8.24 -9.54
C TRP A 1078 -18.96 8.23 -8.90
N LEU A 1079 -18.94 8.38 -7.58
CA LEU A 1079 -17.70 8.62 -6.86
C LEU A 1079 -16.77 7.42 -6.96
N GLN A 1080 -15.47 7.71 -6.88
CA GLN A 1080 -14.45 6.70 -7.17
C GLN A 1080 -14.58 5.50 -6.24
N GLY A 1081 -14.58 4.30 -6.83
CA GLY A 1081 -14.63 3.07 -6.08
C GLY A 1081 -15.99 2.69 -5.55
N ASN A 1082 -16.99 3.55 -5.68
CA ASN A 1082 -18.31 3.24 -5.15
C ASN A 1082 -19.06 2.26 -6.04
N LEU A 1083 -18.89 2.36 -7.35
CA LEU A 1083 -19.50 1.44 -8.30
C LEU A 1083 -18.45 0.64 -9.04
N ASN A 1084 -17.40 0.21 -8.31
CA ASN A 1084 -16.30 -0.51 -8.94
C ASN A 1084 -16.78 -1.81 -9.58
N LYS A 1085 -17.60 -2.57 -8.86
CA LYS A 1085 -18.16 -3.79 -9.40
C LYS A 1085 -19.02 -3.51 -10.63
N CYS A 1086 -19.95 -2.56 -10.50
CA CYS A 1086 -20.88 -2.26 -11.58
C CYS A 1086 -20.17 -1.70 -12.79
N SER A 1087 -19.26 -0.73 -12.58
CA SER A 1087 -18.56 -0.12 -13.70
C SER A 1087 -17.62 -1.12 -14.38
N SER A 1088 -16.97 -1.97 -13.59
CA SER A 1088 -16.10 -2.99 -14.17
C SER A 1088 -16.91 -3.95 -15.04
N LEU A 1089 -18.07 -4.40 -14.53
CA LEU A 1089 -18.91 -5.29 -15.32
C LEU A 1089 -19.39 -4.61 -16.58
N PHE A 1090 -19.72 -3.32 -16.48
CA PHE A 1090 -20.13 -2.56 -17.66
C PHE A 1090 -19.02 -2.49 -18.69
N GLY A 1091 -17.79 -2.26 -18.23
CA GLY A 1091 -16.67 -2.22 -19.16
C GLY A 1091 -16.43 -3.57 -19.84
N VAL A 1092 -16.56 -4.65 -19.08
CA VAL A 1092 -16.44 -5.98 -19.68
C VAL A 1092 -17.54 -6.19 -20.72
N ALA A 1093 -18.75 -5.72 -20.41
CA ALA A 1093 -19.85 -5.85 -21.36
C ALA A 1093 -19.57 -5.07 -22.64
N MET A 1094 -19.03 -3.85 -22.51
CA MET A 1094 -18.73 -3.07 -23.70
C MET A 1094 -17.61 -3.69 -24.53
N SER A 1095 -16.61 -4.28 -23.84
CA SER A 1095 -15.56 -4.98 -24.56
C SER A 1095 -16.11 -6.20 -25.30
N LEU A 1096 -17.01 -6.95 -24.66
CA LEU A 1096 -17.62 -8.09 -25.33
C LEU A 1096 -18.50 -7.64 -26.49
N LEU A 1097 -19.17 -6.49 -26.33
CA LEU A 1097 -19.96 -5.95 -27.42
C LEU A 1097 -19.07 -5.60 -28.61
N PHE A 1098 -17.93 -4.99 -28.34
CA PHE A 1098 -16.97 -4.71 -29.42
C PHE A 1098 -16.47 -6.00 -30.04
N LYS A 1099 -16.26 -7.04 -29.22
CA LYS A 1099 -15.83 -8.32 -29.74
C LYS A 1099 -16.85 -8.88 -30.72
N GLN A 1100 -18.13 -8.80 -30.35
CA GLN A 1100 -19.18 -9.26 -31.26
C GLN A 1100 -19.24 -8.40 -32.52
N VAL A 1101 -19.05 -7.09 -32.38
CA VAL A 1101 -19.07 -6.20 -33.54
C VAL A 1101 -17.94 -6.56 -34.49
N TRP A 1102 -16.74 -6.77 -33.96
CA TRP A 1102 -15.61 -7.14 -34.81
C TRP A 1102 -15.82 -8.50 -35.46
N THR A 1103 -16.42 -9.44 -34.72
CA THR A 1103 -16.73 -10.74 -35.31
C THR A 1103 -17.72 -10.61 -36.47
N ASN A 1104 -18.73 -9.77 -36.30
CA ASN A 1104 -19.70 -9.55 -37.37
C ASN A 1104 -19.03 -8.85 -38.57
N LEU A 1105 -18.17 -7.88 -38.31
CA LEU A 1105 -17.55 -7.12 -39.40
C LEU A 1105 -16.66 -8.01 -40.26
N PHE A 1106 -15.82 -8.82 -39.62
CA PHE A 1106 -14.84 -9.64 -40.32
C PHE A 1106 -15.00 -11.10 -39.88
N PRO A 1107 -16.07 -11.77 -40.33
CA PRO A 1107 -16.20 -13.21 -40.05
C PRO A 1107 -15.12 -14.04 -40.70
N GLU A 1108 -14.48 -13.55 -41.77
CA GLU A 1108 -13.44 -14.31 -42.44
C GLU A 1108 -12.21 -14.47 -41.55
N LEU A 1109 -11.82 -13.41 -40.84
CA LEU A 1109 -10.64 -13.43 -40.00
C LEU A 1109 -11.01 -13.97 -38.61
N ASP A 1110 -10.32 -15.02 -38.18
CA ASP A 1110 -10.46 -15.56 -36.83
C ASP A 1110 -9.47 -14.84 -35.94
N CYS A 1111 -9.96 -13.88 -35.17
CA CYS A 1111 -9.14 -13.07 -34.29
C CYS A 1111 -9.46 -13.40 -32.85
N PHE A 1112 -8.43 -13.74 -32.07
CA PHE A 1112 -8.59 -14.05 -30.65
C PHE A 1112 -8.63 -12.77 -29.86
N PHE A 1113 -9.59 -12.68 -28.94
CA PHE A 1113 -9.90 -11.44 -28.28
C PHE A 1113 -10.05 -11.74 -26.80
N GLU A 1114 -9.23 -11.14 -25.95
CA GLU A 1114 -9.28 -11.41 -24.52
C GLU A 1114 -9.19 -10.12 -23.73
N PHE A 1115 -10.28 -9.73 -23.08
CA PHE A 1115 -10.34 -8.50 -22.32
C PHE A 1115 -10.40 -8.81 -20.83
N ALA A 1116 -9.64 -8.06 -20.05
CA ALA A 1116 -9.62 -8.19 -18.60
C ALA A 1116 -9.75 -6.80 -18.01
N HIS A 1117 -10.95 -6.43 -17.58
CA HIS A 1117 -11.19 -5.17 -16.89
C HIS A 1117 -11.23 -5.45 -15.39
N HIS A 1118 -10.34 -4.83 -14.62
CA HIS A 1118 -10.49 -4.95 -13.17
C HIS A 1118 -11.49 -3.93 -12.65
N SER A 1119 -11.10 -2.64 -12.63
CA SER A 1119 -12.09 -1.59 -12.48
C SER A 1119 -11.93 -0.57 -13.60
N ASP A 1120 -10.72 -0.02 -13.70
CA ASP A 1120 -10.40 0.89 -14.80
C ASP A 1120 -9.13 0.44 -15.50
N ASP A 1121 -8.17 -0.07 -14.72
CA ASP A 1121 -7.06 -0.79 -15.31
C ASP A 1121 -7.58 -1.98 -16.08
N ALA A 1122 -7.10 -2.13 -17.30
CA ALA A 1122 -7.60 -3.19 -18.17
C ALA A 1122 -6.48 -3.67 -19.07
N LEU A 1123 -6.59 -4.92 -19.48
CA LEU A 1123 -5.63 -5.52 -20.40
C LEU A 1123 -6.41 -6.12 -21.55
N PHE A 1124 -6.13 -5.64 -22.77
CA PHE A 1124 -6.79 -6.11 -23.97
C PHE A 1124 -5.78 -6.88 -24.81
N ILE A 1125 -6.00 -8.18 -24.99
CA ILE A 1125 -5.19 -9.00 -25.86
C ILE A 1125 -5.92 -9.09 -27.18
N TYR A 1126 -5.35 -8.57 -28.25
CA TYR A 1126 -5.99 -8.56 -29.59
C TYR A 1126 -5.18 -9.51 -30.44
N GLY A 1127 -5.77 -10.52 -31.01
CA GLY A 1127 -5.11 -11.46 -31.89
C GLY A 1127 -5.25 -11.07 -33.35
N TYR A 1128 -4.22 -10.46 -33.92
CA TYR A 1128 -4.27 -9.99 -35.28
C TYR A 1128 -3.48 -10.93 -36.19
N LEU A 1129 -4.01 -11.17 -37.38
CA LEU A 1129 -3.39 -12.08 -38.34
C LEU A 1129 -2.53 -11.25 -39.29
N GLU A 1130 -1.23 -11.21 -39.04
CA GLU A 1130 -0.34 -10.55 -39.96
C GLU A 1130 -0.07 -11.46 -41.16
N PRO A 1131 0.02 -10.90 -42.37
CA PRO A 1131 0.35 -11.73 -43.53
C PRO A 1131 1.71 -12.41 -43.34
N VAL A 1132 1.73 -13.73 -43.51
CA VAL A 1132 2.93 -14.51 -43.23
C VAL A 1132 4.04 -14.18 -44.22
N ASP A 1133 3.67 -13.72 -45.42
CA ASP A 1133 4.62 -13.31 -46.43
C ASP A 1133 4.46 -11.82 -46.72
N ASP A 1134 5.12 -11.33 -47.77
CA ASP A 1134 5.00 -9.94 -48.20
C ASP A 1134 3.55 -9.48 -48.26
N GLY A 1135 2.64 -10.42 -48.54
CA GLY A 1135 1.23 -10.13 -48.45
C GLY A 1135 0.55 -9.81 -49.77
N THR A 1136 1.13 -10.32 -50.85
CA THR A 1136 0.60 -10.04 -52.20
C THR A 1136 -0.79 -10.63 -52.29
N ASP A 1137 -1.01 -11.81 -51.70
CA ASP A 1137 -2.38 -12.37 -51.68
C ASP A 1137 -3.22 -11.57 -50.71
N TRP A 1138 -2.73 -11.43 -49.49
CA TRP A 1138 -3.53 -10.76 -48.47
C TRP A 1138 -3.96 -9.37 -48.93
N PHE A 1139 -3.05 -8.61 -49.55
CA PHE A 1139 -3.41 -7.30 -50.06
C PHE A 1139 -4.45 -7.41 -51.18
N LEU A 1140 -4.30 -8.41 -52.05
CA LEU A 1140 -5.28 -8.63 -53.10
C LEU A 1140 -6.65 -8.98 -52.52
N PHE A 1141 -6.67 -9.82 -51.48
CA PHE A 1141 -7.93 -10.17 -50.84
C PHE A 1141 -8.59 -8.96 -50.21
N VAL A 1142 -7.80 -8.11 -49.54
CA VAL A 1142 -8.36 -6.91 -48.93
C VAL A 1142 -8.90 -5.97 -50.00
N SER A 1143 -8.16 -5.83 -51.11
CA SER A 1143 -8.63 -4.99 -52.20
C SER A 1143 -9.93 -5.52 -52.79
N GLN A 1144 -10.03 -6.85 -52.94
CA GLN A 1144 -11.27 -7.44 -53.43
C GLN A 1144 -12.42 -7.20 -52.46
N GLN A 1145 -12.17 -7.31 -51.16
CA GLN A 1145 -13.21 -7.04 -50.18
C GLN A 1145 -13.67 -5.59 -50.23
N ILE A 1146 -12.72 -4.66 -50.39
CA ILE A 1146 -13.07 -3.25 -50.48
C ILE A 1146 -13.89 -2.99 -51.74
N GLN A 1147 -13.49 -3.59 -52.86
CA GLN A 1147 -14.21 -3.38 -54.12
C GLN A 1147 -15.60 -4.00 -54.08
N ALA A 1148 -15.77 -5.12 -53.36
CA ALA A 1148 -17.07 -5.77 -53.31
C ALA A 1148 -18.12 -4.92 -52.60
N GLY A 1149 -17.71 -4.12 -51.63
CA GLY A 1149 -18.66 -3.32 -50.87
C GLY A 1149 -18.33 -3.26 -49.40
N HIS A 1150 -17.25 -3.94 -49.00
CA HIS A 1150 -16.82 -3.96 -47.61
C HIS A 1150 -15.74 -2.91 -47.40
N LEU A 1151 -16.17 -1.65 -47.38
CA LEU A 1151 -15.25 -0.53 -47.22
C LEU A 1151 -14.57 -0.54 -45.85
N HIS A 1152 -15.09 -1.30 -44.92
CA HIS A 1152 -14.51 -1.40 -43.58
C HIS A 1152 -13.23 -2.20 -43.66
N TRP A 1153 -12.87 -2.73 -44.82
CA TRP A 1153 -11.67 -3.62 -44.84
C TRP A 1153 -10.42 -2.81 -45.14
N PHE A 1154 -10.56 -1.53 -45.38
CA PHE A 1154 -9.41 -0.64 -45.58
C PHE A 1154 -8.64 -0.73 -44.28
N SER A 1155 -9.39 -0.74 -43.21
CA SER A 1155 -8.79 -0.74 -41.87
C SER A 1155 -8.01 -2.01 -41.59
N VAL A 1156 -8.46 -3.16 -42.03
CA VAL A 1156 -7.81 -4.45 -41.66
C VAL A 1156 -6.54 -4.80 -42.45
N ASN A 1157 -6.10 -4.04 -43.47
CA ASN A 1157 -4.91 -4.47 -44.26
C ASN A 1157 -3.60 -4.28 -43.48
N THR A 1158 -3.15 -3.05 -43.29
CA THR A 1158 -1.93 -2.76 -42.56
C THR A 1158 -2.22 -2.77 -41.06
N GLU A 1159 -1.51 -3.62 -40.32
CA GLU A 1159 -1.52 -3.62 -38.86
C GLU A 1159 -2.93 -3.59 -38.31
N MET A 1160 -3.70 -4.66 -38.54
CA MET A 1160 -5.12 -4.64 -38.22
C MET A 1160 -5.38 -4.52 -36.73
N TRP A 1161 -4.38 -4.81 -35.89
CA TRP A 1161 -4.56 -4.60 -34.46
C TRP A 1161 -4.84 -3.14 -34.15
N LYS A 1162 -4.30 -2.23 -34.96
CA LYS A 1162 -4.61 -0.79 -34.77
C LYS A 1162 -6.10 -0.61 -35.01
N SER A 1163 -6.64 -1.26 -36.04
CA SER A 1163 -8.08 -1.14 -36.36
C SER A 1163 -8.93 -1.72 -35.23
N MET A 1164 -8.54 -2.87 -34.67
CA MET A 1164 -9.28 -3.40 -33.54
C MET A 1164 -9.23 -2.47 -32.35
N PHE A 1165 -8.06 -1.90 -32.05
CA PHE A 1165 -7.98 -1.01 -30.90
C PHE A 1165 -8.76 0.27 -31.14
N ASN A 1166 -8.73 0.81 -32.35
CA ASN A 1166 -9.53 2.00 -32.64
C ASN A 1166 -11.01 1.72 -32.47
N LEU A 1167 -11.48 0.63 -33.08
CA LEU A 1167 -12.91 0.29 -32.97
C LEU A 1167 -13.26 0.13 -31.49
N HIS A 1168 -12.39 -0.55 -30.73
CA HIS A 1168 -12.64 -0.75 -29.28
C HIS A 1168 -12.62 0.59 -28.53
N GLU A 1169 -11.64 1.44 -28.81
CA GLU A 1169 -11.53 2.73 -28.08
C GLU A 1169 -12.80 3.52 -28.39
N HIS A 1170 -13.42 3.23 -29.53
CA HIS A 1170 -14.66 3.90 -29.91
C HIS A 1170 -15.86 3.28 -29.22
N ILE A 1171 -15.95 1.94 -29.24
CA ILE A 1171 -17.08 1.25 -28.62
C ILE A 1171 -17.11 1.55 -27.13
N LEU A 1172 -15.95 1.49 -26.48
CA LEU A 1172 -15.90 1.88 -25.07
C LEU A 1172 -16.29 3.34 -24.89
N LEU A 1173 -15.92 4.20 -25.85
CA LEU A 1173 -16.34 5.60 -25.79
C LEU A 1173 -17.84 5.73 -25.92
N LEU A 1174 -18.48 4.83 -26.68
CA LEU A 1174 -19.94 4.79 -26.72
C LEU A 1174 -20.54 4.39 -25.38
N GLY A 1175 -19.73 3.81 -24.50
CA GLY A 1175 -20.16 3.55 -23.14
C GLY A 1175 -19.50 4.50 -22.16
N SER A 1176 -19.06 5.66 -22.66
CA SER A 1176 -18.43 6.70 -21.85
C SER A 1176 -17.18 6.17 -21.14
N ILE A 1177 -16.40 5.35 -21.84
CA ILE A 1177 -15.13 4.86 -21.36
C ILE A 1177 -14.05 5.33 -22.33
N LYS A 1178 -13.13 6.15 -21.83
CA LYS A 1178 -12.04 6.67 -22.66
C LYS A 1178 -10.75 5.93 -22.27
N ILE A 1179 -10.30 5.04 -23.15
CA ILE A 1179 -8.98 4.47 -22.99
C ILE A 1179 -7.95 5.60 -23.04
N SER A 1180 -7.10 5.66 -22.03
CA SER A 1180 -6.24 6.82 -21.84
C SER A 1180 -5.26 6.95 -22.99
N PRO A 1181 -5.12 8.14 -23.59
CA PRO A 1181 -4.02 8.33 -24.55
C PRO A 1181 -2.66 8.12 -23.93
N LYS A 1182 -2.49 8.55 -22.68
CA LYS A 1182 -1.26 8.38 -21.92
C LYS A 1182 -1.52 7.47 -20.73
N LYS A 1183 -0.54 6.64 -20.41
CA LYS A 1183 -0.58 5.55 -19.42
C LYS A 1183 -1.22 4.30 -20.01
N THR A 1184 -1.68 4.33 -21.26
CA THR A 1184 -2.07 3.13 -21.99
C THR A 1184 -0.99 2.83 -23.01
N THR A 1185 -0.44 1.62 -22.95
CA THR A 1185 0.67 1.23 -23.79
C THR A 1185 0.32 -0.05 -24.52
N VAL A 1186 0.51 -0.06 -25.83
CA VAL A 1186 0.33 -1.29 -26.61
C VAL A 1186 1.72 -1.88 -26.83
N SER A 1187 1.79 -3.21 -26.81
CA SER A 1187 3.09 -3.85 -26.93
C SER A 1187 2.91 -5.27 -27.44
N PRO A 1188 3.77 -5.74 -28.35
CA PRO A 1188 3.68 -7.14 -28.76
C PRO A 1188 3.92 -8.12 -27.63
N THR A 1189 4.78 -7.78 -26.67
CA THR A 1189 5.20 -8.71 -25.63
C THR A 1189 4.77 -8.27 -24.24
N ASN A 1190 5.14 -7.07 -23.82
CA ASN A 1190 4.94 -6.67 -22.43
C ASN A 1190 3.52 -6.19 -22.18
N ALA A 1191 3.02 -6.48 -20.98
CA ALA A 1191 1.70 -6.03 -20.55
C ALA A 1191 1.79 -5.64 -19.09
N GLU A 1192 0.86 -4.79 -18.66
CA GLU A 1192 0.80 -4.38 -17.26
C GLU A 1192 -0.66 -4.35 -16.83
N PHE A 1193 -0.98 -5.13 -15.80
CA PHE A 1193 -2.35 -5.18 -15.29
C PHE A 1193 -2.27 -5.32 -13.77
N LEU A 1194 -3.04 -4.48 -13.07
CA LEU A 1194 -3.11 -4.52 -11.62
C LEU A 1194 -1.72 -4.35 -10.99
N SER A 1195 -0.93 -3.45 -11.58
CA SER A 1195 0.44 -3.17 -11.15
C SER A 1195 1.32 -4.42 -11.14
N THR A 1196 0.97 -5.41 -11.95
CA THR A 1196 1.80 -6.59 -12.17
C THR A 1196 2.16 -6.65 -13.64
N PHE A 1197 3.42 -6.98 -13.93
CA PHE A 1197 3.96 -6.91 -15.27
C PHE A 1197 4.08 -8.30 -15.86
N PHE A 1198 3.49 -8.50 -17.03
CA PHE A 1198 3.50 -9.77 -17.72
C PHE A 1198 4.40 -9.69 -18.95
N GLU A 1199 5.18 -10.73 -19.16
CA GLU A 1199 6.03 -10.87 -20.33
C GLU A 1199 5.75 -12.25 -20.92
N GLY A 1200 4.92 -12.30 -21.95
CA GLY A 1200 4.51 -13.58 -22.49
C GLY A 1200 3.74 -14.36 -21.45
N CYS A 1201 4.27 -15.51 -21.07
CA CYS A 1201 3.66 -16.35 -20.04
C CYS A 1201 4.14 -16.00 -18.64
N ALA A 1202 5.11 -15.10 -18.50
CA ALA A 1202 5.69 -14.79 -17.20
C ALA A 1202 4.96 -13.64 -16.53
N VAL A 1203 4.90 -13.70 -15.20
CA VAL A 1203 4.31 -12.66 -14.38
C VAL A 1203 5.34 -12.18 -13.37
N SER A 1204 5.22 -10.92 -12.98
CA SER A 1204 6.11 -10.34 -11.97
C SER A 1204 5.38 -9.23 -11.25
N ILE A 1205 5.10 -9.42 -9.97
CA ILE A 1205 4.58 -8.37 -9.10
C ILE A 1205 5.75 -7.79 -8.33
N PRO A 1206 5.94 -6.47 -8.34
CA PRO A 1206 7.05 -5.89 -7.59
C PRO A 1206 6.83 -6.00 -6.09
N PHE A 1207 7.58 -6.91 -5.47
CA PHE A 1207 7.50 -7.16 -4.04
C PHE A 1207 8.18 -6.08 -3.21
N VAL A 1208 8.80 -5.09 -3.86
CA VAL A 1208 9.51 -4.06 -3.12
C VAL A 1208 8.55 -3.27 -2.23
N LYS A 1209 7.33 -3.04 -2.73
CA LYS A 1209 6.34 -2.30 -1.96
C LYS A 1209 6.00 -3.02 -0.67
N ILE A 1210 5.90 -4.35 -0.72
CA ILE A 1210 5.68 -5.13 0.49
C ILE A 1210 6.88 -5.02 1.42
N LEU A 1211 8.09 -5.09 0.87
CA LEU A 1211 9.30 -5.01 1.68
C LEU A 1211 9.48 -3.62 2.27
N LEU A 1212 9.35 -2.58 1.45
CA LEU A 1212 9.49 -1.23 1.95
C LEU A 1212 8.33 -0.85 2.85
N GLY A 1213 7.14 -1.40 2.60
CA GLY A 1213 6.02 -1.17 3.49
C GLY A 1213 6.10 -1.96 4.77
N SER A 1214 6.95 -2.98 4.83
CA SER A 1214 7.13 -3.75 6.05
C SER A 1214 7.83 -2.95 7.13
N LEU A 1215 8.45 -1.82 6.78
CA LEU A 1215 9.09 -0.93 7.74
C LEU A 1215 8.11 0.11 8.29
N SER A 1216 6.82 -0.15 8.20
CA SER A 1216 5.80 0.81 8.61
C SER A 1216 5.59 0.74 10.12
N ASP A 1217 4.55 1.41 10.61
CA ASP A 1217 4.25 1.40 12.02
C ASP A 1217 3.89 -0.01 12.48
N LEU A 1218 3.86 -0.18 13.80
CA LEU A 1218 3.63 -1.48 14.41
C LEU A 1218 2.53 -1.36 15.45
N PRO A 1219 1.85 -2.45 15.77
CA PRO A 1219 0.90 -2.41 16.90
C PRO A 1219 1.63 -2.49 18.22
N GLY A 1220 1.52 -1.45 19.05
CA GLY A 1220 2.25 -1.40 20.29
C GLY A 1220 1.63 -2.26 21.39
N LEU A 1221 1.01 -3.36 20.98
CA LEU A 1221 0.32 -4.24 21.93
C LEU A 1221 1.30 -4.83 22.94
N GLY A 1222 2.46 -5.27 22.48
CA GLY A 1222 3.45 -5.88 23.35
C GLY A 1222 4.60 -6.36 22.52
N TYR A 1223 5.61 -6.90 23.22
CA TYR A 1223 6.79 -7.39 22.50
C TYR A 1223 6.43 -8.55 21.58
N PHE A 1224 5.60 -9.49 21.98
CA PHE A 1224 5.24 -10.54 21.01
C PHE A 1224 4.42 -9.98 19.86
N ASP A 1225 3.43 -9.16 20.17
CA ASP A 1225 2.53 -8.68 19.10
C ASP A 1225 3.34 -7.88 18.10
N ASP A 1226 4.29 -7.08 18.57
CA ASP A 1226 5.14 -6.24 17.70
C ASP A 1226 6.16 -7.07 16.97
N LEU A 1227 6.78 -8.06 17.60
CA LEU A 1227 7.72 -8.90 16.86
C LEU A 1227 7.01 -9.76 15.83
N ALA A 1228 5.85 -10.31 16.20
CA ALA A 1228 5.08 -11.11 15.26
C ALA A 1228 4.63 -10.29 14.05
N ALA A 1229 4.17 -9.06 14.30
CA ALA A 1229 3.75 -8.19 13.20
C ALA A 1229 4.92 -7.83 12.30
N ALA A 1230 6.07 -7.51 12.90
CA ALA A 1230 7.22 -7.12 12.10
C ALA A 1230 7.74 -8.28 11.27
N GLN A 1231 7.87 -9.46 11.89
CA GLN A 1231 8.46 -10.60 11.19
C GLN A 1231 7.52 -11.22 10.18
N SER A 1232 6.22 -11.03 10.32
CA SER A 1232 5.26 -11.62 9.39
C SER A 1232 4.94 -10.72 8.21
N ARG A 1233 5.43 -9.48 8.19
CA ARG A 1233 5.19 -8.58 7.08
C ARG A 1233 6.04 -8.90 5.88
N CYS A 1234 7.16 -9.60 6.06
CA CYS A 1234 8.04 -9.98 4.97
C CYS A 1234 7.69 -11.34 4.39
N VAL A 1235 6.95 -12.15 5.10
CA VAL A 1235 6.53 -13.44 4.54
C VAL A 1235 5.72 -13.12 3.29
N LYS A 1236 4.93 -12.05 3.30
CA LYS A 1236 4.10 -11.78 2.10
C LYS A 1236 5.04 -11.58 0.91
N ALA A 1237 6.16 -10.92 1.12
CA ALA A 1237 7.09 -10.64 0.03
C ALA A 1237 7.62 -11.97 -0.43
N LEU A 1238 7.86 -12.91 0.48
CA LEU A 1238 8.50 -14.17 0.04
C LEU A 1238 7.58 -14.77 -1.01
N ASP A 1239 6.29 -14.62 -0.82
CA ASP A 1239 5.27 -15.10 -1.78
C ASP A 1239 5.29 -14.37 -3.13
N LEU A 1240 5.43 -13.05 -3.18
CA LEU A 1240 5.32 -12.24 -4.42
C LEU A 1240 6.62 -12.24 -5.21
N GLY A 1241 7.65 -12.90 -4.74
CA GLY A 1241 8.85 -13.06 -5.55
C GLY A 1241 10.09 -12.79 -4.79
N ALA A 1242 9.98 -12.39 -3.52
CA ALA A 1242 11.19 -11.97 -2.84
C ALA A 1242 12.11 -13.15 -2.64
N SER A 1243 13.41 -12.92 -2.83
CA SER A 1243 14.38 -13.96 -2.57
C SER A 1243 14.35 -14.31 -1.08
N PRO A 1244 14.59 -15.59 -0.69
CA PRO A 1244 14.47 -15.91 0.69
C PRO A 1244 15.42 -15.01 1.47
N GLN A 1245 16.63 -14.73 1.00
CA GLN A 1245 17.62 -13.89 1.68
C GLN A 1245 17.12 -12.46 1.80
N VAL A 1246 16.60 -11.91 0.74
CA VAL A 1246 16.14 -10.50 0.73
C VAL A 1246 14.96 -10.43 1.65
N ALA A 1247 14.19 -11.50 1.77
CA ALA A 1247 13.13 -11.51 2.76
C ALA A 1247 13.68 -11.71 4.17
N GLN A 1248 14.69 -12.58 4.31
CA GLN A 1248 15.31 -12.78 5.61
C GLN A 1248 16.01 -11.52 6.10
N LEU A 1249 16.67 -10.80 5.19
CA LEU A 1249 17.30 -9.54 5.54
C LEU A 1249 16.26 -8.52 5.99
N ALA A 1250 15.11 -8.48 5.30
CA ALA A 1250 14.04 -7.59 5.72
C ALA A 1250 13.50 -7.99 7.10
N VAL A 1251 13.39 -9.29 7.36
CA VAL A 1251 12.98 -9.75 8.69
C VAL A 1251 13.99 -9.34 9.74
N ALA A 1252 15.28 -9.45 9.42
CA ALA A 1252 16.32 -9.04 10.36
C ALA A 1252 16.22 -7.56 10.66
N LEU A 1253 16.01 -6.74 9.63
CA LEU A 1253 15.89 -5.30 9.84
C LEU A 1253 14.66 -4.96 10.67
N CYS A 1254 13.53 -5.61 10.39
CA CYS A 1254 12.31 -5.35 11.15
C CYS A 1254 12.46 -5.78 12.60
N THR A 1255 13.06 -6.96 12.84
CA THR A 1255 13.30 -7.42 14.20
C THR A 1255 14.26 -6.49 14.93
N SER A 1256 15.30 -6.03 14.25
CA SER A 1256 16.25 -5.11 14.87
C SER A 1256 15.56 -3.81 15.27
N LYS A 1257 14.70 -3.27 14.40
CA LYS A 1257 13.97 -2.06 14.74
C LYS A 1257 13.06 -2.29 15.94
N VAL A 1258 12.34 -3.41 15.93
CA VAL A 1258 11.40 -3.70 17.03
C VAL A 1258 12.15 -3.83 18.34
N GLU A 1259 13.28 -4.54 18.34
CA GLU A 1259 14.10 -4.63 19.55
C GLU A 1259 14.56 -3.25 19.98
N ARG A 1260 15.14 -2.47 19.06
CA ARG A 1260 15.61 -1.14 19.40
C ARG A 1260 14.52 -0.29 20.04
N LEU A 1261 13.25 -0.61 19.77
CA LEU A 1261 12.17 0.15 20.47
C LEU A 1261 11.80 -0.53 21.80
N TYR A 1262 12.23 -1.77 22.03
CA TYR A 1262 11.84 -2.52 23.26
C TYR A 1262 13.05 -3.00 24.07
N GLY A 1263 14.22 -2.36 23.95
CA GLY A 1263 15.42 -2.93 24.60
C GLY A 1263 15.67 -4.22 23.87
N THR A 1264 15.72 -5.37 24.55
CA THR A 1264 15.73 -6.62 23.79
C THR A 1264 16.90 -6.68 22.84
N ALA A 1265 17.70 -5.63 22.73
CA ALA A 1265 18.90 -5.66 21.87
C ALA A 1265 20.10 -6.04 22.72
N PRO A 1266 21.11 -6.79 22.20
CA PRO A 1266 22.22 -7.22 23.04
C PRO A 1266 22.94 -5.99 23.59
N GLY A 1267 23.18 -5.95 24.90
CA GLY A 1267 23.85 -4.80 25.53
C GLY A 1267 22.91 -3.63 25.80
N MET A 1268 21.61 -3.80 25.56
CA MET A 1268 20.63 -2.73 25.89
C MET A 1268 20.10 -2.98 27.31
N VAL A 1269 18.83 -2.67 27.59
CA VAL A 1269 18.38 -2.83 28.98
C VAL A 1269 17.59 -4.12 29.15
N ASN A 1270 16.72 -4.45 28.18
CA ASN A 1270 15.79 -5.56 28.33
C ASN A 1270 16.27 -6.83 27.64
N HIS A 1271 17.55 -6.93 27.34
CA HIS A 1271 18.09 -8.12 26.72
C HIS A 1271 17.91 -9.31 27.66
N PRO A 1272 17.22 -10.39 27.25
CA PRO A 1272 17.04 -11.52 28.16
C PRO A 1272 18.34 -12.17 28.60
N ALA A 1273 19.34 -12.24 27.71
CA ALA A 1273 20.60 -12.88 28.06
C ALA A 1273 21.31 -12.21 29.23
N ALA A 1274 21.00 -10.94 29.48
CA ALA A 1274 21.57 -10.26 30.65
C ALA A 1274 21.03 -10.86 31.94
N TYR A 1275 19.74 -11.21 31.97
CA TYR A 1275 19.09 -11.72 33.17
C TYR A 1275 18.78 -13.21 33.11
N LEU A 1276 18.52 -13.75 31.92
CA LEU A 1276 18.27 -15.18 31.77
C LEU A 1276 19.58 -15.93 31.65
N GLN A 1277 19.48 -17.26 31.59
CA GLN A 1277 20.64 -18.13 31.48
C GLN A 1277 20.65 -18.92 30.16
N VAL A 1278 19.92 -18.44 29.15
CA VAL A 1278 19.89 -19.09 27.84
C VAL A 1278 20.22 -18.04 26.77
N LYS A 1279 20.55 -18.54 25.59
CA LYS A 1279 20.86 -17.69 24.46
C LYS A 1279 19.61 -16.95 23.99
N HIS A 1280 19.82 -15.95 23.13
CA HIS A 1280 18.70 -15.20 22.59
C HIS A 1280 17.80 -16.09 21.72
N THR A 1281 18.40 -16.99 20.95
CA THR A 1281 17.62 -17.86 20.08
C THR A 1281 16.79 -18.86 20.87
N ASP A 1282 17.23 -19.21 22.09
CA ASP A 1282 16.54 -20.19 22.92
C ASP A 1282 15.64 -19.52 23.96
N THR A 1283 15.09 -18.35 23.65
CA THR A 1283 14.24 -17.61 24.56
C THR A 1283 12.83 -17.52 24.01
N PRO A 1284 11.80 -17.73 24.83
CA PRO A 1284 10.43 -17.54 24.36
C PRO A 1284 10.20 -16.09 23.93
N ILE A 1285 9.44 -15.92 22.85
CA ILE A 1285 9.19 -14.57 22.32
C ILE A 1285 8.53 -13.66 23.35
N PRO A 1286 7.55 -14.09 24.13
CA PRO A 1286 6.99 -13.18 25.16
C PRO A 1286 8.04 -12.66 26.12
N LEU A 1287 9.06 -13.48 26.43
CA LEU A 1287 10.12 -13.06 27.34
C LEU A 1287 11.29 -12.46 26.55
N GLY A 1288 10.95 -11.50 25.72
CA GLY A 1288 11.97 -10.79 24.95
C GLY A 1288 12.80 -11.68 24.06
N GLY A 1289 12.15 -12.57 23.31
CA GLY A 1289 12.84 -13.54 22.48
C GLY A 1289 12.74 -13.16 21.01
N ASN A 1290 13.85 -13.34 20.30
CA ASN A 1290 13.85 -13.13 18.86
C ASN A 1290 13.04 -14.21 18.16
N GLY A 1291 13.12 -15.45 18.65
CA GLY A 1291 12.40 -16.55 18.03
C GLY A 1291 13.10 -17.05 16.79
N ALA A 1292 12.32 -17.72 15.94
CA ALA A 1292 12.83 -18.22 14.67
C ALA A 1292 12.94 -17.08 13.66
N MET A 1293 14.08 -16.41 13.63
CA MET A 1293 14.28 -15.30 12.70
C MET A 1293 14.24 -15.75 11.24
N SER A 1294 14.41 -17.04 10.98
CA SER A 1294 14.39 -17.54 9.61
C SER A 1294 13.03 -17.26 8.96
N ILE A 1295 13.08 -16.83 7.70
CA ILE A 1295 11.84 -16.50 7.00
C ILE A 1295 11.07 -17.75 6.58
N MET A 1296 11.80 -18.85 6.37
CA MET A 1296 11.12 -20.05 5.86
C MET A 1296 10.31 -20.61 7.00
N GLU A 1297 10.78 -20.50 8.23
CA GLU A 1297 9.92 -20.92 9.35
C GLU A 1297 8.72 -20.00 9.39
N LEU A 1298 8.92 -18.71 9.25
CA LEU A 1298 7.81 -17.77 9.44
C LEU A 1298 6.88 -17.89 8.24
N ALA A 1299 7.45 -18.22 7.08
CA ALA A 1299 6.61 -18.30 5.87
C ALA A 1299 5.67 -19.48 5.96
N THR A 1300 6.18 -20.62 6.42
CA THR A 1300 5.41 -21.86 6.37
C THR A 1300 4.80 -22.16 7.71
N ALA A 1301 5.57 -22.01 8.77
CA ALA A 1301 5.06 -22.43 10.09
C ALA A 1301 4.17 -21.38 10.70
N GLY A 1302 4.71 -20.19 10.87
CA GLY A 1302 3.97 -19.11 11.54
C GLY A 1302 4.80 -18.55 12.65
N ILE A 1303 4.50 -17.35 13.10
CA ILE A 1303 5.24 -16.83 14.26
C ILE A 1303 4.79 -17.55 15.51
N GLY A 1304 3.50 -17.85 15.64
CA GLY A 1304 3.05 -18.43 16.91
C GLY A 1304 3.78 -19.71 17.20
N MET A 1305 4.06 -20.49 16.16
CA MET A 1305 4.66 -21.82 16.32
C MET A 1305 6.08 -21.73 16.84
N SER A 1306 6.64 -20.53 16.99
CA SER A 1306 8.02 -20.41 17.54
C SER A 1306 8.01 -20.76 19.03
N ASP A 1307 6.99 -20.34 19.78
CA ASP A 1307 6.84 -20.76 21.19
C ASP A 1307 6.58 -22.25 21.22
N LYS A 1308 5.73 -22.78 20.33
CA LYS A 1308 5.57 -24.22 20.43
C LYS A 1308 6.84 -24.93 20.01
N ASN A 1309 7.48 -24.46 18.92
CA ASN A 1309 8.73 -25.04 18.49
C ASN A 1309 9.79 -24.95 19.56
N LEU A 1310 9.73 -23.94 20.41
CA LEU A 1310 10.63 -23.89 21.56
C LEU A 1310 10.28 -24.97 22.57
N LEU A 1311 8.99 -25.08 22.91
CA LEU A 1311 8.55 -26.04 23.91
C LEU A 1311 8.98 -27.45 23.51
N LYS A 1312 8.67 -27.84 22.28
CA LYS A 1312 9.14 -29.12 21.76
C LYS A 1312 10.65 -29.22 21.88
N ARG A 1313 11.36 -28.17 21.44
CA ARG A 1313 12.82 -28.17 21.54
C ARG A 1313 13.27 -28.29 22.98
N ALA A 1314 12.48 -27.77 23.93
CA ALA A 1314 12.77 -28.01 25.34
C ALA A 1314 12.41 -29.43 25.74
N LEU A 1315 11.25 -29.91 25.30
CA LEU A 1315 10.75 -31.20 25.79
C LEU A 1315 11.71 -32.33 25.44
N LEU A 1316 12.19 -32.35 24.20
CA LEU A 1316 13.18 -33.35 23.82
C LEU A 1316 14.40 -33.29 24.74
N GLY A 1317 14.89 -32.07 25.01
CA GLY A 1317 16.02 -31.93 25.91
C GLY A 1317 15.73 -32.41 27.31
N TYR A 1318 14.46 -32.37 27.72
CA TYR A 1318 14.05 -32.89 29.02
C TYR A 1318 13.41 -34.26 28.92
N SER A 1319 13.39 -34.87 27.73
CA SER A 1319 12.89 -36.22 27.57
C SER A 1319 13.97 -37.22 27.19
N HIS A 1320 15.09 -36.77 26.63
CA HIS A 1320 16.18 -37.64 26.24
C HIS A 1320 17.45 -37.37 27.02
N LYS A 1321 17.91 -36.11 27.06
CA LYS A 1321 19.15 -35.76 27.73
C LYS A 1321 18.96 -35.30 29.16
N ARG A 1322 17.81 -34.71 29.48
CA ARG A 1322 17.54 -34.17 30.82
C ARG A 1322 18.63 -33.18 31.24
N GLN A 1323 18.85 -32.17 30.40
CA GLN A 1323 19.86 -31.17 30.69
C GLN A 1323 19.23 -29.97 31.38
N LYS A 1324 20.10 -29.10 31.91
CA LYS A 1324 19.64 -27.94 32.67
C LYS A 1324 19.05 -26.85 31.78
N SER A 1325 19.52 -26.75 30.54
CA SER A 1325 19.05 -25.67 29.66
C SER A 1325 17.57 -25.83 29.32
N MET A 1326 17.20 -27.05 28.99
CA MET A 1326 15.81 -27.28 28.57
C MET A 1326 14.92 -27.22 29.79
N LEU A 1327 15.40 -27.68 30.93
CA LEU A 1327 14.65 -27.52 32.17
C LEU A 1327 14.43 -26.05 32.49
N TYR A 1328 15.44 -25.22 32.26
CA TYR A 1328 15.29 -23.78 32.46
C TYR A 1328 14.25 -23.20 31.52
N ILE A 1329 14.25 -23.67 30.26
CA ILE A 1329 13.25 -23.20 29.30
C ILE A 1329 11.84 -23.61 29.75
N LEU A 1330 11.69 -24.84 30.23
CA LEU A 1330 10.40 -25.27 30.77
C LEU A 1330 9.98 -24.42 31.95
N GLY A 1331 10.94 -24.07 32.80
CA GLY A 1331 10.63 -23.18 33.92
C GLY A 1331 10.18 -21.81 33.45
N LEU A 1332 10.80 -21.29 32.40
CA LEU A 1332 10.36 -20.02 31.83
C LEU A 1332 8.93 -20.12 31.32
N PHE A 1333 8.61 -21.21 30.61
CA PHE A 1333 7.26 -21.38 30.11
C PHE A 1333 6.25 -21.50 31.26
N LYS A 1334 6.62 -22.25 32.31
CA LYS A 1334 5.73 -22.38 33.46
C LYS A 1334 5.53 -21.04 34.15
N PHE A 1335 6.58 -20.22 34.22
CA PHE A 1335 6.43 -18.87 34.76
C PHE A 1335 5.48 -18.05 33.90
N LEU A 1336 5.55 -18.22 32.57
CA LEU A 1336 4.63 -17.52 31.68
C LEU A 1336 3.19 -17.90 31.97
N MET A 1337 2.93 -19.20 32.15
CA MET A 1337 1.57 -19.63 32.49
C MET A 1337 1.16 -19.11 33.86
N LYS A 1338 2.08 -19.08 34.82
CA LYS A 1338 1.77 -18.52 36.14
C LYS A 1338 1.37 -17.06 36.03
N LEU A 1339 2.05 -16.32 35.15
CA LEU A 1339 1.61 -14.95 34.85
C LEU A 1339 0.23 -14.93 34.22
N SER A 1340 -0.05 -15.87 33.31
CA SER A 1340 -1.32 -15.86 32.61
C SER A 1340 -2.50 -16.14 33.54
N ASP A 1341 -2.26 -16.84 34.65
CA ASP A 1341 -3.32 -17.21 35.61
C ASP A 1341 -4.46 -17.96 34.93
N GLU A 1342 -4.11 -18.88 34.04
CA GLU A 1342 -5.05 -19.83 33.45
C GLU A 1342 -4.64 -21.23 33.89
N THR A 1343 -5.63 -22.13 33.97
CA THR A 1343 -5.44 -23.40 34.66
C THR A 1343 -5.91 -24.57 33.80
N PHE A 1344 -4.98 -25.51 33.53
CA PHE A 1344 -5.34 -26.76 32.80
C PHE A 1344 -5.75 -27.78 33.87
N GLN A 1345 -5.47 -27.47 35.15
CA GLN A 1345 -5.84 -28.37 36.30
C GLN A 1345 -5.37 -29.81 36.06
N HIS A 1346 -6.29 -30.77 36.15
CA HIS A 1346 -5.93 -32.19 35.86
C HIS A 1346 -5.48 -32.23 34.40
N GLU A 1347 -4.54 -33.10 34.05
CA GLU A 1347 -4.00 -33.01 32.66
C GLU A 1347 -5.18 -33.02 31.68
N ARG A 1348 -5.31 -31.97 30.85
CA ARG A 1348 -6.36 -31.85 29.80
C ARG A 1348 -7.69 -31.34 30.38
N LEU A 1349 -7.90 -31.36 31.69
CA LEU A 1349 -9.23 -30.98 32.24
C LEU A 1349 -9.12 -29.69 33.05
N GLY A 1350 -9.27 -28.53 32.41
CA GLY A 1350 -9.07 -27.27 33.10
C GLY A 1350 -10.02 -26.15 32.71
N GLN A 1351 -9.50 -24.93 32.67
CA GLN A 1351 -10.31 -23.74 32.41
C GLN A 1351 -9.94 -23.05 31.11
N PHE A 1352 -8.66 -22.98 30.76
CA PHE A 1352 -8.22 -22.28 29.57
C PHE A 1352 -7.03 -23.00 28.96
N SER A 1353 -6.84 -22.82 27.66
CA SER A 1353 -5.69 -23.35 26.95
C SER A 1353 -4.62 -22.26 26.87
N PHE A 1354 -3.40 -22.59 27.31
CA PHE A 1354 -2.34 -21.62 27.43
C PHE A 1354 -1.05 -22.16 26.85
N ILE A 1355 -0.16 -21.24 26.47
CA ILE A 1355 1.23 -21.56 26.16
C ILE A 1355 2.10 -20.56 26.92
N GLY A 1356 1.48 -19.49 27.40
CA GLY A 1356 2.18 -18.47 28.16
C GLY A 1356 2.16 -17.10 27.54
N LYS A 1357 1.96 -16.06 28.35
CA LYS A 1357 1.92 -14.69 27.86
C LYS A 1357 2.27 -13.75 28.99
N VAL A 1358 2.60 -12.51 28.62
CA VAL A 1358 2.93 -11.45 29.56
C VAL A 1358 1.93 -10.32 29.37
N GLN A 1359 1.51 -9.71 30.48
CA GLN A 1359 0.48 -8.65 30.36
C GLN A 1359 1.04 -7.23 30.54
N TRP A 1360 1.12 -6.48 29.45
CA TRP A 1360 1.67 -5.10 29.48
C TRP A 1360 0.58 -4.12 29.90
N LYS A 1361 0.97 -3.00 30.51
CA LYS A 1361 -0.01 -1.99 31.00
C LYS A 1361 -0.57 -1.22 29.79
N ILE A 1362 -1.63 -1.76 29.19
CA ILE A 1362 -2.22 -1.07 28.00
C ILE A 1362 -3.16 0.00 28.53
N PHE A 1363 -2.83 1.26 28.24
CA PHE A 1363 -3.71 2.32 28.72
C PHE A 1363 -4.65 2.70 27.59
N THR A 1364 -5.88 2.20 27.66
CA THR A 1364 -6.91 2.51 26.68
C THR A 1364 -7.94 3.41 27.32
N PRO A 1365 -8.14 4.62 26.84
CA PRO A 1365 -9.05 5.57 27.49
C PRO A 1365 -10.50 5.20 27.22
N LYS A 1366 -11.40 5.90 27.91
CA LYS A 1366 -12.82 5.72 27.69
C LYS A 1366 -13.26 6.43 26.41
N SER A 1367 -14.31 5.90 25.79
CA SER A 1367 -14.77 6.44 24.52
C SER A 1367 -15.31 7.85 24.69
N GLU A 1368 -14.97 8.71 23.73
CA GLU A 1368 -15.43 10.10 23.72
C GLU A 1368 -16.42 10.31 22.56
N PHE A 1369 -17.33 9.36 22.38
CA PHE A 1369 -18.28 9.38 21.28
C PHE A 1369 -19.71 9.39 21.79
N GLU A 1370 -20.62 9.83 20.92
CA GLU A 1370 -21.99 10.15 21.29
C GLU A 1370 -22.75 8.96 21.86
N PHE A 1371 -22.59 7.79 21.25
CA PHE A 1371 -23.39 6.61 21.57
C PHE A 1371 -22.62 5.61 22.42
N ALA A 1372 -21.77 6.10 23.31
CA ALA A 1372 -21.08 5.25 24.27
C ALA A 1372 -21.64 5.35 25.68
N ASP A 1373 -22.34 6.43 26.01
CA ASP A 1373 -22.97 6.60 27.31
C ASP A 1373 -24.46 6.30 27.29
N MET A 1374 -24.98 5.80 26.16
CA MET A 1374 -26.40 5.48 26.10
C MET A 1374 -26.77 4.38 27.09
N TYR A 1375 -25.93 3.35 27.19
CA TYR A 1375 -26.11 2.28 28.15
C TYR A 1375 -24.93 2.27 29.12
N THR A 1376 -25.22 2.22 30.41
CA THR A 1376 -24.16 2.23 31.41
C THR A 1376 -23.28 1.00 31.28
N SER A 1377 -21.99 1.17 31.57
CA SER A 1377 -21.02 0.10 31.33
C SER A 1377 -21.35 -1.14 32.14
N LYS A 1378 -21.97 -0.97 33.31
CA LYS A 1378 -22.41 -2.13 34.08
C LYS A 1378 -23.45 -2.94 33.31
N PHE A 1379 -24.40 -2.24 32.68
CA PHE A 1379 -25.40 -2.94 31.88
C PHE A 1379 -24.75 -3.70 30.74
N LEU A 1380 -23.75 -3.09 30.09
CA LEU A 1380 -22.98 -3.82 29.08
C LEU A 1380 -22.31 -5.04 29.69
N GLU A 1381 -21.84 -4.93 30.93
CA GLU A 1381 -21.16 -6.06 31.56
C GLU A 1381 -22.11 -7.25 31.76
N LEU A 1382 -23.27 -6.97 32.33
CA LEU A 1382 -24.29 -8.03 32.57
C LEU A 1382 -24.75 -8.59 31.22
N TRP A 1383 -24.95 -7.71 30.22
CA TRP A 1383 -25.43 -8.15 28.91
C TRP A 1383 -24.42 -9.04 28.22
N SER A 1384 -23.13 -8.70 28.31
CA SER A 1384 -22.10 -9.54 27.72
C SER A 1384 -21.95 -10.87 28.46
N SER A 1385 -22.09 -10.84 29.79
CA SER A 1385 -21.94 -12.08 30.55
C SER A 1385 -23.11 -13.02 30.33
N GLN A 1386 -24.29 -12.48 30.01
CA GLN A 1386 -25.45 -13.32 29.74
C GLN A 1386 -25.49 -13.79 28.29
N HIS A 1387 -25.44 -12.86 27.34
CA HIS A 1387 -25.50 -13.17 25.92
C HIS A 1387 -24.09 -13.46 25.41
N VAL A 1388 -23.56 -14.61 25.83
CA VAL A 1388 -22.20 -14.99 25.46
C VAL A 1388 -22.13 -15.42 23.99
N THR A 1389 -23.28 -15.67 23.36
CA THR A 1389 -23.27 -16.04 21.95
C THR A 1389 -22.88 -14.86 21.06
N TYR A 1390 -23.19 -13.64 21.51
CA TYR A 1390 -23.00 -12.47 20.66
C TYR A 1390 -21.55 -12.01 20.61
N ASP A 1391 -20.66 -12.63 21.39
CA ASP A 1391 -19.23 -12.33 21.28
C ASP A 1391 -18.69 -12.92 19.98
N TYR A 1392 -19.49 -13.73 19.30
CA TYR A 1392 -19.03 -14.38 18.07
C TYR A 1392 -19.94 -14.15 16.87
N ILE A 1393 -21.19 -13.73 17.06
CA ILE A 1393 -22.10 -13.45 15.96
C ILE A 1393 -22.76 -12.09 16.21
N ILE A 1394 -22.83 -11.28 15.16
CA ILE A 1394 -23.47 -9.97 15.28
C ILE A 1394 -24.97 -10.16 15.47
N PRO A 1395 -25.59 -9.57 16.49
CA PRO A 1395 -27.04 -9.71 16.65
C PRO A 1395 -27.79 -9.17 15.45
N LYS A 1396 -28.88 -9.85 15.10
CA LYS A 1396 -29.71 -9.46 13.97
C LYS A 1396 -30.98 -8.73 14.40
N GLY A 1397 -31.11 -8.40 15.68
CA GLY A 1397 -32.26 -7.66 16.18
C GLY A 1397 -31.83 -6.31 16.69
N ARG A 1398 -32.63 -5.28 16.39
CA ARG A 1398 -32.26 -3.93 16.74
C ARG A 1398 -32.12 -3.76 18.25
N ASP A 1399 -33.01 -4.39 19.02
CA ASP A 1399 -32.93 -4.29 20.48
C ASP A 1399 -31.59 -4.80 20.99
N ASN A 1400 -31.13 -5.94 20.55
CA ASN A 1400 -29.82 -6.39 21.03
C ASN A 1400 -28.75 -5.68 20.23
N LEU A 1401 -28.95 -5.41 18.94
CA LEU A 1401 -27.86 -4.85 18.15
C LEU A 1401 -27.46 -3.48 18.68
N LEU A 1402 -28.40 -2.71 19.22
CA LEU A 1402 -28.05 -1.44 19.85
C LEU A 1402 -27.08 -1.66 21.00
N ILE A 1403 -27.37 -2.64 21.86
CA ILE A 1403 -26.49 -2.93 22.99
C ILE A 1403 -25.16 -3.49 22.50
N TYR A 1404 -25.19 -4.35 21.49
CA TYR A 1404 -23.95 -4.91 20.95
C TYR A 1404 -23.06 -3.81 20.38
N LEU A 1405 -23.65 -2.85 19.67
CA LEU A 1405 -22.88 -1.78 19.07
C LEU A 1405 -22.39 -0.78 20.09
N VAL A 1406 -23.19 -0.52 21.14
CA VAL A 1406 -22.70 0.31 22.24
C VAL A 1406 -21.53 -0.37 22.93
N ARG A 1407 -21.60 -1.70 23.09
CA ARG A 1407 -20.48 -2.45 23.63
C ARG A 1407 -19.26 -2.35 22.72
N LYS A 1408 -19.47 -2.42 21.40
CA LYS A 1408 -18.36 -2.30 20.47
C LYS A 1408 -17.69 -0.94 20.58
N LEU A 1409 -18.49 0.12 20.71
CA LEU A 1409 -17.92 1.46 20.88
C LEU A 1409 -17.07 1.55 22.13
N ASN A 1410 -17.38 0.75 23.16
CA ASN A 1410 -16.66 0.77 24.42
C ASN A 1410 -15.52 -0.26 24.48
N ASP A 1411 -15.34 -1.04 23.42
CA ASP A 1411 -14.22 -1.98 23.38
C ASP A 1411 -12.91 -1.19 23.36
N PRO A 1412 -11.96 -1.50 24.24
CA PRO A 1412 -10.70 -0.72 24.24
C PRO A 1412 -9.98 -0.70 22.90
N SER A 1413 -9.96 -1.82 22.17
CA SER A 1413 -9.35 -1.82 20.86
C SER A 1413 -10.09 -0.92 19.89
N ILE A 1414 -11.43 -0.93 19.95
CA ILE A 1414 -12.22 -0.05 19.10
C ILE A 1414 -11.99 1.40 19.48
N VAL A 1415 -11.94 1.70 20.77
CA VAL A 1415 -11.70 3.07 21.22
C VAL A 1415 -10.35 3.55 20.71
N THR A 1416 -9.32 2.71 20.82
CA THR A 1416 -8.00 3.07 20.30
C THR A 1416 -8.05 3.36 18.80
N ALA A 1417 -8.84 2.58 18.05
CA ALA A 1417 -8.89 2.68 16.60
C ALA A 1417 -9.59 3.94 16.10
N MET A 1418 -10.23 4.71 16.99
CA MET A 1418 -10.98 5.89 16.58
C MET A 1418 -10.67 7.09 17.47
N THR A 1419 -9.40 7.25 17.85
CA THR A 1419 -8.96 8.39 18.64
C THR A 1419 -7.99 9.31 17.92
N MET A 1420 -7.68 9.05 16.65
CA MET A 1420 -6.84 9.91 15.82
C MET A 1420 -5.46 10.12 16.45
N GLN A 1421 -4.75 9.02 16.68
CA GLN A 1421 -3.41 9.06 17.33
C GLN A 1421 -2.32 9.52 16.36
N SER A 1422 -1.03 9.44 16.71
CA SER A 1422 0.04 9.75 15.72
C SER A 1422 1.15 8.73 15.77
N PRO A 1423 1.91 8.54 14.68
CA PRO A 1423 2.93 7.53 14.63
C PRO A 1423 4.09 7.71 15.61
N LEU A 1424 4.31 8.91 16.15
CA LEU A 1424 5.32 9.14 17.20
C LEU A 1424 4.71 8.65 18.49
N GLN A 1425 3.55 9.12 18.93
CA GLN A 1425 3.03 8.66 20.23
C GLN A 1425 3.05 7.14 20.25
N LEU A 1426 2.84 6.48 19.13
CA LEU A 1426 2.94 5.01 19.07
C LEU A 1426 4.38 4.56 19.31
N ARG A 1427 5.33 5.21 18.66
CA ARG A 1427 6.74 4.86 18.87
C ARG A 1427 7.16 5.11 20.31
N PHE A 1428 6.69 6.22 20.88
CA PHE A 1428 7.00 6.50 22.28
C PHE A 1428 6.40 5.43 23.20
N ARG A 1429 5.19 4.96 22.88
CA ARG A 1429 4.57 3.91 23.69
C ARG A 1429 5.35 2.60 23.60
N MET A 1430 5.82 2.25 22.41
CA MET A 1430 6.67 1.06 22.31
C MET A 1430 7.96 1.23 23.10
N GLN A 1431 8.57 2.42 23.02
CA GLN A 1431 9.83 2.64 23.73
C GLN A 1431 9.64 2.74 25.24
N ALA A 1432 8.44 3.10 25.71
CA ALA A 1432 8.17 3.15 27.13
C ALA A 1432 8.31 1.79 27.80
N LYS A 1433 8.21 0.72 27.03
CA LYS A 1433 8.37 -0.64 27.54
C LYS A 1433 9.83 -1.05 27.65
N GLN A 1434 10.73 -0.07 27.69
CA GLN A 1434 12.15 -0.28 27.92
C GLN A 1434 12.51 -0.11 29.39
N HIS A 1435 12.04 0.98 30.02
CA HIS A 1435 12.46 1.33 31.36
C HIS A 1435 11.32 1.57 32.34
N MET A 1436 10.12 1.65 31.76
CA MET A 1436 8.98 2.08 32.58
C MET A 1436 8.18 0.89 33.08
N LYS A 1437 7.42 1.10 34.16
CA LYS A 1437 6.66 0.01 34.81
C LYS A 1437 5.46 -0.35 33.95
N VAL A 1438 5.70 -1.16 32.93
CA VAL A 1438 4.63 -1.45 31.97
C VAL A 1438 4.31 -2.93 31.99
N CYS A 1439 4.89 -3.74 32.85
CA CYS A 1439 4.57 -5.20 32.77
C CYS A 1439 3.80 -5.63 34.02
N ARG A 1440 2.84 -6.56 33.90
CA ARG A 1440 2.13 -7.09 35.09
C ARG A 1440 2.84 -8.31 35.67
N LEU A 1441 3.44 -8.14 36.83
CA LEU A 1441 4.02 -9.28 37.51
C LEU A 1441 3.36 -9.42 38.87
N ASP A 1442 2.98 -10.66 39.21
CA ASP A 1442 2.20 -10.92 40.42
C ASP A 1442 0.96 -10.05 40.44
N GLY A 1443 0.88 -9.11 41.38
CA GLY A 1443 -0.25 -8.21 41.44
C GLY A 1443 0.15 -6.76 41.31
N GLU A 1444 1.31 -6.49 40.72
CA GLU A 1444 1.80 -5.12 40.61
C GLU A 1444 2.49 -4.91 39.28
N TRP A 1445 2.60 -3.65 38.89
CA TRP A 1445 3.22 -3.26 37.63
C TRP A 1445 4.72 -3.07 37.85
N VAL A 1446 5.53 -3.85 37.12
CA VAL A 1446 6.98 -3.76 37.17
C VAL A 1446 7.51 -3.63 35.76
N THR A 1447 8.77 -3.20 35.66
CA THR A 1447 9.43 -3.08 34.38
C THR A 1447 9.74 -4.47 33.82
N PHE A 1448 10.03 -4.51 32.51
CA PHE A 1448 10.45 -5.75 31.89
C PHE A 1448 11.75 -6.28 32.50
N ARG A 1449 12.56 -5.39 33.07
CA ARG A 1449 13.72 -5.85 33.82
C ARG A 1449 13.31 -6.76 34.96
N GLU A 1450 12.35 -6.32 35.76
CA GLU A 1450 11.92 -7.11 36.91
C GLU A 1450 11.17 -8.36 36.49
N VAL A 1451 10.41 -8.29 35.39
CA VAL A 1451 9.74 -9.49 34.88
C VAL A 1451 10.77 -10.52 34.43
N LEU A 1452 11.82 -10.07 33.73
CA LEU A 1452 12.87 -10.99 33.31
C LEU A 1452 13.61 -11.56 34.51
N ALA A 1453 13.85 -10.74 35.54
CA ALA A 1453 14.50 -11.25 36.75
C ALA A 1453 13.63 -12.27 37.47
N ALA A 1454 12.33 -12.02 37.54
CA ALA A 1454 11.42 -12.97 38.15
C ALA A 1454 11.36 -14.27 37.36
N ALA A 1455 11.36 -14.16 36.03
CA ALA A 1455 11.40 -15.36 35.19
C ALA A 1455 12.68 -16.14 35.43
N ASN A 1456 13.81 -15.45 35.56
CA ASN A 1456 15.07 -16.12 35.84
C ASN A 1456 15.03 -16.84 37.18
N SER A 1457 14.50 -16.17 38.21
CA SER A 1457 14.40 -16.81 39.52
C SER A 1457 13.49 -18.03 39.48
N PHE A 1458 12.34 -17.91 38.82
CA PHE A 1458 11.40 -19.02 38.74
C PHE A 1458 12.00 -20.20 38.00
N ALA A 1459 12.64 -19.94 36.86
CA ALA A 1459 13.22 -21.03 36.08
C ALA A 1459 14.47 -21.60 36.74
N GLU A 1460 15.13 -20.84 37.62
CA GLU A 1460 16.16 -21.42 38.46
C GLU A 1460 15.56 -22.34 39.51
N ASN A 1461 14.44 -21.94 40.11
CA ASN A 1461 13.80 -22.72 41.16
C ASN A 1461 12.77 -23.71 40.62
N TYR A 1462 12.62 -23.82 39.30
CA TYR A 1462 11.61 -24.70 38.74
C TYR A 1462 11.99 -26.16 38.94
N SER A 1463 10.99 -26.98 39.26
CA SER A 1463 11.15 -28.42 39.41
C SER A 1463 10.05 -29.12 38.62
N ALA A 1464 10.43 -30.21 37.95
CA ALA A 1464 9.47 -30.95 37.13
C ALA A 1464 8.49 -31.70 38.03
N THR A 1465 7.19 -31.42 37.85
CA THR A 1465 6.15 -32.05 38.64
C THR A 1465 5.59 -33.31 37.99
N SER A 1466 5.99 -33.61 36.75
CA SER A 1466 5.55 -34.77 35.99
C SER A 1466 4.10 -34.61 35.52
N GLN A 1467 3.44 -33.54 35.98
CA GLN A 1467 2.15 -33.12 35.48
C GLN A 1467 2.24 -31.90 34.59
N ASP A 1468 3.14 -30.96 34.94
CA ASP A 1468 3.48 -29.90 34.02
C ASP A 1468 4.09 -30.45 32.73
N MET A 1469 4.81 -31.57 32.83
CA MET A 1469 5.27 -32.25 31.62
C MET A 1469 4.09 -32.74 30.79
N ASP A 1470 3.05 -33.25 31.46
CA ASP A 1470 1.83 -33.65 30.75
C ASP A 1470 1.19 -32.46 30.06
N LEU A 1471 1.20 -31.29 30.73
CA LEU A 1471 0.73 -30.08 30.09
C LEU A 1471 1.57 -29.74 28.87
N PHE A 1472 2.88 -29.88 28.98
CA PHE A 1472 3.78 -29.57 27.88
C PHE A 1472 3.53 -30.47 26.68
N GLN A 1473 3.23 -31.75 26.93
CA GLN A 1473 3.01 -32.68 25.83
C GLN A 1473 1.80 -32.30 24.99
N THR A 1474 0.73 -31.86 25.64
CA THR A 1474 -0.46 -31.42 24.89
C THR A 1474 -0.15 -30.21 24.03
N LEU A 1475 0.58 -29.24 24.59
CA LEU A 1475 0.92 -28.01 23.87
C LEU A 1475 2.18 -28.22 23.05
N THR A 1476 2.18 -29.23 22.19
CA THR A 1476 3.36 -29.55 21.39
C THR A 1476 2.98 -30.36 20.15
CA TRP A 1486 4.33 -27.56 9.97
C TRP A 1486 5.85 -27.42 9.94
N LYS A 1487 6.51 -27.92 10.97
CA LYS A 1487 7.97 -27.85 11.07
C LYS A 1487 8.65 -29.18 10.79
N ASP A 1488 7.89 -30.23 10.50
CA ASP A 1488 8.50 -31.52 10.22
C ASP A 1488 9.33 -31.49 8.95
N PHE A 1489 8.83 -30.85 7.89
CA PHE A 1489 9.55 -30.80 6.63
C PHE A 1489 10.81 -29.95 6.74
N LEU A 1490 10.73 -28.83 7.47
CA LEU A 1490 11.87 -27.92 7.56
C LEU A 1490 13.03 -28.56 8.31
N ASN A 1491 12.75 -29.31 9.36
CA ASN A 1491 13.80 -29.97 10.14
C ASN A 1491 14.30 -31.25 9.50
N GLY A 1492 13.64 -31.72 8.43
CA GLY A 1492 14.07 -32.93 7.76
C GLY A 1492 14.36 -32.72 6.29
N ILE A 1493 14.99 -31.60 5.95
CA ILE A 1493 15.30 -31.26 4.58
C ILE A 1493 16.78 -30.92 4.47
N HIS A 1494 17.38 -31.13 3.29
CA HIS A 1494 18.81 -30.81 3.07
C HIS A 1494 19.02 -30.47 1.58
N CYS A 1495 20.04 -29.69 1.24
CA CYS A 1495 20.22 -29.23 -0.16
C CYS A 1495 21.68 -29.27 -0.60
N ASP A 1496 21.93 -29.52 -1.89
CA ASP A 1496 23.33 -29.65 -2.39
C ASP A 1496 23.64 -28.59 -3.43
N VAL A 1497 24.69 -27.81 -3.19
CA VAL A 1497 25.01 -26.66 -4.08
C VAL A 1497 25.82 -27.14 -5.29
N ILE A 1498 25.17 -27.30 -6.43
CA ILE A 1498 25.86 -27.75 -7.67
C ILE A 1498 26.74 -26.60 -8.19
N PRO A 1499 27.99 -26.85 -8.68
CA PRO A 1499 28.81 -25.77 -9.27
C PRO A 1499 28.35 -25.35 -10.64
N THR A 1500 27.12 -24.85 -10.73
CA THR A 1500 26.54 -24.39 -11.99
C THR A 1500 25.71 -23.15 -11.71
N LYS A 1501 25.80 -22.17 -12.62
CA LYS A 1501 25.04 -20.94 -12.46
C LYS A 1501 23.54 -21.23 -12.50
N GLN A 1502 22.80 -20.63 -11.57
CA GLN A 1502 21.37 -20.85 -11.49
C GLN A 1502 20.67 -20.35 -12.75
N VAL A 1503 19.76 -21.16 -13.26
CA VAL A 1503 18.97 -20.80 -14.43
C VAL A 1503 17.73 -20.04 -13.98
N GLN A 1504 17.35 -19.03 -14.75
CA GLN A 1504 16.16 -18.24 -14.49
C GLN A 1504 15.22 -18.34 -15.68
N ARG A 1505 13.92 -18.48 -15.40
CA ARG A 1505 12.92 -18.67 -16.44
C ARG A 1505 11.68 -17.87 -16.09
N ALA A 1506 10.59 -18.16 -16.78
CA ALA A 1506 9.34 -17.45 -16.55
C ALA A 1506 8.82 -17.73 -15.14
N LYS A 1507 8.29 -16.70 -14.50
CA LYS A 1507 7.74 -16.79 -13.16
C LYS A 1507 6.22 -16.70 -13.23
N VAL A 1508 5.54 -17.59 -12.52
CA VAL A 1508 4.09 -17.66 -12.48
C VAL A 1508 3.62 -17.58 -11.04
N ALA A 1509 2.31 -17.47 -10.87
CA ALA A 1509 1.69 -17.40 -9.55
C ALA A 1509 0.88 -18.67 -9.31
N ARG A 1510 1.08 -19.29 -8.15
CA ARG A 1510 0.42 -20.54 -7.80
C ARG A 1510 -0.16 -20.46 -6.40
N THR A 1511 -1.24 -21.20 -6.17
CA THR A 1511 -1.86 -21.22 -4.86
C THR A 1511 -1.03 -22.04 -3.87
N PHE A 1512 -1.28 -21.83 -2.59
CA PHE A 1512 -0.48 -22.43 -1.52
C PHE A 1512 -1.42 -22.71 -0.35
N THR A 1513 -1.73 -23.98 -0.14
CA THR A 1513 -2.61 -24.40 0.96
C THR A 1513 -1.74 -24.74 2.17
N VAL A 1514 -1.35 -23.70 2.91
CA VAL A 1514 -0.47 -23.89 4.05
C VAL A 1514 -1.15 -24.71 5.14
N ARG A 1515 -2.41 -24.40 5.45
CA ARG A 1515 -3.14 -25.03 6.54
C ARG A 1515 -4.50 -25.50 6.06
N GLU A 1516 -4.96 -26.62 6.60
CA GLU A 1516 -6.27 -27.16 6.24
C GLU A 1516 -7.29 -26.87 7.33
N SER A 1524 -20.01 -22.21 9.91
CA SER A 1524 -18.83 -21.32 9.70
C SER A 1524 -17.93 -21.38 10.92
N ILE A 1525 -16.66 -21.06 10.73
CA ILE A 1525 -15.72 -21.23 11.87
C ILE A 1525 -16.10 -20.29 13.03
N PRO A 1526 -16.64 -19.05 12.83
CA PRO A 1526 -16.88 -18.22 14.01
C PRO A 1526 -18.34 -18.16 14.48
N ALA A 1527 -19.22 -19.01 13.94
CA ALA A 1527 -20.64 -18.97 14.28
C ALA A 1527 -21.12 -20.18 15.06
N VAL A 1528 -20.44 -21.32 14.94
CA VAL A 1528 -20.85 -22.50 15.69
C VAL A 1528 -20.69 -22.26 17.18
N ILE A 1529 -19.66 -21.50 17.57
CA ILE A 1529 -19.48 -21.14 18.98
C ILE A 1529 -20.68 -20.34 19.46
N GLY A 1530 -21.23 -19.47 18.61
CA GLY A 1530 -22.44 -18.77 18.98
C GLY A 1530 -23.61 -19.70 19.23
N TYR A 1531 -23.72 -20.76 18.42
CA TYR A 1531 -24.76 -21.76 18.66
C TYR A 1531 -24.50 -22.52 19.96
N LYS A 1532 -23.24 -22.68 20.34
CA LYS A 1532 -22.93 -23.35 21.59
C LYS A 1532 -23.50 -22.59 22.79
N PHE A 1533 -23.39 -21.26 22.78
CA PHE A 1533 -23.92 -20.44 23.86
C PHE A 1533 -25.33 -19.93 23.59
N ALA A 1534 -25.94 -20.34 22.48
CA ALA A 1534 -27.29 -19.88 22.14
C ALA A 1534 -28.29 -20.45 23.14
N VAL A 1535 -28.85 -19.58 23.99
CA VAL A 1535 -29.76 -20.01 25.05
C VAL A 1535 -31.15 -19.42 24.82
N THR A 1536 -31.20 -18.22 24.25
CA THR A 1536 -32.45 -17.49 24.10
C THR A 1536 -33.03 -17.70 22.70
N VAL A 1537 -34.33 -17.47 22.57
CA VAL A 1537 -35.00 -17.59 21.28
C VAL A 1537 -34.40 -16.61 20.28
N GLU A 1538 -34.19 -15.36 20.71
CA GLU A 1538 -33.58 -14.37 19.82
C GLU A 1538 -32.15 -14.76 19.45
N GLU A 1539 -31.38 -15.25 20.43
CA GLU A 1539 -30.02 -15.69 20.13
C GLU A 1539 -30.04 -16.87 19.16
N MET A 1540 -30.99 -17.79 19.33
CA MET A 1540 -31.10 -18.92 18.42
C MET A 1540 -31.42 -18.44 17.01
N SER A 1541 -32.37 -17.51 16.88
CA SER A 1541 -32.71 -16.99 15.56
C SER A 1541 -31.51 -16.31 14.91
N ASP A 1542 -30.77 -15.51 15.71
CA ASP A 1542 -29.60 -14.83 15.19
C ASP A 1542 -28.53 -15.82 14.74
N VAL A 1543 -28.32 -16.90 15.49
CA VAL A 1543 -27.28 -17.84 15.12
C VAL A 1543 -27.68 -18.65 13.88
N LEU A 1544 -28.96 -18.96 13.71
CA LEU A 1544 -29.37 -19.61 12.46
C LEU A 1544 -29.27 -18.64 11.28
N ASP A 1545 -29.57 -17.36 11.50
CA ASP A 1545 -29.42 -16.38 10.43
C ASP A 1545 -27.96 -16.24 10.02
N THR A 1546 -27.06 -16.19 11.00
CA THR A 1546 -25.64 -15.97 10.71
C THR A 1546 -25.01 -17.20 10.06
N ALA A 1547 -25.40 -18.39 10.50
CA ALA A 1547 -24.82 -19.61 9.97
C ALA A 1547 -25.15 -19.79 8.50
N LYS A 1548 -24.14 -20.15 7.70
CA LYS A 1548 -24.38 -20.41 6.29
C LYS A 1548 -25.31 -21.60 6.10
N PHE A 1549 -25.11 -22.66 6.86
CA PHE A 1549 -25.93 -23.87 6.80
C PHE A 1549 -26.41 -24.19 8.21
N PRO A 1550 -27.49 -23.54 8.65
CA PRO A 1550 -27.95 -23.75 10.04
C PRO A 1550 -28.43 -25.16 10.33
N ASP A 1551 -28.69 -25.97 9.30
CA ASP A 1551 -29.21 -27.31 9.53
C ASP A 1551 -28.20 -28.19 10.25
N SER A 1552 -26.92 -28.10 9.87
CA SER A 1552 -25.88 -28.98 10.39
C SER A 1552 -25.05 -28.33 11.50
N LEU A 1553 -25.63 -27.35 12.20
CA LEU A 1553 -24.90 -26.63 13.25
C LEU A 1553 -24.26 -27.59 14.24
N SER A 1554 -25.08 -28.39 14.92
CA SER A 1554 -24.55 -29.37 15.87
C SER A 1554 -23.56 -30.30 15.21
N VAL A 1555 -23.76 -30.62 13.93
CA VAL A 1555 -22.82 -31.48 13.22
C VAL A 1555 -21.42 -30.88 13.24
N ASP A 1556 -21.31 -29.57 13.06
CA ASP A 1556 -19.96 -28.95 13.16
C ASP A 1556 -19.61 -28.68 14.64
N LEU A 1557 -20.60 -28.62 15.55
CA LEU A 1557 -20.28 -28.49 16.97
C LEU A 1557 -19.66 -29.77 17.50
N LYS A 1558 -20.19 -30.93 17.09
CA LYS A 1558 -19.61 -32.20 17.51
C LYS A 1558 -18.18 -32.34 17.02
N THR A 1559 -17.84 -31.71 15.90
CA THR A 1559 -16.44 -31.72 15.46
C THR A 1559 -15.57 -30.89 16.41
N MET A 1560 -16.11 -29.79 16.92
CA MET A 1560 -15.39 -29.01 17.91
C MET A 1560 -15.22 -29.79 19.21
N LYS A 1561 -16.26 -30.51 19.63
CA LYS A 1561 -16.14 -31.36 20.81
C LYS A 1561 -15.09 -32.45 20.60
N ASP A 1562 -15.12 -33.11 19.44
CA ASP A 1562 -14.19 -34.20 19.19
C ASP A 1562 -12.79 -33.68 18.87
N GLY A 1563 -12.70 -32.60 18.10
CA GLY A 1563 -11.38 -32.08 17.74
C GLY A 1563 -10.58 -31.61 18.93
N VAL A 1564 -11.23 -30.84 19.82
CA VAL A 1564 -10.55 -30.39 21.03
C VAL A 1564 -10.19 -31.57 21.92
N TYR A 1565 -11.12 -32.51 22.09
CA TYR A 1565 -10.85 -33.68 22.92
C TYR A 1565 -9.75 -34.54 22.31
N ARG A 1566 -9.63 -34.54 20.98
CA ARG A 1566 -8.56 -35.30 20.34
C ARG A 1566 -7.22 -34.61 20.52
N GLU A 1567 -7.18 -33.28 20.39
CA GLU A 1567 -5.93 -32.54 20.44
C GLU A 1567 -5.58 -32.10 21.87
N LEU A 1568 -6.47 -31.33 22.50
CA LEU A 1568 -6.21 -30.79 23.82
C LEU A 1568 -6.97 -31.48 24.94
N GLY A 1569 -7.98 -32.28 24.63
CA GLY A 1569 -8.71 -33.00 25.65
C GLY A 1569 -9.44 -32.11 26.64
N LEU A 1570 -10.05 -31.02 26.16
CA LEU A 1570 -10.73 -30.06 26.99
C LEU A 1570 -12.23 -30.14 26.77
N ASP A 1571 -13.00 -29.96 27.84
CA ASP A 1571 -14.46 -29.96 27.77
C ASP A 1571 -14.92 -28.56 27.38
N ILE A 1572 -15.14 -28.36 26.08
CA ILE A 1572 -15.57 -27.06 25.58
C ILE A 1572 -17.00 -26.71 25.96
N SER A 1573 -17.75 -27.67 26.51
CA SER A 1573 -19.11 -27.39 26.96
C SER A 1573 -19.14 -26.36 28.09
N LEU A 1574 -18.03 -26.20 28.81
CA LEU A 1574 -17.94 -25.18 29.84
C LEU A 1574 -17.85 -23.79 29.18
N PRO A 1575 -18.45 -22.77 29.81
CA PRO A 1575 -18.44 -21.44 29.18
C PRO A 1575 -17.05 -20.85 29.04
N ASP A 1576 -16.28 -20.78 30.13
CA ASP A 1576 -14.97 -20.13 30.09
C ASP A 1576 -13.99 -20.90 29.22
N VAL A 1577 -14.10 -22.23 29.17
CA VAL A 1577 -13.17 -23.02 28.36
C VAL A 1577 -13.36 -22.72 26.88
N MET A 1578 -14.61 -22.65 26.43
CA MET A 1578 -14.87 -22.45 25.01
C MET A 1578 -14.38 -21.08 24.53
N LYS A 1579 -14.48 -20.07 25.40
CA LYS A 1579 -14.04 -18.73 25.00
C LYS A 1579 -12.54 -18.68 24.73
N ARG A 1580 -11.76 -19.47 25.45
CA ARG A 1580 -10.31 -19.46 25.25
C ARG A 1580 -9.89 -20.20 23.99
N ILE A 1581 -10.61 -21.27 23.61
CA ILE A 1581 -10.25 -22.02 22.42
C ILE A 1581 -10.71 -21.36 21.13
N ALA A 1582 -11.59 -20.36 21.21
CA ALA A 1582 -12.03 -19.66 20.01
C ALA A 1582 -10.88 -18.97 19.28
N PRO A 1583 -10.01 -18.20 19.93
CA PRO A 1583 -8.90 -17.57 19.17
C PRO A 1583 -8.01 -18.56 18.45
N MET A 1584 -7.69 -19.70 19.06
CA MET A 1584 -6.83 -20.68 18.40
C MET A 1584 -7.57 -21.47 17.33
N LEU A 1585 -8.89 -21.64 17.48
CA LEU A 1585 -9.67 -22.29 16.45
C LEU A 1585 -9.67 -21.49 15.16
N TYR A 1586 -9.79 -20.17 15.27
CA TYR A 1586 -9.93 -19.33 14.08
C TYR A 1586 -8.70 -19.42 13.18
N LYS A 1587 -7.51 -19.41 13.78
CA LYS A 1587 -6.27 -19.52 13.03
C LYS A 1587 -6.06 -20.94 12.53
N SER A 1591 -5.83 -20.02 2.10
CA SER A 1591 -4.79 -20.38 1.16
C SER A 1591 -4.16 -19.15 0.53
N ARG A 1592 -2.82 -19.05 0.61
CA ARG A 1592 -2.15 -17.85 0.05
C ARG A 1592 -1.82 -18.09 -1.42
N VAL A 1593 -1.22 -17.10 -2.08
CA VAL A 1593 -0.93 -17.18 -3.54
C VAL A 1593 0.51 -16.75 -3.71
N VAL A 1594 1.37 -17.60 -4.25
CA VAL A 1594 2.83 -17.24 -4.28
C VAL A 1594 3.38 -17.20 -5.70
N ILE A 1595 4.46 -16.47 -5.92
CA ILE A 1595 5.14 -16.38 -7.25
C ILE A 1595 6.32 -17.32 -7.27
N VAL A 1596 6.23 -18.34 -8.10
CA VAL A 1596 7.25 -19.40 -8.18
C VAL A 1596 7.80 -19.40 -9.60
N GLN A 1597 8.61 -20.38 -9.94
CA GLN A 1597 9.02 -20.55 -11.33
C GLN A 1597 8.03 -21.44 -12.07
N GLY A 1598 8.19 -21.49 -13.39
CA GLY A 1598 7.26 -22.24 -14.22
C GLY A 1598 7.27 -23.74 -13.94
N ASN A 1599 8.46 -24.28 -13.64
CA ASN A 1599 8.57 -25.71 -13.40
C ASN A 1599 7.87 -26.13 -12.11
N VAL A 1600 7.62 -25.19 -11.20
CA VAL A 1600 7.11 -25.53 -9.89
C VAL A 1600 5.63 -25.91 -9.98
N GLU A 1601 5.24 -26.91 -9.20
CA GLU A 1601 3.88 -27.40 -9.17
C GLU A 1601 3.05 -26.63 -8.14
N GLY A 1602 1.73 -26.67 -8.32
CA GLY A 1602 0.82 -25.94 -7.46
C GLY A 1602 0.36 -26.72 -6.24
N THR A 1603 1.30 -27.18 -5.42
CA THR A 1603 0.99 -27.87 -4.19
C THR A 1603 1.84 -27.27 -3.07
N ALA A 1604 1.45 -27.59 -1.83
CA ALA A 1604 2.08 -26.95 -0.67
C ALA A 1604 3.56 -27.26 -0.58
N GLU A 1605 3.93 -28.52 -0.80
CA GLU A 1605 5.33 -28.90 -0.65
C GLU A 1605 6.21 -28.46 -1.81
N ALA A 1606 5.63 -28.33 -3.01
CA ALA A 1606 6.42 -27.87 -4.16
C ALA A 1606 6.89 -26.43 -3.98
N ILE A 1607 6.05 -25.60 -3.37
CA ILE A 1607 6.44 -24.20 -3.13
C ILE A 1607 7.60 -24.13 -2.14
N CYS A 1608 7.55 -24.93 -1.08
CA CYS A 1608 8.65 -24.97 -0.12
C CYS A 1608 9.92 -25.53 -0.78
N ARG A 1609 9.77 -26.53 -1.66
CA ARG A 1609 10.92 -27.04 -2.39
C ARG A 1609 11.53 -25.96 -3.27
N TYR A 1610 10.69 -25.16 -3.92
CA TYR A 1610 11.20 -24.05 -4.73
C TYR A 1610 11.91 -23.01 -3.87
N TRP A 1611 11.36 -22.72 -2.69
CA TRP A 1611 12.01 -21.77 -1.80
C TRP A 1611 13.37 -22.28 -1.36
N LEU A 1612 13.46 -23.58 -1.05
CA LEU A 1612 14.76 -24.16 -0.73
C LEU A 1612 15.71 -24.09 -1.91
N LYS A 1613 15.21 -24.31 -3.12
CA LYS A 1613 16.05 -24.21 -4.31
C LYS A 1613 16.50 -22.78 -4.56
N SER A 1614 15.72 -21.80 -4.08
CA SER A 1614 16.01 -20.39 -4.30
C SER A 1614 16.73 -19.74 -3.13
N MET A 1615 17.19 -20.53 -2.15
CA MET A 1615 17.96 -19.97 -1.06
C MET A 1615 19.21 -19.27 -1.57
N SER A 1616 19.92 -19.91 -2.50
CA SER A 1616 21.01 -19.26 -3.19
C SER A 1616 20.48 -18.43 -4.35
N LEU A 1617 21.35 -17.56 -4.89
CA LEU A 1617 20.93 -16.63 -5.99
C LEU A 1617 21.75 -16.84 -7.29
N VAL A 1618 23.07 -16.92 -7.22
CA VAL A 1618 23.85 -17.22 -8.45
C VAL A 1618 24.20 -18.71 -8.47
N LYS A 1619 23.84 -19.49 -7.43
CA LYS A 1619 24.28 -20.93 -7.37
C LYS A 1619 23.09 -21.89 -7.51
N THR A 1620 23.32 -23.15 -7.91
CA THR A 1620 22.22 -24.14 -8.14
C THR A 1620 22.00 -25.05 -6.94
N ILE A 1621 20.76 -25.47 -6.69
CA ILE A 1621 20.36 -26.33 -5.60
C ILE A 1621 19.42 -27.40 -6.13
N ARG A 1622 19.72 -28.66 -5.83
CA ARG A 1622 18.88 -29.77 -6.25
C ARG A 1622 18.03 -30.27 -5.09
#